data_7KI4
#
_entry.id   7KI4
#
loop_
_entity.id
_entity.type
_entity.pdbx_description
1 polymer 'Fusion glycoprotein F0'
2 polymer '12B2 Fab light chain'
3 polymer '12B2 heavy chain'
4 branched 2-acetamido-2-deoxy-beta-D-glucopyranose-(1-4)-2-acetamido-2-deoxy-beta-D-glucopyranose
5 branched beta-D-mannopyranose-(1-4)-2-acetamido-2-deoxy-beta-D-glucopyranose-(1-4)-2-acetamido-2-deoxy-beta-D-glucopyranose
6 branched alpha-D-mannopyranose-(1-3)-[alpha-D-mannopyranose-(1-6)]beta-D-mannopyranose-(1-4)-2-acetamido-2-deoxy-beta-D-glucopyranose-(1-4)-[alpha-L-fucopyranose-(1-6)]2-acetamido-2-deoxy-beta-D-glucopyranose
#
loop_
_entity_poly.entity_id
_entity_poly.type
_entity_poly.pdbx_seq_one_letter_code
_entity_poly.pdbx_strand_id
1 'polypeptide(L)'
;MVVILDKRCYCNLLILILMISECSVGILHYEKLSKIGLVKGVTRKYKIKSNPLTKDIVIKMIPNVSNMSQCTGSVMENYK
TRLNGILTPIKGALEIYKNNTHDLVGDVRLAGVIMAGVAIGIATAAQITAGVALYEAMKNADNINKLKSSIESTNEAVVK
LQETAEKTVYVLTALQDYINTNLVPTIDKISCKQTELSLDLALSKYLSDLLFVFGPNLQDPVSNSMTIQAISQAFGGNYE
TLLRTLGYATEDFDDLLESDSITGQIIYVDLSSYYIIVRVYFPILTEIQQAYIQELLPVSFNNDDSEWISIVPNFILVRN
TLISNIEIGFCLITKRSVICNQDYATPMTNNMRECLTGSTEKCPRELVVSSHVPRFALSNGVLFANCISVTCQCQTTGRA
ISQSGEQTLLMIDNTTCPTAVLGNVIISLGKYLGSVNYNSEGIAIGPPVFTDKVDISSQISSMNQSLQQSKDYIKEAQRL
LDTVNPSMKQIEDKIEEILSKIYHIENEIARIKKLIGEAPGGIEGRKLKETAAAKFERQHMDS
;
A,B,E
2 'polypeptide(L)'
;DIQMTQSPASLSASVGETVTITCRASENIYSYLAWYQHKQGKSPQLLVYNAKSLAEGVPSRFSGSGSGTQFSLKINSLQP
EDFGSYYCQHHYGTPWTFGGGTKLEIKRADAAPTVSIFPPSSEQLTSGGASVVCFLNNFYPKDINVKWKIDGSERQNGVL
NSWTDQDSKDSTYSMSSTLTLTKDEYERHNSYTCEATHKTSTSPIVKSFNRNEC
;
L,C,F
3 'polypeptide(L)'
;QVQLKESGPGLVAPSQSLSITCTVSGFSLASYGVHWVRQPPGKGLEWLGVIWTGGSTNYNSALMSRLSINRDNSKSQVFL
KLNSLQTDDTAIYYCARDRGYGYGGFAYWGQGTLVTVSAAKTTPPSVYPLAPGSAAQTNSMVTLGCLVKGYFPEPVTVTW
NSGSLSSGVHTFPAVLQSDLYTLSSSVTVPSSTWPSETVTCNVAHPASSTKVDKKIVPRDCGCKPCICTVPEVSSVFIFP
PKPKDVLTITLTPKVTCVVVDISKDDPEVQFSWFVDDVEVHTAQTQPREEQFNSTFRSVSELPIMHQDWLNGKEFKCRVN
SAAFPAPIEKTISKTKGRPKAPQVYTIPPPKEQMAKDKVSLTCMITDFFPEDITVEWQWNGQPAENYKNTQPIMDTDGSY
FVYSKLNVQKSNWEAGNTFTCSVLHEGLHNHHTEKSLSHSPGK
;
H,D,G
#
loop_
_chem_comp.id
_chem_comp.type
_chem_comp.name
_chem_comp.formula
BMA D-saccharide, beta linking beta-D-mannopyranose 'C6 H12 O6'
FUC L-saccharide, alpha linking alpha-L-fucopyranose 'C6 H12 O5'
MAN D-saccharide, alpha linking alpha-D-mannopyranose 'C6 H12 O6'
NAG D-saccharide, beta linking 2-acetamido-2-deoxy-beta-D-glucopyranose 'C8 H15 N O6'
#
# COMPACT_ATOMS: atom_id res chain seq x y z
N ILE A 27 11.44 35.38 -27.73
CA ILE A 27 11.27 34.93 -29.12
C ILE A 27 9.79 34.86 -29.54
N LEU A 28 8.89 34.66 -28.55
CA LEU A 28 7.44 34.55 -28.75
C LEU A 28 6.81 35.94 -28.73
N HIS A 29 5.81 36.17 -29.57
CA HIS A 29 5.16 37.46 -29.60
C HIS A 29 4.10 37.52 -28.52
N TYR A 30 4.54 37.82 -27.31
CA TYR A 30 3.66 37.71 -26.15
C TYR A 30 2.50 38.68 -26.17
N GLU A 31 2.67 39.85 -26.79
CA GLU A 31 1.57 40.79 -26.82
C GLU A 31 0.42 40.31 -27.70
N LYS A 32 0.72 39.83 -28.90
CA LYS A 32 -0.34 39.30 -29.74
C LYS A 32 -0.93 38.01 -29.17
N LEU A 33 -0.12 37.21 -28.48
CA LEU A 33 -0.61 35.98 -27.88
C LEU A 33 -1.57 36.24 -26.72
N SER A 34 -1.29 37.23 -25.88
CA SER A 34 -2.18 37.50 -24.75
C SER A 34 -3.54 37.96 -25.24
N LYS A 35 -3.57 38.62 -26.40
CA LYS A 35 -4.83 39.08 -27.00
C LYS A 35 -5.74 37.95 -27.44
N ILE A 36 -5.21 36.74 -27.56
CA ILE A 36 -6.02 35.61 -28.01
C ILE A 36 -6.13 34.57 -26.90
N GLY A 37 -5.95 35.01 -25.66
CA GLY A 37 -6.14 34.11 -24.53
C GLY A 37 -4.91 33.35 -24.08
N LEU A 38 -3.72 33.75 -24.53
CA LEU A 38 -2.52 33.05 -24.12
C LEU A 38 -1.57 34.01 -23.41
N VAL A 39 -1.80 34.18 -22.11
CA VAL A 39 -1.09 35.18 -21.32
C VAL A 39 0.28 34.66 -20.89
N LYS A 40 1.32 35.46 -21.05
CA LYS A 40 2.65 34.99 -20.67
C LYS A 40 2.65 34.56 -19.21
N GLY A 41 3.08 33.32 -18.95
CA GLY A 41 3.19 32.79 -17.60
C GLY A 41 4.65 32.72 -17.14
N VAL A 42 4.93 31.71 -16.33
CA VAL A 42 6.25 31.54 -15.72
C VAL A 42 7.30 30.99 -16.68
N THR A 43 8.49 31.60 -16.66
CA THR A 43 9.61 31.13 -17.47
C THR A 43 10.44 30.19 -16.60
N ARG A 44 10.74 29.00 -17.10
CA ARG A 44 11.52 28.02 -16.34
C ARG A 44 12.74 27.50 -17.12
N LYS A 45 13.79 27.13 -16.40
CA LYS A 45 14.99 26.56 -17.05
C LYS A 45 14.76 25.11 -17.50
N TYR A 46 15.39 24.72 -18.60
CA TYR A 46 15.29 23.34 -19.07
C TYR A 46 16.49 22.53 -18.55
N LYS A 47 16.22 21.49 -17.73
CA LYS A 47 17.29 20.67 -17.15
C LYS A 47 17.11 19.18 -17.44
N ILE A 48 18.22 18.50 -17.74
CA ILE A 48 18.19 17.06 -18.02
C ILE A 48 19.27 16.30 -17.25
N LYS A 49 18.89 15.15 -16.68
CA LYS A 49 19.80 14.26 -15.95
C LYS A 49 20.95 13.73 -16.80
N SER A 50 22.18 13.82 -16.29
CA SER A 50 23.34 13.29 -17.00
C SER A 50 24.50 12.89 -16.07
N ASN A 51 25.46 12.14 -16.62
CA ASN A 51 26.71 11.80 -15.91
C ASN A 51 26.53 11.26 -14.49
N PRO A 52 25.81 10.14 -14.29
CA PRO A 52 25.52 9.53 -13.00
C PRO A 52 26.70 8.86 -12.33
N LEU A 53 26.63 8.87 -11.00
CA LEU A 53 27.55 8.13 -10.17
C LEU A 53 26.86 6.83 -9.82
N THR A 54 27.62 5.76 -9.57
CA THR A 54 26.97 4.51 -9.27
C THR A 54 27.42 3.85 -7.98
N LYS A 55 26.45 3.20 -7.33
CA LYS A 55 26.70 2.37 -6.16
C LYS A 55 25.91 1.08 -6.27
N ASP A 56 26.49 -0.01 -5.76
CA ASP A 56 25.80 -1.30 -5.78
C ASP A 56 25.17 -1.62 -4.44
N ILE A 57 23.93 -2.10 -4.46
CA ILE A 57 23.25 -2.50 -3.24
C ILE A 57 22.69 -3.92 -3.40
N VAL A 58 22.70 -4.69 -2.32
CA VAL A 58 22.18 -6.04 -2.35
C VAL A 58 20.79 -6.11 -1.75
N ILE A 59 19.83 -6.63 -2.50
CA ILE A 59 18.48 -6.76 -1.97
C ILE A 59 18.12 -8.24 -1.87
N LYS A 60 17.95 -8.71 -0.65
CA LYS A 60 17.60 -10.09 -0.39
C LYS A 60 16.09 -10.20 -0.26
N MET A 61 15.48 -11.02 -1.11
CA MET A 61 14.03 -11.10 -1.15
C MET A 61 13.49 -12.16 -0.20
N ILE A 62 14.38 -12.92 0.41
CA ILE A 62 13.95 -13.97 1.32
C ILE A 62 14.35 -13.59 2.75
N PRO A 63 13.42 -13.55 3.70
CA PRO A 63 13.65 -13.21 5.08
C PRO A 63 14.40 -14.29 5.83
N ASN A 64 15.06 -13.89 6.90
CA ASN A 64 15.79 -14.78 7.78
C ASN A 64 14.91 -15.18 8.96
N VAL A 65 14.50 -16.45 8.96
CA VAL A 65 13.58 -16.97 9.96
C VAL A 65 14.26 -18.02 10.84
N SER A 66 15.58 -17.91 10.96
CA SER A 66 16.37 -18.85 11.75
C SER A 66 15.94 -18.96 13.23
N ASN A 67 15.49 -17.85 13.84
CA ASN A 67 15.11 -17.81 15.25
C ASN A 67 13.61 -18.04 15.50
N MET A 68 12.91 -18.60 14.48
CA MET A 68 11.54 -19.07 14.57
C MET A 68 11.42 -20.30 13.69
N SER A 69 12.53 -21.05 13.56
CA SER A 69 12.64 -22.18 12.62
C SER A 69 11.68 -23.32 12.89
N GLN A 70 11.15 -23.40 14.10
CA GLN A 70 10.18 -24.45 14.41
C GLN A 70 8.73 -24.09 14.01
N CYS A 71 8.49 -22.80 13.65
CA CYS A 71 7.17 -22.25 13.36
C CYS A 71 7.08 -21.73 11.91
N THR A 72 7.76 -22.40 10.95
CA THR A 72 7.72 -22.06 9.53
C THR A 72 7.02 -23.13 8.72
N GLY A 73 6.93 -24.35 9.25
CA GLY A 73 6.31 -25.43 8.52
C GLY A 73 7.01 -25.62 7.19
N SER A 74 6.23 -25.66 6.12
CA SER A 74 6.72 -25.81 4.76
C SER A 74 6.60 -24.49 4.01
N VAL A 75 6.33 -23.43 4.76
CA VAL A 75 6.09 -22.11 4.19
C VAL A 75 7.31 -21.59 3.44
N MET A 76 8.49 -21.74 4.02
CA MET A 76 9.69 -21.25 3.37
C MET A 76 10.01 -22.07 2.13
N GLU A 77 9.65 -23.36 2.15
CA GLU A 77 9.92 -24.20 1.00
C GLU A 77 9.06 -23.79 -0.19
N ASN A 78 7.79 -23.48 0.10
CA ASN A 78 6.86 -23.04 -0.93
C ASN A 78 7.25 -21.66 -1.42
N TYR A 79 7.76 -20.84 -0.50
CA TYR A 79 8.19 -19.49 -0.83
C TYR A 79 9.37 -19.51 -1.78
N LYS A 80 10.38 -20.32 -1.45
CA LYS A 80 11.58 -20.41 -2.29
C LYS A 80 11.22 -20.87 -3.69
N THR A 81 10.31 -21.83 -3.80
CA THR A 81 9.91 -22.33 -5.12
C THR A 81 9.19 -21.25 -5.91
N ARG A 82 8.25 -20.56 -5.27
CA ARG A 82 7.47 -19.53 -5.94
C ARG A 82 8.37 -18.38 -6.38
N LEU A 83 9.29 -17.98 -5.50
CA LEU A 83 10.21 -16.89 -5.77
C LEU A 83 11.19 -17.25 -6.88
N ASN A 84 11.66 -18.50 -6.90
CA ASN A 84 12.56 -18.93 -7.97
C ASN A 84 11.87 -18.75 -9.33
N GLY A 85 10.56 -18.97 -9.38
CA GLY A 85 9.79 -18.83 -10.60
C GLY A 85 9.65 -17.37 -11.06
N ILE A 86 10.00 -16.43 -10.19
CA ILE A 86 9.93 -15.00 -10.49
C ILE A 86 11.30 -14.51 -10.92
N LEU A 87 12.34 -14.94 -10.20
CA LEU A 87 13.70 -14.53 -10.47
C LEU A 87 14.41 -15.26 -11.61
N THR A 88 14.06 -16.52 -11.86
CA THR A 88 14.78 -17.28 -12.89
C THR A 88 14.74 -16.60 -14.27
N PRO A 89 13.59 -16.11 -14.78
CA PRO A 89 13.46 -15.41 -16.04
C PRO A 89 14.28 -14.12 -16.10
N ILE A 90 14.63 -13.57 -14.94
CA ILE A 90 15.42 -12.35 -14.90
C ILE A 90 16.85 -12.74 -15.09
N LYS A 91 17.29 -13.75 -14.35
CA LYS A 91 18.66 -14.21 -14.47
C LYS A 91 18.92 -14.62 -15.90
N GLY A 92 17.97 -15.33 -16.52
CA GLY A 92 18.10 -15.80 -17.89
C GLY A 92 18.28 -14.63 -18.86
N ALA A 93 17.44 -13.60 -18.72
CA ALA A 93 17.52 -12.42 -19.57
C ALA A 93 18.88 -11.74 -19.44
N LEU A 94 19.44 -11.75 -18.22
CA LEU A 94 20.73 -11.11 -18.00
C LEU A 94 21.85 -11.98 -18.57
N GLU A 95 21.71 -13.30 -18.46
CA GLU A 95 22.71 -14.25 -18.97
C GLU A 95 22.89 -14.10 -20.47
N ILE A 96 21.82 -13.78 -21.19
CA ILE A 96 21.93 -13.62 -22.64
C ILE A 96 22.99 -12.57 -22.98
N TYR A 97 23.01 -11.47 -22.24
CA TYR A 97 24.05 -10.48 -22.49
C TYR A 97 25.37 -10.85 -21.83
N LYS A 98 25.33 -11.35 -20.59
CA LYS A 98 26.57 -11.64 -19.87
C LYS A 98 27.46 -12.68 -20.55
N ASN A 99 26.84 -13.77 -21.05
CA ASN A 99 27.51 -14.90 -21.69
C ASN A 99 28.12 -14.52 -23.05
N ASN A 100 27.67 -13.38 -23.63
CA ASN A 100 28.06 -12.93 -24.96
C ASN A 100 28.83 -11.62 -24.89
N THR A 101 29.32 -11.26 -23.71
CA THR A 101 30.12 -10.05 -23.61
C THR A 101 31.48 -10.39 -23.03
N HIS A 102 32.53 -9.91 -23.67
CA HIS A 102 33.90 -10.23 -23.29
C HIS A 102 34.81 -9.00 -23.31
N ASP A 103 35.92 -9.09 -22.60
CA ASP A 103 36.95 -8.05 -22.71
C ASP A 103 37.50 -8.08 -24.14
N LEU A 104 37.80 -6.91 -24.71
CA LEU A 104 38.37 -6.78 -26.06
C LEU A 104 39.74 -7.46 -26.15
N GLY A 112 36.94 -0.98 -23.61
CA GLY A 112 37.26 -2.08 -24.51
C GLY A 112 36.43 -3.32 -24.19
N VAL A 113 35.11 -3.24 -24.45
CA VAL A 113 34.15 -4.33 -24.25
C VAL A 113 33.52 -4.72 -25.58
N ILE A 114 33.64 -6.00 -25.92
CA ILE A 114 33.12 -6.50 -27.19
C ILE A 114 31.96 -7.48 -27.00
N MET A 115 30.89 -7.23 -27.75
CA MET A 115 29.67 -8.03 -27.66
C MET A 115 29.47 -8.94 -28.87
N ALA A 116 28.98 -10.16 -28.64
CA ALA A 116 28.72 -11.07 -29.74
C ALA A 116 27.37 -10.74 -30.38
N GLY A 117 27.38 -9.81 -31.31
CA GLY A 117 26.15 -9.33 -31.93
C GLY A 117 25.36 -10.46 -32.56
N VAL A 118 26.06 -11.46 -33.07
CA VAL A 118 25.39 -12.60 -33.70
C VAL A 118 24.60 -13.39 -32.67
N ALA A 119 25.22 -13.63 -31.51
CA ALA A 119 24.60 -14.40 -30.44
C ALA A 119 23.44 -13.64 -29.79
N ILE A 120 23.57 -12.33 -29.67
CA ILE A 120 22.49 -11.51 -29.11
C ILE A 120 21.34 -11.54 -30.10
N GLY A 121 21.69 -11.42 -31.37
CA GLY A 121 20.75 -11.50 -32.47
C GLY A 121 19.98 -10.22 -32.67
N ILE A 122 19.05 -9.96 -31.76
CA ILE A 122 18.19 -8.78 -31.85
C ILE A 122 18.28 -7.93 -30.59
N ALA A 123 18.55 -6.64 -30.76
CA ALA A 123 18.61 -5.71 -29.63
C ALA A 123 18.40 -4.27 -30.07
N THR A 124 17.91 -3.46 -29.14
CA THR A 124 17.77 -2.03 -29.36
C THR A 124 19.04 -1.34 -28.91
N ALA A 125 19.22 -0.07 -29.29
CA ALA A 125 20.42 0.66 -28.87
C ALA A 125 20.51 0.73 -27.35
N ALA A 126 19.37 0.90 -26.69
CA ALA A 126 19.35 1.02 -25.23
C ALA A 126 19.81 -0.27 -24.56
N GLN A 127 19.37 -1.39 -25.10
CA GLN A 127 19.76 -2.70 -24.58
C GLN A 127 21.25 -2.94 -24.77
N ILE A 128 21.76 -2.54 -25.94
CA ILE A 128 23.15 -2.77 -26.30
C ILE A 128 24.08 -2.01 -25.37
N THR A 129 23.81 -0.72 -25.14
CA THR A 129 24.68 0.05 -24.27
C THR A 129 24.51 -0.42 -22.83
N ALA A 130 23.29 -0.84 -22.47
CA ALA A 130 23.02 -1.37 -21.16
C ALA A 130 23.72 -2.70 -20.96
N GLY A 131 23.83 -3.50 -22.04
CA GLY A 131 24.50 -4.79 -21.99
C GLY A 131 25.96 -4.62 -21.60
N VAL A 132 26.58 -3.55 -22.09
CA VAL A 132 27.95 -3.25 -21.71
C VAL A 132 28.01 -2.82 -20.25
N ALA A 133 27.08 -1.96 -19.84
CA ALA A 133 27.05 -1.51 -18.44
C ALA A 133 26.88 -2.71 -17.51
N LEU A 134 26.07 -3.67 -17.94
CA LEU A 134 25.83 -4.89 -17.17
C LEU A 134 27.12 -5.67 -17.02
N TYR A 135 27.82 -5.87 -18.13
CA TYR A 135 29.08 -6.59 -18.14
C TYR A 135 30.11 -5.94 -17.24
N GLU A 136 30.29 -4.62 -17.37
CA GLU A 136 31.27 -3.93 -16.55
C GLU A 136 30.90 -4.02 -15.07
N ALA A 137 29.60 -3.90 -14.78
CA ALA A 137 29.10 -3.98 -13.43
C ALA A 137 29.39 -5.33 -12.79
N MET A 138 29.41 -6.39 -13.60
CA MET A 138 29.69 -7.74 -13.10
C MET A 138 31.00 -7.79 -12.34
N LYS A 139 31.97 -6.98 -12.76
CA LYS A 139 33.28 -7.03 -12.15
C LYS A 139 33.22 -6.65 -10.68
N ASN A 140 32.28 -5.78 -10.28
CA ASN A 140 32.15 -5.47 -8.86
C ASN A 140 31.20 -6.46 -8.21
N ALA A 141 30.23 -6.97 -8.96
CA ALA A 141 29.29 -7.95 -8.40
C ALA A 141 30.07 -9.15 -7.89
N ASP A 142 31.15 -9.49 -8.60
CA ASP A 142 32.04 -10.59 -8.23
C ASP A 142 32.74 -10.34 -6.89
N ASN A 143 32.86 -9.08 -6.49
CA ASN A 143 33.50 -8.74 -5.22
C ASN A 143 32.46 -8.86 -4.11
N ILE A 144 31.25 -8.42 -4.43
CA ILE A 144 30.12 -8.45 -3.51
C ILE A 144 29.81 -9.90 -3.14
N ASN A 145 29.88 -10.77 -4.13
CA ASN A 145 29.58 -12.18 -3.98
C ASN A 145 30.57 -12.90 -3.07
N LYS A 146 31.70 -12.26 -2.74
CA LYS A 146 32.67 -12.87 -1.83
C LYS A 146 32.12 -12.85 -0.41
N LEU A 147 31.07 -12.05 -0.22
CA LEU A 147 30.38 -11.93 1.05
C LEU A 147 29.07 -12.70 1.03
N LYS A 148 28.91 -13.62 0.07
CA LYS A 148 27.67 -14.36 -0.06
C LYS A 148 27.19 -14.92 1.28
N SER A 149 28.11 -15.44 2.10
CA SER A 149 27.73 -16.01 3.38
C SER A 149 27.26 -14.94 4.38
N SER A 150 27.74 -13.71 4.23
CA SER A 150 27.35 -12.61 5.12
C SER A 150 25.98 -12.11 4.68
N ILE A 151 25.72 -12.19 3.38
CA ILE A 151 24.44 -11.79 2.81
C ILE A 151 23.36 -12.75 3.28
N GLU A 152 23.66 -14.06 3.22
CA GLU A 152 22.74 -15.10 3.68
C GLU A 152 22.49 -15.02 5.18
N SER A 153 23.55 -14.70 5.94
CA SER A 153 23.48 -14.62 7.39
C SER A 153 22.75 -13.38 7.90
N THR A 154 22.72 -12.32 7.10
CA THR A 154 22.02 -11.10 7.50
C THR A 154 20.64 -11.40 8.06
N ASN A 155 20.41 -10.90 9.27
CA ASN A 155 19.12 -11.04 9.95
C ASN A 155 18.51 -9.71 10.35
N GLU A 156 19.13 -8.61 9.93
CA GLU A 156 18.59 -7.28 10.17
C GLU A 156 18.04 -6.76 8.86
N ALA A 157 17.08 -5.85 8.93
CA ALA A 157 16.53 -5.30 7.71
C ALA A 157 17.61 -4.57 6.91
N VAL A 158 18.53 -3.91 7.61
CA VAL A 158 19.62 -3.21 6.92
C VAL A 158 20.97 -3.55 7.55
N VAL A 159 21.89 -4.08 6.74
CA VAL A 159 23.25 -4.38 7.21
C VAL A 159 24.34 -3.78 6.33
N LYS A 160 25.26 -3.08 6.95
CA LYS A 160 26.42 -2.52 6.27
C LYS A 160 27.58 -3.50 6.33
N LEU A 161 27.98 -4.03 5.18
CA LEU A 161 29.08 -4.99 5.17
C LEU A 161 30.34 -4.35 4.62
N GLN A 162 31.44 -4.55 5.35
CA GLN A 162 32.74 -4.03 4.97
C GLN A 162 33.52 -5.06 4.20
N GLU A 163 33.79 -4.81 2.92
CA GLU A 163 34.50 -5.78 2.10
C GLU A 163 36.01 -5.65 2.35
N THR A 164 36.50 -4.40 2.26
CA THR A 164 37.92 -4.12 2.44
C THR A 164 38.14 -2.78 3.13
N ALA A 165 37.11 -2.30 3.85
CA ALA A 165 37.08 -0.96 4.48
C ALA A 165 36.85 0.13 3.42
N GLU A 166 37.66 0.13 2.38
CA GLU A 166 37.52 1.08 1.28
C GLU A 166 36.24 0.77 0.50
N LYS A 167 35.91 -0.52 0.41
CA LYS A 167 34.71 -0.97 -0.28
C LYS A 167 33.65 -1.39 0.73
N THR A 168 32.47 -0.79 0.60
CA THR A 168 31.32 -1.09 1.47
C THR A 168 30.09 -1.41 0.62
N VAL A 169 29.38 -2.47 0.99
CA VAL A 169 28.14 -2.83 0.31
C VAL A 169 27.03 -2.99 1.35
N TYR A 170 25.84 -2.53 1.02
CA TYR A 170 24.72 -2.67 1.94
C TYR A 170 23.79 -3.79 1.53
N VAL A 171 23.26 -4.49 2.52
CA VAL A 171 22.28 -5.54 2.28
C VAL A 171 20.94 -5.16 2.91
N LEU A 172 19.90 -5.16 2.09
CA LEU A 172 18.53 -4.88 2.53
C LEU A 172 17.76 -6.19 2.52
N THR A 173 17.04 -6.51 3.59
CA THR A 173 16.30 -7.78 3.60
C THR A 173 14.78 -7.58 3.71
N ALA A 174 14.06 -8.17 2.76
CA ALA A 174 12.60 -8.07 2.72
C ALA A 174 11.95 -8.70 3.93
N LEU A 175 10.95 -8.00 4.48
CA LEU A 175 10.15 -8.46 5.61
C LEU A 175 10.94 -8.76 6.88
N GLN A 176 12.22 -8.40 6.92
CA GLN A 176 13.00 -8.75 8.09
C GLN A 176 12.55 -7.99 9.32
N ASP A 177 12.11 -6.75 9.14
CA ASP A 177 11.69 -5.93 10.27
C ASP A 177 10.38 -6.45 10.81
N TYR A 178 9.51 -6.85 9.88
CA TYR A 178 8.24 -7.43 10.23
C TYR A 178 8.44 -8.64 11.12
N ILE A 179 9.33 -9.53 10.70
CA ILE A 179 9.57 -10.77 11.42
C ILE A 179 10.23 -10.50 12.77
N ASN A 180 11.22 -9.61 12.80
CA ASN A 180 11.94 -9.32 14.04
C ASN A 180 11.05 -8.66 15.09
N THR A 181 9.99 -7.94 14.67
CA THR A 181 9.11 -7.27 15.62
C THR A 181 7.77 -7.98 15.84
N ASN A 182 7.25 -8.71 14.84
CA ASN A 182 5.92 -9.31 14.96
C ASN A 182 5.87 -10.84 15.06
N LEU A 183 6.95 -11.57 14.73
CA LEU A 183 6.87 -13.03 14.82
C LEU A 183 7.84 -13.58 15.86
N VAL A 184 9.08 -13.12 15.82
CA VAL A 184 10.08 -13.62 16.76
C VAL A 184 9.73 -13.30 18.23
N PRO A 185 9.35 -12.07 18.59
CA PRO A 185 9.03 -11.70 19.95
C PRO A 185 7.64 -12.13 20.36
N THR A 186 6.92 -12.84 19.48
CA THR A 186 5.57 -13.24 19.78
C THR A 186 5.52 -14.73 20.04
N ILE A 187 6.69 -15.35 20.23
CA ILE A 187 6.75 -16.78 20.47
C ILE A 187 5.81 -17.34 21.56
N ASP A 188 5.69 -16.68 22.71
CA ASP A 188 4.71 -17.12 23.71
C ASP A 188 3.51 -16.10 23.88
N LYS A 189 3.17 -15.50 22.75
CA LYS A 189 2.09 -14.51 22.72
C LYS A 189 1.04 -15.18 21.86
N ILE A 190 1.49 -15.77 20.77
CA ILE A 190 0.61 -16.45 19.84
C ILE A 190 1.10 -17.86 19.69
N SER A 191 0.26 -18.75 19.19
CA SER A 191 0.66 -20.13 19.01
C SER A 191 1.69 -20.22 17.89
N CYS A 192 2.43 -21.34 17.85
CA CYS A 192 3.44 -21.61 16.82
C CYS A 192 2.81 -21.70 15.41
N LYS A 193 1.63 -22.36 15.30
CA LYS A 193 0.91 -22.46 14.03
C LYS A 193 0.40 -21.09 13.58
N GLN A 194 -0.07 -20.26 14.52
CA GLN A 194 -0.54 -18.93 14.17
C GLN A 194 0.64 -18.10 13.64
N THR A 195 1.82 -18.31 14.23
CA THR A 195 3.02 -17.60 13.80
C THR A 195 3.35 -18.01 12.36
N GLU A 196 3.25 -19.31 12.08
CA GLU A 196 3.47 -19.85 10.73
C GLU A 196 2.52 -19.24 9.72
N LEU A 197 1.24 -19.13 10.09
CA LEU A 197 0.24 -18.57 9.19
C LEU A 197 0.54 -17.10 8.89
N SER A 198 0.97 -16.35 9.92
CA SER A 198 1.30 -14.95 9.74
C SER A 198 2.52 -14.79 8.84
N LEU A 199 3.49 -15.69 8.96
CA LEU A 199 4.67 -15.66 8.09
C LEU A 199 4.24 -15.91 6.64
N ASP A 200 3.39 -16.91 6.44
CA ASP A 200 2.95 -17.28 5.10
C ASP A 200 2.22 -16.12 4.43
N LEU A 201 1.36 -15.44 5.18
CA LEU A 201 0.63 -14.31 4.63
C LEU A 201 1.55 -13.12 4.35
N ALA A 202 2.53 -12.87 5.23
CA ALA A 202 3.46 -11.77 5.00
C ALA A 202 4.27 -12.00 3.73
N LEU A 203 4.66 -13.26 3.51
CA LEU A 203 5.43 -13.63 2.33
C LEU A 203 4.57 -13.53 1.08
N SER A 204 3.32 -13.96 1.17
CA SER A 204 2.41 -13.92 0.03
C SER A 204 2.08 -12.49 -0.35
N LYS A 205 1.88 -11.63 0.65
CA LYS A 205 1.59 -10.23 0.37
C LYS A 205 2.80 -9.58 -0.29
N TYR A 206 3.99 -9.91 0.20
CA TYR A 206 5.21 -9.39 -0.38
C TYR A 206 5.28 -9.74 -1.86
N LEU A 207 5.04 -11.02 -2.20
CA LEU A 207 5.10 -11.44 -3.59
C LEU A 207 4.01 -10.78 -4.41
N SER A 208 2.83 -10.59 -3.82
CA SER A 208 1.74 -9.97 -4.55
C SER A 208 2.15 -8.59 -5.08
N ASP A 209 2.91 -7.85 -4.27
CA ASP A 209 3.38 -6.55 -4.74
C ASP A 209 4.66 -6.67 -5.57
N LEU A 210 5.51 -7.64 -5.25
CA LEU A 210 6.78 -7.83 -5.95
C LEU A 210 6.54 -8.09 -7.44
N LEU A 211 5.49 -8.86 -7.72
CA LEU A 211 5.11 -9.28 -9.06
C LEU A 211 4.73 -8.15 -9.99
N PHE A 212 4.41 -6.97 -9.45
CA PHE A 212 4.03 -5.88 -10.34
C PHE A 212 5.28 -5.26 -10.98
N VAL A 213 6.45 -5.54 -10.40
CA VAL A 213 7.70 -4.98 -10.86
C VAL A 213 8.67 -6.03 -11.42
N PHE A 214 8.84 -7.13 -10.69
CA PHE A 214 9.83 -8.16 -11.03
C PHE A 214 9.18 -9.39 -11.67
N GLY A 215 7.90 -9.24 -12.01
CA GLY A 215 7.12 -10.31 -12.62
C GLY A 215 7.30 -10.25 -14.13
N PRO A 216 6.39 -10.90 -14.88
CA PRO A 216 6.36 -11.03 -16.35
C PRO A 216 6.44 -9.70 -17.09
N ASN A 217 6.08 -8.61 -16.41
CA ASN A 217 6.13 -7.28 -17.01
C ASN A 217 7.57 -6.83 -17.25
N LEU A 218 8.51 -7.41 -16.51
CA LEU A 218 9.91 -7.05 -16.64
C LEU A 218 10.56 -7.85 -17.74
N GLN A 219 10.13 -7.58 -18.97
CA GLN A 219 10.62 -8.26 -20.16
C GLN A 219 12.07 -7.88 -20.47
N ASP A 220 12.51 -6.78 -19.88
CA ASP A 220 13.84 -6.26 -20.09
C ASP A 220 14.46 -5.70 -18.81
N PRO A 221 15.17 -6.54 -18.03
CA PRO A 221 15.90 -6.21 -16.83
C PRO A 221 17.32 -5.73 -17.14
N VAL A 222 17.64 -5.60 -18.43
CA VAL A 222 18.98 -5.23 -18.85
C VAL A 222 19.05 -3.72 -18.96
N SER A 223 18.09 -3.12 -19.63
CA SER A 223 18.09 -1.68 -19.81
C SER A 223 18.08 -0.97 -18.45
N ASN A 224 18.96 0.02 -18.29
CA ASN A 224 19.08 0.75 -17.04
C ASN A 224 18.13 1.96 -17.10
N SER A 225 16.84 1.66 -17.04
CA SER A 225 15.80 2.68 -17.11
C SER A 225 14.72 2.40 -16.07
N MET A 226 14.99 1.44 -15.19
CA MET A 226 14.02 1.00 -14.19
C MET A 226 14.05 1.94 -12.99
N THR A 227 12.96 2.65 -12.74
CA THR A 227 12.95 3.67 -11.69
C THR A 227 13.15 3.05 -10.31
N ILE A 228 13.89 3.76 -9.46
CA ILE A 228 14.23 3.23 -8.15
C ILE A 228 13.00 2.97 -7.26
N GLN A 229 11.92 3.73 -7.45
CA GLN A 229 10.70 3.50 -6.67
C GLN A 229 10.05 2.16 -7.00
N ALA A 230 10.39 1.59 -8.17
CA ALA A 230 9.86 0.30 -8.57
C ALA A 230 10.76 -0.81 -8.02
N ILE A 231 12.06 -0.58 -8.08
CA ILE A 231 13.02 -1.56 -7.60
C ILE A 231 12.83 -1.79 -6.11
N SER A 232 12.55 -0.71 -5.40
CA SER A 232 12.39 -0.71 -3.95
C SER A 232 11.22 -1.56 -3.49
N GLN A 233 10.36 -2.01 -4.41
CA GLN A 233 9.25 -2.88 -4.03
C GLN A 233 9.81 -4.17 -3.46
N ALA A 234 11.03 -4.52 -3.88
CA ALA A 234 11.73 -5.69 -3.39
C ALA A 234 12.07 -5.55 -1.91
N PHE A 235 12.00 -4.32 -1.40
CA PHE A 235 12.25 -4.01 0.00
C PHE A 235 11.01 -3.32 0.60
N GLY A 236 9.83 -3.72 0.13
CA GLY A 236 8.56 -3.24 0.68
C GLY A 236 8.10 -1.91 0.12
N GLY A 237 8.83 -1.38 -0.86
CA GLY A 237 8.53 -0.09 -1.45
C GLY A 237 9.22 1.02 -0.68
N ASN A 238 10.07 0.64 0.26
CA ASN A 238 10.75 1.62 1.10
C ASN A 238 12.01 2.16 0.41
N TYR A 239 11.78 3.01 -0.59
CA TYR A 239 12.87 3.58 -1.37
C TYR A 239 13.61 4.64 -0.59
N GLU A 240 12.96 5.26 0.40
CA GLU A 240 13.64 6.27 1.19
C GLU A 240 14.77 5.62 2.00
N THR A 241 14.53 4.44 2.55
CA THR A 241 15.59 3.76 3.29
C THR A 241 16.71 3.38 2.35
N LEU A 242 16.36 2.82 1.19
CA LEU A 242 17.35 2.38 0.21
C LEU A 242 18.28 3.54 -0.15
N LEU A 243 17.70 4.69 -0.47
CA LEU A 243 18.49 5.82 -0.90
C LEU A 243 19.32 6.42 0.22
N ARG A 244 18.77 6.52 1.44
CA ARG A 244 19.56 7.07 2.54
C ARG A 244 20.76 6.17 2.81
N THR A 245 20.52 4.87 2.71
CA THR A 245 21.55 3.85 2.89
C THR A 245 22.73 4.09 1.97
N LEU A 246 22.45 4.51 0.73
CA LEU A 246 23.49 4.77 -0.26
C LEU A 246 24.11 6.17 -0.19
N GLY A 247 23.66 7.02 0.74
CA GLY A 247 24.24 8.34 0.94
C GLY A 247 23.75 9.44 0.00
N TYR A 248 23.98 9.24 -1.30
CA TYR A 248 23.61 10.14 -2.41
C TYR A 248 24.14 11.58 -2.27
N ALA A 249 23.82 12.42 -3.26
CA ALA A 249 24.20 13.84 -3.26
C ALA A 249 22.92 14.66 -3.11
N THR A 250 23.01 15.78 -2.39
CA THR A 250 21.82 16.54 -2.02
C THR A 250 21.56 17.81 -2.81
N GLU A 251 22.24 18.05 -3.91
CA GLU A 251 22.06 19.33 -4.60
C GLU A 251 20.60 19.54 -5.03
N ASP A 252 19.98 18.50 -5.57
CA ASP A 252 18.58 18.51 -6.00
C ASP A 252 18.02 17.10 -6.02
N PHE A 253 18.27 16.37 -4.93
CA PHE A 253 17.89 14.98 -4.73
C PHE A 253 16.40 14.71 -4.94
N ASP A 254 15.56 15.58 -4.40
CA ASP A 254 14.13 15.31 -4.44
C ASP A 254 13.58 15.51 -5.85
N ASP A 255 14.18 16.42 -6.61
CA ASP A 255 13.73 16.65 -7.99
C ASP A 255 14.13 15.46 -8.84
N LEU A 256 15.29 14.88 -8.55
CA LEU A 256 15.75 13.70 -9.27
C LEU A 256 14.80 12.53 -9.05
N LEU A 257 14.28 12.39 -7.84
CA LEU A 257 13.37 11.28 -7.60
C LEU A 257 12.02 11.43 -8.29
N GLU A 258 11.40 12.60 -8.21
CA GLU A 258 10.06 12.74 -8.79
C GLU A 258 10.09 12.70 -10.30
N SER A 259 11.18 13.13 -10.90
CA SER A 259 11.34 13.11 -12.34
C SER A 259 11.77 11.74 -12.87
N ASP A 260 11.96 10.77 -11.96
CA ASP A 260 12.43 9.42 -12.30
C ASP A 260 13.80 9.44 -12.97
N SER A 261 14.70 10.27 -12.45
CA SER A 261 16.07 10.33 -12.96
C SER A 261 16.94 9.29 -12.25
N ILE A 262 16.58 8.94 -11.01
CA ILE A 262 17.32 7.94 -10.26
C ILE A 262 16.72 6.58 -10.54
N THR A 263 17.54 5.74 -11.14
CA THR A 263 17.12 4.43 -11.63
C THR A 263 18.13 3.38 -11.23
N GLY A 264 17.79 2.12 -11.45
CA GLY A 264 18.76 1.09 -11.20
C GLY A 264 18.71 0.02 -12.29
N GLN A 265 19.69 -0.88 -12.22
CA GLN A 265 19.83 -1.98 -13.15
C GLN A 265 20.09 -3.26 -12.38
N ILE A 266 19.45 -4.36 -12.77
CA ILE A 266 19.73 -5.60 -12.06
C ILE A 266 20.98 -6.20 -12.64
N ILE A 267 22.00 -6.36 -11.82
CA ILE A 267 23.29 -6.83 -12.28
C ILE A 267 23.45 -8.32 -12.09
N TYR A 268 23.03 -8.81 -10.92
CA TYR A 268 23.21 -10.21 -10.59
C TYR A 268 22.04 -10.81 -9.85
N VAL A 269 21.66 -12.03 -10.24
CA VAL A 269 20.59 -12.74 -9.55
C VAL A 269 21.09 -14.07 -9.00
N ASP A 270 20.93 -14.27 -7.69
CA ASP A 270 21.33 -15.51 -7.06
C ASP A 270 20.11 -16.34 -6.70
N LEU A 271 19.89 -17.42 -7.44
CA LEU A 271 18.68 -18.23 -7.30
C LEU A 271 18.81 -19.30 -6.23
N SER A 272 19.96 -19.37 -5.57
CA SER A 272 20.14 -20.33 -4.48
C SER A 272 19.96 -19.61 -3.15
N SER A 273 20.31 -18.32 -3.15
CA SER A 273 20.23 -17.49 -1.95
C SER A 273 19.09 -16.48 -2.02
N TYR A 274 18.49 -16.34 -3.20
CA TYR A 274 17.35 -15.47 -3.44
C TYR A 274 17.58 -13.99 -3.16
N TYR A 275 18.71 -13.49 -3.66
CA TYR A 275 19.01 -12.07 -3.56
C TYR A 275 19.47 -11.54 -4.92
N ILE A 276 19.32 -10.24 -5.11
CA ILE A 276 19.81 -9.62 -6.33
C ILE A 276 20.75 -8.46 -6.03
N ILE A 277 21.64 -8.18 -6.96
CA ILE A 277 22.51 -7.02 -6.86
C ILE A 277 22.03 -5.97 -7.84
N VAL A 278 21.74 -4.79 -7.31
CA VAL A 278 21.24 -3.69 -8.11
C VAL A 278 22.19 -2.52 -8.13
N ARG A 279 22.49 -2.04 -9.32
CA ARG A 279 23.32 -0.86 -9.47
C ARG A 279 22.43 0.34 -9.54
N VAL A 280 22.61 1.28 -8.63
CA VAL A 280 21.77 2.46 -8.58
C VAL A 280 22.51 3.67 -9.13
N TYR A 281 21.90 4.29 -10.12
CA TYR A 281 22.46 5.42 -10.84
C TYR A 281 21.94 6.74 -10.27
N PHE A 282 22.87 7.64 -9.95
CA PHE A 282 22.56 8.95 -9.39
C PHE A 282 23.08 10.08 -10.27
N PRO A 283 22.32 10.52 -11.28
CA PRO A 283 22.65 11.53 -12.26
C PRO A 283 22.59 12.91 -11.66
N ILE A 284 23.25 13.84 -12.31
CA ILE A 284 23.24 15.23 -11.91
C ILE A 284 22.44 16.01 -12.92
N LEU A 285 21.50 16.80 -12.46
CA LEU A 285 20.72 17.57 -13.41
C LEU A 285 21.53 18.77 -13.86
N THR A 286 21.69 18.91 -15.17
CA THR A 286 22.47 20.04 -15.66
C THR A 286 21.57 20.98 -16.43
N GLU A 287 21.92 22.26 -16.40
CA GLU A 287 21.17 23.27 -17.10
C GLU A 287 21.63 23.37 -18.54
N ILE A 288 20.70 23.57 -19.44
CA ILE A 288 21.03 23.82 -20.82
C ILE A 288 21.13 25.32 -20.98
N GLN A 289 22.32 25.78 -21.34
CA GLN A 289 22.63 27.20 -21.29
C GLN A 289 21.73 28.05 -22.19
N GLN A 290 21.29 27.48 -23.30
CA GLN A 290 20.46 28.21 -24.23
C GLN A 290 19.03 27.72 -24.29
N ALA A 291 18.56 26.99 -23.27
CA ALA A 291 17.20 26.47 -23.36
C ALA A 291 16.32 26.78 -22.15
N TYR A 292 15.09 27.14 -22.45
CA TYR A 292 14.08 27.41 -21.44
C TYR A 292 12.69 27.00 -21.91
N ILE A 293 11.80 26.81 -20.96
CA ILE A 293 10.41 26.51 -21.26
C ILE A 293 9.49 27.62 -20.77
N GLN A 294 8.69 28.12 -21.67
CA GLN A 294 7.76 29.19 -21.33
C GLN A 294 6.35 28.66 -21.18
N GLU A 295 5.76 28.90 -20.02
CA GLU A 295 4.38 28.52 -19.81
C GLU A 295 3.44 29.64 -20.22
N LEU A 296 2.41 29.31 -20.96
CA LEU A 296 1.36 30.27 -21.29
C LEU A 296 0.16 29.95 -20.42
N LEU A 297 -0.60 30.95 -20.03
CA LEU A 297 -1.79 30.75 -19.20
C LEU A 297 -3.06 30.96 -20.03
N PRO A 298 -3.80 29.91 -20.38
CA PRO A 298 -5.02 29.96 -21.17
C PRO A 298 -6.10 30.80 -20.49
N VAL A 299 -6.67 31.72 -21.25
CA VAL A 299 -7.77 32.56 -20.79
C VAL A 299 -8.88 32.59 -21.85
N SER A 300 -10.10 32.30 -21.46
CA SER A 300 -11.20 32.34 -22.42
C SER A 300 -11.39 33.76 -22.90
N PHE A 301 -11.65 33.93 -24.19
CA PHE A 301 -11.83 35.27 -24.74
C PHE A 301 -13.08 35.38 -25.61
N ASN A 302 -13.55 36.61 -25.79
CA ASN A 302 -14.73 36.87 -26.60
C ASN A 302 -14.47 36.96 -28.09
N ASN A 303 -15.35 36.35 -28.86
CA ASN A 303 -15.39 36.48 -30.31
C ASN A 303 -16.84 36.29 -30.75
N ASP A 304 -17.32 37.15 -31.65
CA ASP A 304 -18.72 37.11 -32.04
C ASP A 304 -19.60 37.20 -30.79
N ASP A 305 -20.36 36.15 -30.49
CA ASP A 305 -21.25 36.16 -29.32
C ASP A 305 -21.04 34.93 -28.45
N SER A 306 -19.80 34.46 -28.38
CA SER A 306 -19.48 33.28 -27.57
C SER A 306 -18.05 33.29 -27.05
N GLU A 307 -17.77 32.41 -26.09
CA GLU A 307 -16.45 32.25 -25.52
C GLU A 307 -15.61 31.26 -26.31
N TRP A 308 -14.33 31.58 -26.51
CA TRP A 308 -13.38 30.74 -27.22
C TRP A 308 -12.07 30.56 -26.45
N ILE A 309 -11.40 29.43 -26.66
CA ILE A 309 -10.11 29.23 -26.02
C ILE A 309 -9.10 28.77 -27.09
N SER A 310 -7.96 29.45 -27.15
CA SER A 310 -6.96 29.10 -28.15
C SER A 310 -6.24 27.80 -27.84
N ILE A 311 -6.08 26.97 -28.87
CA ILE A 311 -5.41 25.68 -28.73
C ILE A 311 -3.97 25.78 -29.21
N VAL A 312 -3.12 26.17 -28.29
CA VAL A 312 -1.69 26.40 -28.52
C VAL A 312 -0.99 25.68 -27.37
N PRO A 313 0.20 25.08 -27.54
CA PRO A 313 0.89 24.36 -26.50
C PRO A 313 1.04 25.26 -25.28
N ASN A 314 0.77 24.70 -24.10
CA ASN A 314 0.87 25.45 -22.86
C ASN A 314 2.32 25.62 -22.47
N PHE A 315 3.13 24.63 -22.79
CA PHE A 315 4.55 24.68 -22.47
C PHE A 315 5.36 24.65 -23.75
N ILE A 316 6.01 25.76 -24.03
CA ILE A 316 6.78 25.91 -25.25
C ILE A 316 8.26 25.87 -24.98
N LEU A 317 8.97 25.02 -25.70
CA LEU A 317 10.39 24.88 -25.49
C LEU A 317 11.18 25.70 -26.50
N VAL A 318 12.04 26.56 -26.00
CA VAL A 318 12.86 27.38 -26.87
C VAL A 318 14.32 27.06 -26.66
N ARG A 319 15.00 26.68 -27.73
CA ARG A 319 16.41 26.35 -27.67
C ARG A 319 17.16 27.16 -28.72
N ASN A 320 18.04 28.05 -28.27
CA ASN A 320 18.69 28.98 -29.18
C ASN A 320 17.62 29.82 -29.87
N THR A 321 17.49 29.67 -31.19
CA THR A 321 16.51 30.43 -31.96
C THR A 321 15.36 29.57 -32.46
N LEU A 322 15.30 28.32 -32.01
CA LEU A 322 14.27 27.40 -32.44
C LEU A 322 13.13 27.21 -31.45
N ILE A 323 11.91 27.42 -31.92
CA ILE A 323 10.72 27.21 -31.12
C ILE A 323 10.19 25.81 -31.43
N SER A 324 10.05 24.98 -30.41
CA SER A 324 9.60 23.62 -30.58
C SER A 324 8.73 23.15 -29.42
N ASN A 325 8.22 21.93 -29.51
CA ASN A 325 7.35 21.37 -28.49
C ASN A 325 8.10 20.48 -27.51
N ILE A 326 7.39 19.97 -26.54
CA ILE A 326 7.96 19.07 -25.54
C ILE A 326 6.91 18.21 -24.88
N GLU A 327 7.24 16.94 -24.65
CA GLU A 327 6.32 16.07 -23.92
C GLU A 327 6.54 16.24 -22.42
N ILE A 328 6.16 17.41 -21.94
CA ILE A 328 6.40 17.83 -20.57
C ILE A 328 5.61 16.99 -19.57
N GLY A 329 4.63 16.23 -20.07
CA GLY A 329 3.81 15.36 -19.24
C GLY A 329 4.64 14.27 -18.57
N PHE A 330 5.87 14.08 -19.06
CA PHE A 330 6.80 13.11 -18.47
C PHE A 330 7.91 13.78 -17.62
N CYS A 331 7.80 15.09 -17.34
CA CYS A 331 8.80 15.88 -16.62
C CYS A 331 8.20 16.46 -15.33
N LEU A 332 9.08 16.79 -14.38
CA LEU A 332 8.73 17.44 -13.12
C LEU A 332 8.77 18.96 -13.26
N ILE A 333 7.69 19.61 -12.87
CA ILE A 333 7.64 21.07 -12.98
C ILE A 333 7.72 21.71 -11.61
N THR A 334 8.72 22.58 -11.43
CA THR A 334 8.93 23.27 -10.18
C THR A 334 8.84 24.77 -10.43
N LYS A 335 9.06 25.58 -9.42
CA LYS A 335 8.95 27.02 -9.57
C LYS A 335 10.03 27.61 -10.49
N ARG A 336 11.23 27.04 -10.48
CA ARG A 336 12.33 27.61 -11.24
C ARG A 336 12.72 26.83 -12.49
N SER A 337 12.40 25.53 -12.54
CA SER A 337 12.87 24.69 -13.64
C SER A 337 11.96 23.52 -13.97
N VAL A 338 12.16 22.97 -15.15
CA VAL A 338 11.51 21.75 -15.57
C VAL A 338 12.57 20.66 -15.61
N ILE A 339 12.36 19.62 -14.80
CA ILE A 339 13.34 18.56 -14.66
C ILE A 339 12.89 17.30 -15.40
N CYS A 340 13.66 16.90 -16.42
CA CYS A 340 13.36 15.74 -17.26
C CYS A 340 14.47 14.69 -17.08
N ASN A 341 14.09 13.41 -17.19
CA ASN A 341 15.03 12.29 -17.09
C ASN A 341 15.57 11.86 -18.46
N GLN A 342 15.24 12.65 -19.46
CA GLN A 342 15.70 12.50 -20.84
C GLN A 342 15.24 13.72 -21.61
N ASP A 343 15.69 13.85 -22.84
CA ASP A 343 15.25 14.95 -23.70
C ASP A 343 13.89 14.63 -24.33
N TYR A 344 12.87 15.42 -24.00
CA TYR A 344 11.51 15.20 -24.47
C TYR A 344 11.09 16.20 -25.55
N ALA A 345 12.06 16.90 -26.14
CA ALA A 345 11.73 17.88 -27.17
C ALA A 345 11.08 17.20 -28.38
N THR A 346 10.06 17.84 -28.95
CA THR A 346 9.41 17.31 -30.15
C THR A 346 9.22 18.43 -31.17
N PRO A 347 8.99 18.13 -32.45
CA PRO A 347 8.71 19.07 -33.52
C PRO A 347 7.44 19.86 -33.31
N MET A 348 7.41 21.00 -33.97
CA MET A 348 6.27 21.91 -34.01
C MET A 348 6.03 22.24 -35.48
N THR A 349 4.77 22.44 -35.86
CA THR A 349 4.47 22.76 -37.25
C THR A 349 4.87 24.19 -37.56
N ASN A 350 4.95 24.51 -38.86
CA ASN A 350 5.28 25.86 -39.26
C ASN A 350 4.13 26.81 -38.96
N ASN A 351 2.91 26.30 -39.00
CA ASN A 351 1.74 27.13 -38.75
C ASN A 351 1.65 27.51 -37.27
N MET A 352 2.06 26.59 -36.39
CA MET A 352 2.04 26.89 -34.97
C MET A 352 3.19 27.81 -34.62
N ARG A 353 4.32 27.64 -35.30
CA ARG A 353 5.44 28.50 -35.04
C ARG A 353 5.09 29.93 -35.45
N GLU A 354 4.45 30.09 -36.62
CA GLU A 354 4.03 31.42 -37.06
C GLU A 354 2.99 32.04 -36.10
N CYS A 355 2.04 31.22 -35.58
CA CYS A 355 1.08 31.62 -34.54
C CYS A 355 1.80 32.26 -33.35
N LEU A 356 2.81 31.55 -32.83
CA LEU A 356 3.61 31.95 -31.69
C LEU A 356 4.46 33.20 -31.92
N THR A 357 4.85 33.46 -33.16
CA THR A 357 5.65 34.64 -33.45
C THR A 357 4.81 35.83 -33.93
N GLY A 358 3.47 35.73 -33.84
CA GLY A 358 2.61 36.88 -34.14
C GLY A 358 1.56 36.72 -35.25
N SER A 359 1.61 35.65 -36.02
CA SER A 359 0.61 35.46 -37.08
C SER A 359 -0.62 34.80 -36.51
N THR A 360 -1.40 35.57 -35.73
CA THR A 360 -2.49 35.00 -34.95
C THR A 360 -3.67 34.54 -35.78
N GLU A 361 -3.68 34.89 -37.06
CA GLU A 361 -4.71 34.42 -37.98
C GLU A 361 -4.58 32.92 -38.21
N LYS A 362 -3.43 32.35 -37.82
CA LYS A 362 -3.21 30.90 -37.90
C LYS A 362 -3.29 30.16 -36.54
N CYS A 363 -3.72 30.85 -35.46
CA CYS A 363 -3.84 30.24 -34.13
C CYS A 363 -5.27 29.63 -34.01
N PRO A 364 -5.43 28.27 -33.89
CA PRO A 364 -6.71 27.58 -33.84
C PRO A 364 -7.41 27.84 -32.52
N ARG A 365 -8.75 27.86 -32.55
CA ARG A 365 -9.53 28.09 -31.34
C ARG A 365 -10.68 27.12 -31.16
N GLU A 366 -10.90 26.67 -29.94
CA GLU A 366 -11.98 25.75 -29.64
C GLU A 366 -13.09 26.51 -28.91
N LEU A 367 -14.33 26.18 -29.24
CA LEU A 367 -15.46 26.83 -28.59
C LEU A 367 -15.51 26.44 -27.11
N VAL A 368 -15.82 27.38 -26.25
CA VAL A 368 -15.99 27.03 -24.84
C VAL A 368 -17.46 26.87 -24.52
N VAL A 369 -17.85 25.67 -24.10
CA VAL A 369 -19.24 25.43 -23.75
C VAL A 369 -19.37 25.14 -22.25
N SER A 370 -18.27 24.77 -21.62
CA SER A 370 -18.24 24.51 -20.19
C SER A 370 -18.40 25.79 -19.41
N SER A 371 -19.10 25.70 -18.28
CA SER A 371 -19.28 26.81 -17.36
C SER A 371 -18.04 27.07 -16.53
N HIS A 372 -17.08 26.14 -16.60
CA HIS A 372 -15.85 26.25 -15.80
C HIS A 372 -14.61 26.33 -16.67
N VAL A 373 -14.21 27.54 -16.98
CA VAL A 373 -13.04 27.83 -17.79
C VAL A 373 -12.34 28.99 -17.09
N PRO A 374 -11.00 29.09 -17.12
CA PRO A 374 -10.31 30.28 -16.68
C PRO A 374 -10.79 31.46 -17.51
N ARG A 375 -11.19 32.54 -16.85
CA ARG A 375 -11.68 33.73 -17.54
C ARG A 375 -10.77 34.92 -17.33
N PHE A 376 -9.68 34.69 -16.60
CA PHE A 376 -8.69 35.73 -16.36
C PHE A 376 -7.36 35.16 -15.94
N ALA A 377 -6.32 35.98 -16.06
CA ALA A 377 -4.99 35.62 -15.58
C ALA A 377 -4.21 36.86 -15.18
N LEU A 378 -3.29 36.67 -14.24
CA LEU A 378 -2.41 37.74 -13.79
C LEU A 378 -1.00 37.51 -14.30
N SER A 379 -0.40 38.52 -14.91
CA SER A 379 0.98 38.39 -15.36
C SER A 379 1.78 39.66 -15.16
N ASN A 380 2.78 39.59 -14.29
CA ASN A 380 3.65 40.69 -13.93
C ASN A 380 2.87 41.89 -13.42
N GLY A 381 1.81 41.62 -12.67
CA GLY A 381 0.97 42.67 -12.11
C GLY A 381 -0.10 43.17 -13.07
N VAL A 382 -0.16 42.63 -14.28
CA VAL A 382 -1.16 43.06 -15.25
C VAL A 382 -2.30 42.05 -15.30
N LEU A 383 -3.53 42.54 -15.23
CA LEU A 383 -4.67 41.65 -15.21
C LEU A 383 -5.37 41.56 -16.57
N PHE A 384 -5.50 40.35 -17.08
CA PHE A 384 -6.17 40.13 -18.36
C PHE A 384 -7.48 39.39 -18.10
N ALA A 385 -8.60 39.98 -18.53
CA ALA A 385 -9.88 39.33 -18.23
C ALA A 385 -10.92 39.49 -19.32
N ASN A 386 -11.73 38.45 -19.50
CA ASN A 386 -12.84 38.49 -20.44
C ASN A 386 -14.07 39.07 -19.76
N CYS A 387 -14.10 40.39 -19.60
CA CYS A 387 -15.08 41.15 -18.81
C CYS A 387 -16.52 41.09 -19.36
N ILE A 388 -16.76 40.23 -20.37
CA ILE A 388 -18.08 39.89 -20.89
C ILE A 388 -18.64 38.68 -20.15
N SER A 389 -17.76 37.73 -19.82
CA SER A 389 -18.16 36.50 -19.14
C SER A 389 -17.86 36.53 -17.64
N VAL A 390 -16.93 37.39 -17.22
CA VAL A 390 -16.64 37.57 -15.79
C VAL A 390 -16.97 39.01 -15.42
N THR A 391 -17.68 39.20 -14.33
CA THR A 391 -18.03 40.57 -13.97
C THR A 391 -16.81 41.33 -13.47
N CYS A 392 -16.49 42.45 -14.15
CA CYS A 392 -15.35 43.32 -13.84
C CYS A 392 -15.87 44.67 -13.34
N GLN A 393 -15.38 45.11 -12.18
CA GLN A 393 -15.69 46.40 -11.56
C GLN A 393 -14.39 47.03 -11.11
N CYS A 394 -14.31 48.37 -11.09
CA CYS A 394 -13.11 49.07 -10.64
C CYS A 394 -13.27 49.54 -9.18
N GLN A 395 -12.37 49.09 -8.30
CA GLN A 395 -12.39 49.38 -6.86
C GLN A 395 -12.13 50.84 -6.54
N THR A 396 -11.32 51.50 -7.36
CA THR A 396 -10.93 52.87 -7.07
C THR A 396 -11.90 53.91 -7.60
N THR A 397 -12.74 53.55 -8.58
CA THR A 397 -13.65 54.55 -9.15
C THR A 397 -15.12 54.26 -8.85
N GLY A 398 -15.46 53.01 -8.55
CA GLY A 398 -16.85 52.65 -8.30
C GLY A 398 -17.61 52.38 -9.59
N ARG A 399 -16.91 52.46 -10.72
CA ARG A 399 -17.52 52.26 -12.03
C ARG A 399 -17.27 50.85 -12.51
N ALA A 400 -18.16 50.35 -13.36
CA ALA A 400 -17.98 49.03 -13.97
C ALA A 400 -16.94 49.09 -15.07
N ILE A 401 -16.30 47.96 -15.35
CA ILE A 401 -15.36 47.86 -16.46
C ILE A 401 -16.03 47.13 -17.61
N SER A 402 -16.22 47.81 -18.73
CA SER A 402 -16.95 47.22 -19.84
C SER A 402 -16.06 46.87 -21.02
N GLN A 403 -16.52 45.91 -21.81
CA GLN A 403 -15.83 45.41 -22.98
C GLN A 403 -16.77 45.37 -24.19
N SER A 404 -16.30 45.86 -25.32
CA SER A 404 -17.08 45.86 -26.55
C SER A 404 -16.97 44.51 -27.26
N GLY A 405 -17.83 44.30 -28.27
CA GLY A 405 -17.83 43.06 -29.03
C GLY A 405 -16.65 42.96 -29.98
N GLU A 406 -15.90 44.04 -30.12
CA GLU A 406 -14.74 44.09 -30.99
C GLU A 406 -13.47 43.73 -30.22
N GLN A 407 -13.61 43.48 -28.93
CA GLN A 407 -12.48 43.18 -28.07
C GLN A 407 -12.54 41.74 -27.56
N THR A 408 -11.36 41.12 -27.43
CA THR A 408 -11.19 39.77 -26.93
C THR A 408 -11.06 39.65 -25.41
N LEU A 409 -10.00 40.24 -24.88
CA LEU A 409 -9.78 40.37 -23.44
C LEU A 409 -9.47 41.83 -23.17
N LEU A 410 -9.80 42.30 -21.98
CA LEU A 410 -9.33 43.62 -21.61
C LEU A 410 -8.09 43.53 -20.76
N MET A 411 -7.16 44.41 -21.03
CA MET A 411 -5.97 44.54 -20.22
C MET A 411 -6.21 45.65 -19.20
N ILE A 412 -6.14 45.29 -17.93
CA ILE A 412 -6.42 46.23 -16.85
C ILE A 412 -5.14 46.48 -16.05
N ASP A 413 -4.75 47.75 -15.94
CA ASP A 413 -3.55 48.11 -15.19
C ASP A 413 -3.68 49.49 -14.49
N ASN A 414 -2.53 50.01 -14.01
CA ASN A 414 -2.29 51.33 -13.39
C ASN A 414 -3.05 52.51 -14.02
N THR A 415 -3.24 52.46 -15.36
CA THR A 415 -3.62 53.64 -16.18
C THR A 415 -5.13 53.75 -16.25
N THR A 416 -5.79 52.61 -16.17
CA THR A 416 -7.25 52.54 -16.22
C THR A 416 -7.93 52.32 -14.87
N CYS A 417 -7.39 51.38 -14.07
CA CYS A 417 -7.94 50.99 -12.79
C CYS A 417 -6.84 50.35 -11.90
N PRO A 418 -6.14 51.12 -11.00
CA PRO A 418 -5.08 50.65 -10.12
C PRO A 418 -5.47 49.41 -9.30
N THR A 419 -6.73 49.33 -8.89
CA THR A 419 -7.23 48.16 -8.18
C THR A 419 -8.55 47.69 -8.80
N ALA A 420 -8.56 46.49 -9.35
CA ALA A 420 -9.73 45.99 -10.07
C ALA A 420 -10.35 44.81 -9.36
N VAL A 421 -11.64 44.62 -9.57
CA VAL A 421 -12.35 43.53 -8.92
C VAL A 421 -12.96 42.56 -9.91
N LEU A 422 -12.63 41.28 -9.75
CA LEU A 422 -13.23 40.23 -10.58
C LEU A 422 -14.02 39.30 -9.69
N GLY A 423 -15.33 39.26 -9.86
CA GLY A 423 -16.12 38.46 -8.94
C GLY A 423 -15.95 39.01 -7.53
N ASN A 424 -15.47 38.19 -6.61
CA ASN A 424 -15.27 38.62 -5.23
C ASN A 424 -13.80 38.82 -4.84
N VAL A 425 -12.92 38.95 -5.83
CA VAL A 425 -11.50 39.14 -5.55
C VAL A 425 -11.00 40.51 -5.95
N ILE A 426 -10.38 41.23 -5.01
CA ILE A 426 -9.90 42.58 -5.30
C ILE A 426 -8.39 42.54 -5.53
N ILE A 427 -7.93 42.96 -6.70
CA ILE A 427 -6.51 42.85 -7.03
C ILE A 427 -5.85 44.21 -7.28
N SER A 428 -4.78 44.49 -6.54
CA SER A 428 -3.96 45.67 -6.75
C SER A 428 -3.00 45.39 -7.89
N LEU A 429 -3.05 46.22 -8.92
CA LEU A 429 -2.32 45.99 -10.16
C LEU A 429 -1.11 46.90 -10.37
N GLY A 430 -0.24 46.47 -11.29
CA GLY A 430 0.94 47.24 -11.71
C GLY A 430 0.70 47.84 -13.09
N LYS A 431 1.75 47.95 -13.90
CA LYS A 431 1.64 48.59 -15.21
C LYS A 431 2.04 47.67 -16.36
N TYR A 432 1.31 47.77 -17.47
CA TYR A 432 1.62 47.02 -18.68
C TYR A 432 2.71 47.72 -19.47
N LEU A 433 3.74 46.97 -19.83
CA LEU A 433 4.91 47.54 -20.51
C LEU A 433 4.87 47.40 -22.03
N GLY A 434 3.73 46.98 -22.54
CA GLY A 434 3.54 46.83 -23.99
C GLY A 434 2.84 48.08 -24.54
N SER A 435 2.11 47.92 -25.64
CA SER A 435 1.47 49.07 -26.26
C SER A 435 0.38 49.68 -25.37
N VAL A 436 0.37 51.00 -25.31
CA VAL A 436 -0.64 51.73 -24.53
C VAL A 436 -1.99 51.65 -25.20
N ASN A 437 -2.00 51.20 -26.45
CA ASN A 437 -3.20 51.06 -27.25
C ASN A 437 -3.60 49.59 -27.34
N TYR A 438 -3.09 48.78 -26.41
CA TYR A 438 -3.39 47.35 -26.39
C TYR A 438 -4.88 47.04 -26.56
N ASN A 439 -5.73 47.78 -25.86
CA ASN A 439 -7.17 47.54 -25.87
C ASN A 439 -7.89 48.16 -27.08
N SER A 440 -7.15 48.93 -27.89
CA SER A 440 -7.74 49.62 -29.03
C SER A 440 -7.35 49.00 -30.37
N GLU A 441 -6.11 48.51 -30.46
CA GLU A 441 -5.57 48.00 -31.72
C GLU A 441 -6.27 46.75 -32.27
N GLY A 442 -6.68 45.84 -31.39
CA GLY A 442 -7.34 44.61 -31.81
C GLY A 442 -6.35 43.53 -32.24
N ILE A 443 -6.89 42.43 -32.80
CA ILE A 443 -6.08 41.28 -33.21
C ILE A 443 -6.81 40.39 -34.23
N ALA A 444 -6.05 39.71 -35.10
CA ALA A 444 -6.62 38.73 -36.02
C ALA A 444 -6.95 37.44 -35.28
N ILE A 445 -8.09 36.84 -35.62
CA ILE A 445 -8.51 35.57 -35.00
C ILE A 445 -8.50 34.43 -36.00
N GLY A 446 -7.90 33.31 -35.60
CA GLY A 446 -7.78 32.13 -36.45
C GLY A 446 -9.05 31.27 -36.48
N PRO A 447 -9.01 30.13 -37.20
CA PRO A 447 -10.10 29.20 -37.46
C PRO A 447 -10.49 28.38 -36.24
N PRO A 448 -11.73 27.89 -36.18
CA PRO A 448 -12.26 26.99 -35.16
C PRO A 448 -11.72 25.57 -35.28
N VAL A 449 -11.53 24.91 -34.15
CA VAL A 449 -11.17 23.50 -34.10
C VAL A 449 -11.96 22.74 -33.06
N PHE A 450 -11.94 21.42 -33.19
CA PHE A 450 -12.52 20.50 -32.20
C PHE A 450 -11.44 19.49 -31.83
N THR A 451 -11.08 19.42 -30.54
CA THR A 451 -9.95 18.58 -30.14
C THR A 451 -10.34 17.16 -29.69
N ASP A 452 -11.64 16.90 -29.52
CA ASP A 452 -12.09 15.59 -29.07
C ASP A 452 -11.69 14.47 -30.03
N LYS A 453 -11.24 13.34 -29.48
CA LYS A 453 -10.79 12.20 -30.29
C LYS A 453 -11.80 11.77 -31.36
N VAL A 454 -13.08 11.74 -31.00
CA VAL A 454 -14.11 11.33 -31.95
C VAL A 454 -14.25 12.42 -33.00
N ASP A 455 -14.23 13.66 -32.54
CA ASP A 455 -14.31 14.80 -33.46
C ASP A 455 -13.14 14.81 -34.45
N ILE A 456 -11.95 14.37 -34.01
CA ILE A 456 -10.81 14.34 -34.93
C ILE A 456 -11.08 13.38 -36.08
N SER A 457 -11.59 12.19 -35.77
CA SER A 457 -11.89 11.21 -36.81
C SER A 457 -12.99 11.72 -37.74
N SER A 458 -13.99 12.38 -37.15
CA SER A 458 -15.11 12.93 -37.93
C SER A 458 -14.66 14.03 -38.87
N GLN A 459 -13.81 14.94 -38.38
CA GLN A 459 -13.31 16.06 -39.17
C GLN A 459 -12.45 15.60 -40.34
N ILE A 460 -11.63 14.58 -40.13
CA ILE A 460 -10.80 14.08 -41.22
C ILE A 460 -11.69 13.48 -42.30
N SER A 461 -12.68 12.71 -41.90
CA SER A 461 -13.59 12.07 -42.84
C SER A 461 -14.41 13.07 -43.64
N SER A 462 -15.00 14.08 -42.97
CA SER A 462 -15.85 15.04 -43.67
C SER A 462 -15.03 15.87 -44.64
N MET A 463 -13.77 16.14 -44.30
CA MET A 463 -12.88 16.84 -45.22
C MET A 463 -12.56 16.01 -46.45
N ASN A 464 -12.46 14.67 -46.32
CA ASN A 464 -12.21 13.78 -47.45
C ASN A 464 -13.40 13.79 -48.44
N GLN A 465 -14.65 13.90 -47.92
CA GLN A 465 -15.83 13.99 -48.79
C GLN A 465 -15.79 15.28 -49.62
N SER A 466 -15.41 16.39 -48.97
CA SER A 466 -15.29 17.67 -49.66
C SER A 466 -14.12 17.64 -50.65
N LEU A 467 -13.05 16.95 -50.27
CA LEU A 467 -11.87 16.83 -51.12
C LEU A 467 -12.17 16.02 -52.37
N GLN A 468 -12.92 14.92 -52.22
CA GLN A 468 -13.24 14.11 -53.38
C GLN A 468 -14.17 14.86 -54.33
N GLN A 469 -15.06 15.70 -53.79
CA GLN A 469 -15.93 16.49 -54.65
C GLN A 469 -15.10 17.46 -55.47
N SER A 470 -14.11 18.10 -54.84
CA SER A 470 -13.23 19.02 -55.55
C SER A 470 -12.43 18.29 -56.62
N LYS A 471 -11.96 17.08 -56.30
CA LYS A 471 -11.20 16.29 -57.27
C LYS A 471 -12.04 15.97 -58.49
N ASP A 472 -13.31 15.61 -58.28
CA ASP A 472 -14.16 15.31 -59.41
C ASP A 472 -14.43 16.55 -60.25
N TYR A 473 -14.63 17.69 -59.59
CA TYR A 473 -14.93 18.92 -60.31
C TYR A 473 -13.77 19.36 -61.19
N ILE A 474 -12.54 19.25 -60.69
CA ILE A 474 -11.39 19.62 -61.52
C ILE A 474 -11.13 18.62 -62.62
N LYS A 475 -11.35 17.33 -62.36
CA LYS A 475 -11.16 16.35 -63.42
C LYS A 475 -12.15 16.58 -64.55
N GLU A 476 -13.38 16.96 -64.21
CA GLU A 476 -14.36 17.27 -65.24
C GLU A 476 -13.91 18.48 -66.05
N ALA A 477 -13.39 19.50 -65.37
CA ALA A 477 -12.90 20.69 -66.07
C ALA A 477 -11.76 20.35 -67.00
N GLN A 478 -10.85 19.48 -66.57
CA GLN A 478 -9.72 19.09 -67.40
C GLN A 478 -10.16 18.34 -68.64
N ARG A 479 -11.17 17.47 -68.50
CA ARG A 479 -11.70 16.73 -69.64
C ARG A 479 -12.40 17.65 -70.62
N LEU A 480 -13.14 18.64 -70.10
CA LEU A 480 -13.83 19.61 -70.96
C LEU A 480 -12.85 20.49 -71.74
N LEU A 481 -11.74 20.91 -71.09
CA LEU A 481 -10.69 21.74 -71.68
C LEU A 481 -9.69 20.87 -72.43
N ASP B 1 24.17 9.36 30.40
CA ASP B 1 24.16 7.91 30.49
C ASP B 1 23.33 7.45 31.71
N ILE B 2 23.20 6.12 31.90
CA ILE B 2 22.45 5.53 33.03
C ILE B 2 23.41 4.83 34.00
N GLN B 3 23.39 5.30 35.24
CA GLN B 3 24.25 4.79 36.30
C GLN B 3 23.60 3.62 37.03
N MET B 4 24.42 2.76 37.62
CA MET B 4 23.87 1.67 38.44
C MET B 4 24.62 1.51 39.75
N THR B 5 23.88 1.21 40.81
CA THR B 5 24.46 0.97 42.12
C THR B 5 24.27 -0.48 42.53
N GLN B 6 25.37 -1.13 42.86
CA GLN B 6 25.34 -2.53 43.25
C GLN B 6 25.91 -2.68 44.66
N SER B 7 25.24 -3.46 45.50
CA SER B 7 25.66 -3.62 46.89
C SER B 7 25.18 -4.95 47.50
N PRO B 8 25.80 -5.40 48.59
CA PRO B 8 26.99 -4.93 49.30
C PRO B 8 28.23 -5.02 48.43
N ALA B 9 29.24 -4.21 48.75
CA ALA B 9 30.50 -4.23 48.01
C ALA B 9 31.23 -5.57 48.17
N SER B 10 31.06 -6.20 49.34
CA SER B 10 31.73 -7.45 49.63
C SER B 10 30.86 -8.35 50.50
N LEU B 11 30.84 -9.63 50.17
CA LEU B 11 30.06 -10.64 50.86
C LEU B 11 30.89 -11.80 51.40
N SER B 12 30.42 -12.35 52.50
CA SER B 12 31.01 -13.52 53.12
C SER B 12 29.91 -14.50 53.49
N ALA B 13 29.99 -15.70 52.94
CA ALA B 13 28.97 -16.72 53.18
C ALA B 13 29.57 -18.11 53.08
N SER B 14 28.96 -19.05 53.78
CA SER B 14 29.42 -20.43 53.77
C SER B 14 28.78 -21.25 52.66
N VAL B 15 29.36 -22.41 52.42
CA VAL B 15 28.84 -23.31 51.39
C VAL B 15 27.49 -23.87 51.81
N GLY B 16 26.54 -23.80 50.89
CA GLY B 16 25.18 -24.28 51.09
C GLY B 16 24.23 -23.16 51.54
N GLU B 17 24.77 -22.00 51.89
CA GLU B 17 23.95 -20.88 52.32
C GLU B 17 23.34 -20.12 51.16
N THR B 18 22.26 -19.41 51.44
CA THR B 18 21.62 -18.56 50.43
C THR B 18 22.34 -17.22 50.39
N VAL B 19 22.70 -16.81 49.18
CA VAL B 19 23.42 -15.55 48.99
C VAL B 19 22.68 -14.64 48.02
N THR B 20 22.50 -13.39 48.40
CA THR B 20 21.83 -12.46 47.50
C THR B 20 22.63 -11.19 47.26
N ILE B 21 22.52 -10.67 46.05
CA ILE B 21 23.15 -9.42 45.64
C ILE B 21 22.10 -8.45 45.11
N THR B 22 22.13 -7.21 45.62
CA THR B 22 21.14 -6.20 45.24
C THR B 22 21.73 -5.19 44.26
N CYS B 23 20.92 -4.78 43.26
CA CYS B 23 21.32 -3.77 42.29
C CYS B 23 20.12 -2.87 41.94
N ARG B 24 20.34 -1.55 41.92
CA ARG B 24 19.32 -0.58 41.55
C ARG B 24 19.81 0.36 40.46
N ALA B 25 18.90 0.73 39.58
CA ALA B 25 19.22 1.63 38.46
C ALA B 25 18.80 3.05 38.79
N SER B 26 19.53 4.02 38.22
CA SER B 26 19.19 5.43 38.37
C SER B 26 17.98 5.82 37.54
N GLU B 27 17.59 4.94 36.61
CA GLU B 27 16.44 5.19 35.74
C GLU B 27 15.70 3.89 35.50
N ASN B 28 14.59 3.95 34.77
CA ASN B 28 13.77 2.78 34.47
C ASN B 28 14.33 1.99 33.29
N ILE B 29 14.81 0.78 33.57
CA ILE B 29 15.41 -0.07 32.55
C ILE B 29 14.57 -1.34 32.33
N TYR B 30 13.30 -1.27 32.73
CA TYR B 30 12.35 -2.35 32.50
C TYR B 30 12.93 -3.70 32.93
N SER B 31 12.97 -4.70 32.05
CA SER B 31 13.54 -6.01 32.43
C SER B 31 14.96 -6.19 31.89
N TYR B 32 15.56 -5.10 31.41
CA TYR B 32 16.84 -5.16 30.71
C TYR B 32 18.00 -5.17 31.68
N LEU B 33 18.17 -6.27 32.40
CA LEU B 33 19.30 -6.38 33.31
C LEU B 33 19.94 -7.76 33.28
N ALA B 34 21.27 -7.78 33.21
CA ALA B 34 22.03 -9.02 33.17
C ALA B 34 22.97 -9.14 34.36
N TRP B 35 23.22 -10.37 34.78
CA TRP B 35 24.16 -10.65 35.86
C TRP B 35 25.31 -11.53 35.37
N TYR B 36 26.52 -11.19 35.82
CA TYR B 36 27.73 -11.96 35.46
C TYR B 36 28.50 -12.44 36.68
N GLN B 37 29.20 -13.56 36.53
CA GLN B 37 30.12 -14.10 37.53
C GLN B 37 31.56 -14.00 37.00
N HIS B 38 32.40 -13.16 37.58
CA HIS B 38 33.73 -12.95 37.02
C HIS B 38 34.89 -13.36 37.95
N LYS B 39 35.63 -14.37 37.53
CA LYS B 39 36.80 -14.83 38.27
C LYS B 39 38.04 -14.18 37.68
N GLN B 40 39.05 -13.96 38.49
CA GLN B 40 40.24 -13.31 37.94
C GLN B 40 41.03 -14.27 37.09
N GLY B 41 41.56 -13.76 35.99
CA GLY B 41 42.34 -14.56 35.05
C GLY B 41 41.45 -15.16 33.96
N LYS B 42 40.14 -14.96 34.09
CA LYS B 42 39.16 -15.49 33.16
C LYS B 42 38.22 -14.41 32.67
N SER B 43 37.56 -14.65 31.54
CA SER B 43 36.53 -13.74 31.07
C SER B 43 35.25 -13.96 31.90
N PRO B 44 34.40 -12.94 32.10
CA PRO B 44 33.12 -13.02 32.81
C PRO B 44 32.16 -14.03 32.22
N GLN B 45 31.44 -14.75 33.08
CA GLN B 45 30.41 -15.69 32.64
C GLN B 45 29.01 -15.11 32.81
N LEU B 46 28.17 -15.23 31.79
CA LEU B 46 26.80 -14.78 31.93
C LEU B 46 25.99 -15.75 32.76
N LEU B 47 25.28 -15.22 33.76
CA LEU B 47 24.42 -16.03 34.60
C LEU B 47 22.93 -15.85 34.32
N VAL B 48 22.53 -14.58 34.22
CA VAL B 48 21.12 -14.22 34.12
C VAL B 48 20.93 -13.10 33.11
N TYR B 49 19.91 -13.20 32.28
CA TYR B 49 19.57 -12.12 31.36
C TYR B 49 18.09 -11.77 31.41
N ASN B 50 17.79 -10.53 31.02
CA ASN B 50 16.43 -9.98 31.09
C ASN B 50 15.85 -10.10 32.50
N ALA B 51 16.70 -9.87 33.49
CA ALA B 51 16.41 -9.88 34.92
C ALA B 51 15.86 -11.21 35.45
N LYS B 52 15.89 -12.30 34.68
CA LYS B 52 15.37 -13.55 35.27
C LYS B 52 15.78 -14.87 34.59
N SER B 53 16.14 -14.83 33.32
CA SER B 53 16.36 -16.08 32.58
C SER B 53 17.81 -16.53 32.65
N LEU B 54 18.02 -17.81 32.93
CA LEU B 54 19.38 -18.31 33.01
C LEU B 54 19.99 -18.51 31.64
N ALA B 55 21.28 -18.22 31.53
CA ALA B 55 22.02 -18.52 30.31
C ALA B 55 22.19 -20.02 30.22
N GLU B 56 22.17 -20.55 29.01
CA GLU B 56 22.35 -21.98 28.83
C GLU B 56 23.67 -22.42 29.43
N GLY B 57 23.62 -23.49 30.23
CA GLY B 57 24.81 -24.04 30.88
C GLY B 57 24.97 -23.58 32.33
N VAL B 58 24.19 -22.57 32.73
CA VAL B 58 24.25 -22.05 34.10
C VAL B 58 23.42 -22.93 35.05
N PRO B 59 24.00 -23.39 36.17
CA PRO B 59 23.36 -24.20 37.18
C PRO B 59 22.08 -23.57 37.71
N SER B 60 21.07 -24.40 37.97
CA SER B 60 19.75 -23.97 38.39
C SER B 60 19.70 -23.43 39.82
N ARG B 61 20.83 -23.51 40.53
CA ARG B 61 20.90 -22.92 41.86
C ARG B 61 20.87 -21.39 41.73
N PHE B 62 21.12 -20.88 40.53
CA PHE B 62 21.07 -19.46 40.26
C PHE B 62 19.67 -19.06 39.81
N SER B 63 19.22 -17.91 40.28
CA SER B 63 17.94 -17.36 39.87
C SER B 63 17.95 -15.86 40.10
N GLY B 64 16.93 -15.16 39.62
CA GLY B 64 16.86 -13.74 39.87
C GLY B 64 15.52 -13.16 39.47
N SER B 65 15.34 -11.89 39.78
CA SER B 65 14.11 -11.17 39.49
C SER B 65 14.35 -9.68 39.56
N GLY B 66 13.36 -8.90 39.13
CA GLY B 66 13.45 -7.46 39.24
C GLY B 66 12.70 -6.74 38.14
N SER B 67 12.48 -5.45 38.35
CA SER B 67 11.79 -4.65 37.37
C SER B 67 11.99 -3.15 37.57
N GLY B 68 12.22 -2.45 36.46
CA GLY B 68 12.28 -1.00 36.46
C GLY B 68 13.56 -0.50 37.08
N THR B 69 13.54 -0.36 38.41
CA THR B 69 14.69 0.18 39.11
C THR B 69 15.27 -0.76 40.17
N GLN B 70 14.53 -1.79 40.59
CA GLN B 70 15.02 -2.67 41.66
C GLN B 70 15.16 -4.12 41.23
N PHE B 71 16.39 -4.63 41.28
CA PHE B 71 16.72 -5.98 40.81
C PHE B 71 17.60 -6.75 41.80
N SER B 72 17.54 -8.08 41.75
CA SER B 72 18.44 -8.89 42.57
C SER B 72 18.82 -10.24 41.96
N LEU B 73 19.98 -10.75 42.38
CA LEU B 73 20.49 -12.06 42.03
C LEU B 73 20.53 -12.95 43.26
N LYS B 74 20.08 -14.19 43.13
CA LYS B 74 20.12 -15.10 44.26
C LYS B 74 20.78 -16.44 43.93
N ILE B 75 21.54 -16.95 44.89
CA ILE B 75 22.14 -18.28 44.83
C ILE B 75 21.48 -19.10 45.94
N ASN B 76 20.81 -20.20 45.59
CA ASN B 76 20.06 -20.97 46.58
C ASN B 76 20.89 -22.02 47.32
N SER B 77 22.15 -22.14 46.96
CA SER B 77 23.07 -23.08 47.60
C SER B 77 24.49 -22.77 47.19
N LEU B 78 25.15 -21.87 47.91
CA LEU B 78 26.48 -21.40 47.51
C LEU B 78 27.48 -22.54 47.40
N GLN B 79 28.19 -22.59 46.28
CA GLN B 79 29.24 -23.59 46.10
C GLN B 79 30.61 -22.93 46.21
N PRO B 80 31.68 -23.69 46.51
CA PRO B 80 33.06 -23.22 46.51
C PRO B 80 33.43 -22.52 45.19
N GLU B 81 32.87 -23.01 44.10
CA GLU B 81 33.14 -22.49 42.76
C GLU B 81 32.45 -21.16 42.47
N ASP B 82 31.62 -20.68 43.40
CA ASP B 82 30.89 -19.44 43.17
C ASP B 82 31.64 -18.23 43.69
N PHE B 83 32.86 -18.42 44.15
CA PHE B 83 33.63 -17.26 44.58
C PHE B 83 33.88 -16.40 43.35
N GLY B 84 33.99 -15.08 43.55
CA GLY B 84 34.30 -14.20 42.42
C GLY B 84 33.58 -12.86 42.51
N SER B 85 33.81 -12.01 41.51
CA SER B 85 33.23 -10.68 41.46
C SER B 85 31.97 -10.70 40.60
N TYR B 86 30.84 -10.34 41.19
CA TYR B 86 29.58 -10.36 40.48
C TYR B 86 29.26 -9.00 39.92
N TYR B 87 28.79 -8.97 38.68
CA TYR B 87 28.45 -7.69 38.07
C TYR B 87 27.02 -7.57 37.60
N CYS B 88 26.45 -6.39 37.86
CA CYS B 88 25.13 -5.96 37.43
C CYS B 88 25.28 -5.05 36.19
N GLN B 89 24.59 -5.39 35.08
CA GLN B 89 24.62 -4.62 33.83
C GLN B 89 23.22 -4.31 33.31
N HIS B 90 23.00 -3.09 32.82
CA HIS B 90 21.73 -2.84 32.17
C HIS B 90 22.02 -2.80 30.68
N HIS B 91 21.05 -3.24 29.89
CA HIS B 91 21.18 -3.22 28.45
C HIS B 91 19.95 -2.63 27.79
N TYR B 92 19.42 -1.58 28.41
CA TYR B 92 18.23 -0.92 27.88
C TYR B 92 18.60 0.18 26.90
N GLY B 93 18.96 1.34 27.43
CA GLY B 93 19.32 2.43 26.56
C GLY B 93 20.78 2.30 26.19
N THR B 94 21.32 3.30 25.53
CA THR B 94 22.70 3.26 25.11
C THR B 94 23.41 4.46 25.73
N PRO B 95 24.59 4.25 26.33
CA PRO B 95 25.41 3.05 26.45
C PRO B 95 24.88 2.04 27.45
N TRP B 96 25.34 0.81 27.29
CA TRP B 96 25.13 -0.22 28.30
C TRP B 96 26.13 0.07 29.41
N THR B 97 25.78 -0.20 30.66
CA THR B 97 26.73 0.08 31.73
C THR B 97 26.73 -1.01 32.79
N PHE B 98 27.84 -1.09 33.52
CA PHE B 98 28.01 -2.02 34.63
C PHE B 98 28.12 -1.27 35.95
N GLY B 99 27.73 -1.91 37.04
CA GLY B 99 27.93 -1.35 38.38
C GLY B 99 29.35 -1.65 38.87
N GLY B 100 29.68 -1.22 40.08
CA GLY B 100 31.02 -1.44 40.63
C GLY B 100 31.35 -2.92 40.81
N GLY B 101 30.35 -3.71 41.17
CA GLY B 101 30.50 -5.15 41.37
C GLY B 101 30.59 -5.54 42.84
N THR B 102 30.25 -6.79 43.14
CA THR B 102 30.27 -7.36 44.49
C THR B 102 31.28 -8.48 44.59
N LYS B 103 32.18 -8.39 45.56
CA LYS B 103 33.18 -9.45 45.73
C LYS B 103 32.70 -10.47 46.76
N LEU B 104 32.40 -11.68 46.30
CA LEU B 104 31.91 -12.74 47.17
C LEU B 104 33.02 -13.76 47.48
N GLU B 105 33.34 -13.91 48.79
CA GLU B 105 34.36 -14.84 49.28
C GLU B 105 33.69 -16.18 49.61
N GLN C 1 31.03 -24.48 17.09
CA GLN C 1 31.33 -23.74 18.31
C GLN C 1 31.51 -22.26 18.03
N VAL C 2 31.57 -21.46 19.10
CA VAL C 2 31.75 -20.02 18.97
C VAL C 2 33.02 -19.55 19.68
N GLN C 3 33.79 -18.72 18.99
CA GLN C 3 35.02 -18.20 19.56
C GLN C 3 35.26 -16.74 19.18
N LEU C 4 35.90 -16.01 20.09
CA LEU C 4 36.36 -14.65 19.85
C LEU C 4 37.79 -14.54 20.37
N LYS C 5 38.73 -14.04 19.56
CA LYS C 5 40.11 -13.97 20.04
C LYS C 5 40.77 -12.62 19.77
N GLU C 6 41.08 -11.90 20.83
CA GLU C 6 41.70 -10.59 20.77
C GLU C 6 43.20 -10.69 20.52
N SER C 7 43.71 -9.82 19.67
CA SER C 7 45.15 -9.70 19.41
C SER C 7 45.54 -8.24 19.21
N GLY C 8 46.58 -7.82 19.91
CA GLY C 8 47.03 -6.43 19.83
C GLY C 8 48.34 -6.26 20.58
N PRO C 9 48.82 -5.01 20.73
CA PRO C 9 50.07 -4.62 21.34
C PRO C 9 49.99 -4.76 22.85
N GLY C 10 51.15 -4.89 23.48
CA GLY C 10 51.25 -4.94 24.94
C GLY C 10 51.46 -3.55 25.52
N LEU C 11 52.72 -3.11 25.53
CA LEU C 11 53.03 -1.78 26.06
C LEU C 11 52.96 -0.73 24.97
N VAL C 12 52.10 0.26 25.20
CA VAL C 12 51.90 1.35 24.26
C VAL C 12 52.09 2.67 25.02
N ALA C 13 52.86 3.59 24.45
CA ALA C 13 53.14 4.82 25.17
C ALA C 13 51.91 5.72 25.24
N PRO C 14 51.83 6.61 26.23
CA PRO C 14 50.87 7.68 26.31
C PRO C 14 50.95 8.51 25.05
N SER C 15 49.81 9.02 24.61
CA SER C 15 49.68 9.83 23.39
C SER C 15 49.85 9.01 22.10
N GLN C 16 49.99 7.70 22.21
CA GLN C 16 49.98 6.83 21.04
C GLN C 16 48.60 6.21 20.91
N SER C 17 48.26 5.74 19.72
CA SER C 17 46.98 5.08 19.53
C SER C 17 47.04 3.59 19.88
N LEU C 18 45.86 3.03 20.15
CA LEU C 18 45.71 1.60 20.41
C LEU C 18 44.87 0.94 19.35
N SER C 19 45.31 -0.19 18.83
CA SER C 19 44.52 -0.93 17.86
C SER C 19 44.48 -2.42 18.18
N ILE C 20 43.30 -2.89 18.59
CA ILE C 20 43.08 -4.29 18.95
C ILE C 20 42.12 -4.97 17.98
N THR C 21 42.54 -6.08 17.41
CA THR C 21 41.70 -6.78 16.45
C THR C 21 41.12 -8.04 17.09
N CYS C 22 39.79 -8.21 16.97
CA CYS C 22 39.07 -9.40 17.42
C CYS C 22 38.72 -10.29 16.23
N THR C 23 39.32 -11.48 16.18
CA THR C 23 39.08 -12.45 15.11
C THR C 23 37.99 -13.38 15.61
N VAL C 24 36.95 -13.59 14.81
CA VAL C 24 35.86 -14.40 15.31
C VAL C 24 35.53 -15.56 14.40
N SER C 25 34.90 -16.57 14.98
CA SER C 25 34.44 -17.74 14.25
C SER C 25 33.23 -18.37 14.93
N GLY C 26 32.49 -19.16 14.17
CA GLY C 26 31.33 -19.88 14.70
C GLY C 26 30.04 -19.13 14.46
N PHE C 27 30.17 -17.88 14.04
CA PHE C 27 29.02 -17.04 13.78
C PHE C 27 29.36 -15.99 12.73
N SER C 28 28.33 -15.43 12.12
CA SER C 28 28.53 -14.35 11.17
C SER C 28 28.36 -12.98 11.81
N LEU C 29 29.19 -12.05 11.36
CA LEU C 29 29.11 -10.67 11.83
C LEU C 29 27.91 -9.94 11.24
N ALA C 30 27.26 -10.58 10.27
CA ALA C 30 26.04 -10.03 9.69
C ALA C 30 24.82 -10.48 10.50
N SER C 31 25.05 -11.38 11.47
CA SER C 31 23.95 -11.88 12.29
C SER C 31 24.03 -11.36 13.73
N TYR C 32 25.25 -11.08 14.20
CA TYR C 32 25.44 -10.68 15.59
C TYR C 32 26.30 -9.44 15.76
N GLY C 33 26.08 -8.70 16.84
CA GLY C 33 26.90 -7.54 17.15
C GLY C 33 28.10 -7.93 18.00
N VAL C 34 29.08 -7.04 18.06
CA VAL C 34 30.26 -7.22 18.90
C VAL C 34 30.50 -5.99 19.78
N HIS C 35 30.64 -6.25 21.06
CA HIS C 35 30.82 -5.21 22.06
C HIS C 35 32.20 -5.27 22.66
N TRP C 36 32.73 -4.12 23.01
CA TRP C 36 34.01 -4.08 23.70
C TRP C 36 33.83 -3.61 25.13
N VAL C 37 34.47 -4.34 26.04
CA VAL C 37 34.45 -4.11 27.48
C VAL C 37 35.88 -4.17 28.01
N ARG C 38 36.22 -3.35 29.00
CA ARG C 38 37.56 -3.48 29.58
C ARG C 38 37.52 -3.65 31.10
N GLN C 39 38.58 -4.25 31.63
CA GLN C 39 38.74 -4.45 33.07
C GLN C 39 40.04 -3.83 33.60
N PRO C 40 40.02 -2.56 34.08
CA PRO C 40 41.14 -1.86 34.67
C PRO C 40 41.53 -2.60 35.95
N PRO C 41 42.80 -2.53 36.38
CA PRO C 41 43.37 -3.22 37.53
C PRO C 41 42.58 -3.21 38.83
N GLY C 42 41.96 -2.08 39.18
CA GLY C 42 41.22 -2.00 40.44
C GLY C 42 39.80 -1.47 40.28
N LYS C 43 39.25 -1.60 39.08
CA LYS C 43 37.91 -1.06 38.79
C LYS C 43 36.97 -2.19 38.40
N GLY C 44 35.73 -1.84 38.08
CA GLY C 44 34.77 -2.84 37.63
C GLY C 44 34.83 -2.96 36.11
N LEU C 45 33.88 -3.67 35.52
CA LEU C 45 33.86 -3.82 34.07
C LEU C 45 33.35 -2.55 33.43
N GLU C 46 34.02 -2.09 32.38
CA GLU C 46 33.55 -0.89 31.69
C GLU C 46 33.19 -1.15 30.26
N TRP C 47 31.94 -0.90 29.91
CA TRP C 47 31.50 -1.06 28.53
C TRP C 47 32.04 0.14 27.76
N LEU C 48 32.70 -0.11 26.63
CA LEU C 48 33.35 0.95 25.87
C LEU C 48 32.51 1.41 24.72
N GLY C 49 32.00 0.44 23.97
CA GLY C 49 31.26 0.73 22.75
C GLY C 49 30.85 -0.54 22.04
N VAL C 50 30.02 -0.36 21.02
CA VAL C 50 29.49 -1.47 20.24
C VAL C 50 29.45 -1.22 18.75
N ILE C 51 29.72 -2.28 18.01
CA ILE C 51 29.38 -2.26 16.60
C ILE C 51 28.26 -3.27 16.43
N TRP C 52 27.14 -2.78 15.94
CA TRP C 52 25.92 -3.56 15.87
C TRP C 52 25.93 -4.48 14.68
N THR C 53 25.01 -5.43 14.66
CA THR C 53 24.87 -6.33 13.53
C THR C 53 24.80 -5.54 12.22
N GLY C 54 24.07 -4.42 12.27
CA GLY C 54 23.83 -3.56 11.12
C GLY C 54 25.08 -2.77 10.65
N GLY C 55 26.17 -2.87 11.40
CA GLY C 55 27.43 -2.20 11.06
C GLY C 55 27.55 -0.80 11.64
N SER C 56 26.49 -0.31 12.27
CA SER C 56 26.51 1.01 12.88
C SER C 56 27.13 0.92 14.26
N THR C 57 27.56 2.06 14.82
CA THR C 57 28.19 2.01 16.13
C THR C 57 27.65 3.00 17.14
N ASN C 58 27.91 2.68 18.42
CA ASN C 58 27.63 3.56 19.54
C ASN C 58 28.76 3.48 20.57
N TYR C 59 28.93 4.57 21.31
CA TYR C 59 30.00 4.65 22.29
C TYR C 59 29.46 5.24 23.59
N ASN C 60 30.17 5.00 24.70
CA ASN C 60 29.76 5.62 25.95
C ASN C 60 30.15 7.10 25.90
N SER C 61 29.75 7.91 26.88
CA SER C 61 30.11 9.32 26.77
C SER C 61 31.57 9.62 27.08
N ALA C 62 32.15 8.91 28.04
CA ALA C 62 33.51 9.19 28.50
C ALA C 62 34.56 9.08 27.40
N LEU C 63 34.40 8.11 26.52
CA LEU C 63 35.37 7.87 25.47
C LEU C 63 34.86 8.28 24.10
N MET C 64 33.76 9.01 24.02
CA MET C 64 33.18 9.28 22.72
C MET C 64 34.11 10.06 21.78
N SER C 65 34.96 10.90 22.35
CA SER C 65 35.89 11.71 21.55
C SER C 65 37.19 10.97 21.19
N ARG C 66 37.41 9.79 21.76
CA ARG C 66 38.66 9.06 21.53
C ARG C 66 38.45 7.68 20.90
N LEU C 67 37.28 7.10 21.14
CA LEU C 67 36.98 5.73 20.76
C LEU C 67 36.27 5.58 19.42
N SER C 68 36.76 4.63 18.63
CA SER C 68 36.19 4.29 17.33
C SER C 68 36.18 2.78 17.13
N ILE C 69 35.12 2.27 16.51
CA ILE C 69 35.01 0.84 16.22
C ILE C 69 34.71 0.63 14.73
N ASN C 70 35.33 -0.40 14.15
CA ASN C 70 35.16 -0.71 12.72
C ASN C 70 35.01 -2.22 12.52
N ARG C 71 34.84 -2.66 11.26
CA ARG C 71 34.63 -4.07 10.97
C ARG C 71 35.17 -4.51 9.61
N ASP C 72 35.37 -5.81 9.46
CA ASP C 72 35.74 -6.44 8.20
C ASP C 72 34.95 -7.75 8.04
N ASN C 73 34.01 -7.76 7.11
CA ASN C 73 33.08 -8.87 6.95
C ASN C 73 33.60 -9.92 5.97
N SER C 74 34.82 -9.72 5.49
CA SER C 74 35.48 -10.65 4.59
C SER C 74 36.42 -11.55 5.38
N LYS C 75 37.06 -10.97 6.39
CA LYS C 75 38.03 -11.68 7.22
C LYS C 75 37.48 -12.05 8.60
N SER C 76 36.21 -11.77 8.84
CA SER C 76 35.57 -12.03 10.14
C SER C 76 36.31 -11.35 11.29
N GLN C 77 36.51 -10.03 11.19
CA GLN C 77 37.21 -9.28 12.23
C GLN C 77 36.48 -8.01 12.68
N VAL C 78 36.65 -7.67 13.95
CA VAL C 78 36.16 -6.41 14.54
C VAL C 78 37.32 -5.62 15.13
N PHE C 79 37.34 -4.32 14.85
CA PHE C 79 38.48 -3.50 15.26
C PHE C 79 38.17 -2.43 16.30
N LEU C 80 38.89 -2.48 17.42
CA LEU C 80 38.78 -1.50 18.49
C LEU C 80 39.93 -0.50 18.44
N LYS C 81 39.61 0.80 18.35
CA LYS C 81 40.67 1.78 18.32
C LYS C 81 40.47 2.96 19.27
N LEU C 82 41.56 3.37 19.91
CA LEU C 82 41.62 4.59 20.71
C LEU C 82 42.67 5.51 20.08
N ASN C 83 42.27 6.74 19.75
CA ASN C 83 43.18 7.66 19.06
C ASN C 83 44.36 8.15 19.89
N SER C 84 44.17 8.28 21.20
CA SER C 84 45.23 8.77 22.08
C SER C 84 45.07 8.19 23.48
N LEU C 85 46.10 7.46 23.94
CA LEU C 85 46.07 6.78 25.23
C LEU C 85 46.59 7.59 26.42
N GLN C 86 46.00 7.30 27.58
CA GLN C 86 46.39 7.79 28.89
C GLN C 86 46.87 6.62 29.74
N THR C 87 47.59 6.90 30.81
CA THR C 87 48.07 5.81 31.65
C THR C 87 46.93 5.09 32.37
N ASP C 88 45.78 5.75 32.53
CA ASP C 88 44.65 5.11 33.20
C ASP C 88 43.84 4.24 32.23
N ASP C 89 44.32 4.08 31.01
CA ASP C 89 43.69 3.21 30.03
C ASP C 89 44.27 1.81 30.16
N THR C 90 45.16 1.61 31.14
CA THR C 90 45.69 0.28 31.37
C THR C 90 44.54 -0.60 31.83
N ALA C 91 44.32 -1.68 31.09
CA ALA C 91 43.19 -2.57 31.36
C ALA C 91 43.28 -3.82 30.51
N ILE C 92 42.51 -4.83 30.86
CA ILE C 92 42.35 -5.96 29.96
C ILE C 92 41.16 -5.68 29.07
N TYR C 93 41.39 -5.71 27.76
CA TYR C 93 40.33 -5.42 26.81
C TYR C 93 39.72 -6.71 26.29
N TYR C 94 38.39 -6.76 26.32
CA TYR C 94 37.66 -7.94 25.90
C TYR C 94 36.71 -7.65 24.73
N CYS C 95 36.59 -8.64 23.85
CA CYS C 95 35.66 -8.71 22.73
C CYS C 95 34.54 -9.69 23.16
N ALA C 96 33.27 -9.26 23.06
CA ALA C 96 32.11 -10.09 23.47
C ALA C 96 31.00 -10.02 22.42
N ARG C 97 30.31 -11.14 22.24
CA ARG C 97 29.20 -11.21 21.31
C ARG C 97 27.88 -11.00 22.03
N ASP C 98 26.98 -10.25 21.41
CA ASP C 98 25.67 -10.02 22.02
C ASP C 98 24.70 -11.15 21.66
N ARG C 99 23.45 -11.02 22.10
CA ARG C 99 22.53 -12.13 21.96
C ARG C 99 21.48 -11.89 20.87
N GLY C 100 21.65 -12.53 19.74
CA GLY C 100 20.69 -12.38 18.65
C GLY C 100 20.52 -10.96 18.14
N TYR C 101 19.27 -10.50 18.15
CA TYR C 101 18.87 -9.20 17.62
C TYR C 101 19.12 -8.08 18.63
N GLY C 102 20.38 -7.82 18.94
CA GLY C 102 20.78 -6.73 19.82
C GLY C 102 20.37 -6.87 21.28
N TYR C 103 20.13 -8.10 21.74
CA TYR C 103 19.73 -8.28 23.12
C TYR C 103 20.98 -8.36 23.98
N GLY C 104 20.86 -8.00 25.24
CA GLY C 104 22.01 -8.11 26.11
C GLY C 104 22.21 -9.51 26.62
N GLY C 105 23.29 -9.68 27.36
CA GLY C 105 23.70 -10.95 27.91
C GLY C 105 24.89 -11.47 27.11
N PHE C 106 26.08 -11.20 27.61
CA PHE C 106 27.28 -11.61 26.90
C PHE C 106 27.62 -13.05 27.22
N ALA C 107 26.87 -13.94 26.58
CA ALA C 107 27.06 -15.36 26.74
C ALA C 107 28.45 -15.78 26.24
N TYR C 108 28.94 -15.11 25.21
CA TYR C 108 30.24 -15.46 24.63
C TYR C 108 31.24 -14.32 24.71
N TRP C 109 32.38 -14.62 25.31
CA TRP C 109 33.51 -13.70 25.49
C TRP C 109 34.76 -14.26 24.86
N GLY C 110 35.69 -13.38 24.52
CA GLY C 110 36.99 -13.80 24.04
C GLY C 110 37.91 -14.09 25.21
N GLN C 111 39.23 -13.94 25.03
CA GLN C 111 40.18 -14.30 26.06
C GLN C 111 40.64 -13.12 26.89
N GLY C 112 40.66 -11.95 26.27
CA GLY C 112 41.10 -10.72 26.95
C GLY C 112 42.57 -10.42 26.64
N THR C 113 42.86 -9.19 26.23
CA THR C 113 44.22 -8.79 25.94
C THR C 113 44.64 -7.63 26.83
N LEU C 114 45.78 -7.78 27.51
CA LEU C 114 46.22 -6.75 28.46
C LEU C 114 47.05 -5.66 27.81
N VAL C 115 46.56 -4.43 27.95
CA VAL C 115 47.24 -3.26 27.40
C VAL C 115 47.80 -2.41 28.52
N THR C 116 49.09 -2.14 28.44
CA THR C 116 49.79 -1.35 29.45
C THR C 116 50.15 0.02 28.88
N VAL C 117 49.87 1.10 29.63
CA VAL C 117 50.19 2.48 29.20
C VAL C 117 50.80 3.22 30.40
N ILE D 27 -34.14 14.39 -27.92
CA ILE D 27 -33.54 15.28 -28.92
C ILE D 27 -32.76 14.50 -30.00
N LEU D 28 -32.25 13.30 -29.64
CA LEU D 28 -31.47 12.42 -30.51
C LEU D 28 -32.41 11.52 -31.31
N HIS D 29 -32.06 11.26 -32.57
CA HIS D 29 -32.91 10.40 -33.38
C HIS D 29 -32.56 8.95 -33.12
N TYR D 30 -33.13 8.42 -32.06
CA TYR D 30 -32.74 7.11 -31.58
C TYR D 30 -33.05 5.99 -32.55
N GLU D 31 -34.10 6.13 -33.35
CA GLU D 31 -34.43 5.05 -34.28
C GLU D 31 -33.39 4.93 -35.39
N LYS D 32 -33.01 6.05 -36.00
CA LYS D 32 -31.98 5.98 -37.02
C LYS D 32 -30.62 5.61 -36.44
N LEU D 33 -30.35 6.02 -35.20
CA LEU D 33 -29.09 5.68 -34.56
C LEU D 33 -28.97 4.18 -34.24
N SER D 34 -30.05 3.55 -33.79
CA SER D 34 -29.97 2.13 -33.48
C SER D 34 -29.70 1.30 -34.74
N LYS D 35 -30.17 1.80 -35.88
CA LYS D 35 -29.94 1.13 -37.16
C LYS D 35 -28.49 1.11 -37.59
N ILE D 36 -27.64 1.94 -36.99
CA ILE D 36 -26.25 1.99 -37.36
C ILE D 36 -25.37 1.55 -36.19
N GLY D 37 -25.95 0.76 -35.29
CA GLY D 37 -25.16 0.21 -34.19
C GLY D 37 -25.10 1.06 -32.94
N LEU D 38 -25.96 2.05 -32.81
CA LEU D 38 -25.94 2.89 -31.62
C LEU D 38 -27.28 2.81 -30.90
N VAL D 39 -27.44 1.79 -30.08
CA VAL D 39 -28.72 1.48 -29.44
C VAL D 39 -28.92 2.36 -28.21
N LYS D 40 -30.11 2.96 -28.07
CA LYS D 40 -30.33 3.81 -26.91
C LYS D 40 -30.08 3.04 -25.61
N GLY D 41 -29.21 3.57 -24.76
CA GLY D 41 -28.91 2.97 -23.47
C GLY D 41 -29.55 3.75 -22.33
N VAL D 42 -28.87 3.77 -21.18
CA VAL D 42 -29.38 4.37 -19.97
C VAL D 42 -29.29 5.91 -19.97
N THR D 43 -30.39 6.55 -19.55
CA THR D 43 -30.42 8.01 -19.42
C THR D 43 -30.06 8.35 -17.99
N ARG D 44 -29.09 9.26 -17.79
CA ARG D 44 -28.65 9.64 -16.45
C ARG D 44 -28.70 11.16 -16.23
N LYS D 45 -28.92 11.59 -14.99
CA LYS D 45 -28.91 13.02 -14.67
C LYS D 45 -27.49 13.60 -14.64
N TYR D 46 -27.34 14.87 -15.03
CA TYR D 46 -26.03 15.51 -14.96
C TYR D 46 -25.91 16.30 -13.65
N LYS D 47 -24.95 15.93 -12.79
CA LYS D 47 -24.77 16.58 -11.49
C LYS D 47 -23.34 17.11 -11.28
N ILE D 48 -23.23 18.31 -10.70
CA ILE D 48 -21.92 18.90 -10.42
C ILE D 48 -21.81 19.44 -8.99
N LYS D 49 -20.67 19.16 -8.35
CA LYS D 49 -20.38 19.63 -6.99
C LYS D 49 -20.36 21.17 -6.87
N SER D 50 -21.05 21.69 -5.86
CA SER D 50 -21.07 23.14 -5.61
C SER D 50 -21.33 23.50 -4.15
N ASN D 51 -21.06 24.78 -3.80
CA ASN D 51 -21.39 25.33 -2.48
C ASN D 51 -20.96 24.47 -1.28
N PRO D 52 -19.66 24.20 -1.11
CA PRO D 52 -19.10 23.38 -0.04
C PRO D 52 -19.11 24.01 1.33
N LEU D 53 -19.20 23.13 2.32
CA LEU D 53 -19.03 23.50 3.71
C LEU D 53 -17.61 23.19 4.07
N THR D 54 -17.04 23.92 5.02
CA THR D 54 -15.66 23.66 5.37
C THR D 54 -15.39 23.38 6.83
N LYS D 55 -14.42 22.49 7.05
CA LYS D 55 -13.90 22.19 8.38
C LYS D 55 -12.39 22.10 8.34
N ASP D 56 -11.74 22.54 9.41
CA ASP D 56 -10.28 22.47 9.49
C ASP D 56 -9.84 21.27 10.32
N ILE D 57 -8.83 20.57 9.81
CA ILE D 57 -8.26 19.44 10.55
C ILE D 57 -6.74 19.57 10.62
N VAL D 58 -6.16 19.16 11.74
CA VAL D 58 -4.71 19.23 11.91
C VAL D 58 -4.07 17.88 11.69
N ILE D 59 -3.11 17.82 10.77
CA ILE D 59 -2.41 16.57 10.53
C ILE D 59 -0.95 16.72 10.93
N LYS D 60 -0.56 15.97 11.95
CA LYS D 60 0.81 16.00 12.45
C LYS D 60 1.58 14.87 11.80
N MET D 61 2.67 15.22 11.11
CA MET D 61 3.41 14.24 10.35
C MET D 61 4.51 13.58 11.17
N ILE D 62 4.72 14.08 12.37
CA ILE D 62 5.76 13.54 13.22
C ILE D 62 5.11 12.81 14.41
N PRO D 63 5.44 11.54 14.65
CA PRO D 63 4.91 10.74 15.72
C PRO D 63 5.46 11.15 17.08
N ASN D 64 4.70 10.82 18.11
CA ASN D 64 5.08 11.08 19.49
C ASN D 64 5.74 9.84 20.08
N VAL D 65 7.05 9.94 20.31
CA VAL D 65 7.84 8.82 20.79
C VAL D 65 8.38 9.09 22.20
N SER D 66 7.65 9.93 22.94
CA SER D 66 8.06 10.29 24.30
C SER D 66 8.23 9.10 25.26
N ASN D 67 7.41 8.04 25.11
CA ASN D 67 7.42 6.87 25.99
C ASN D 67 8.31 5.73 25.48
N MET D 68 9.20 6.03 24.52
CA MET D 68 10.25 5.14 24.03
C MET D 68 11.47 6.00 23.72
N SER D 69 11.62 7.10 24.46
CA SER D 69 12.65 8.13 24.19
C SER D 69 14.08 7.63 24.29
N GLN D 70 14.29 6.52 24.98
CA GLN D 70 15.64 5.96 25.08
C GLN D 70 16.02 5.06 23.88
N CYS D 71 15.02 4.72 23.03
CA CYS D 71 15.18 3.78 21.92
C CYS D 71 14.88 4.45 20.57
N THR D 72 15.24 5.74 20.41
CA THR D 72 15.07 6.49 19.17
C THR D 72 16.42 6.84 18.55
N GLY D 73 17.48 6.83 19.34
CA GLY D 73 18.80 7.17 18.81
C GLY D 73 18.76 8.58 18.22
N SER D 74 19.25 8.69 16.99
CA SER D 74 19.27 9.94 16.25
C SER D 74 18.23 9.91 15.14
N VAL D 75 17.34 8.90 15.21
CA VAL D 75 16.33 8.69 14.18
C VAL D 75 15.38 9.85 14.06
N MET D 76 14.92 10.39 15.18
CA MET D 76 13.99 11.50 15.13
C MET D 76 14.67 12.76 14.63
N GLU D 77 15.97 12.89 14.90
CA GLU D 77 16.69 14.08 14.45
C GLU D 77 16.82 14.06 12.92
N ASN D 78 17.11 12.88 12.38
CA ASN D 78 17.24 12.72 10.94
C ASN D 78 15.89 12.88 10.28
N TYR D 79 14.85 12.41 10.96
CA TYR D 79 13.49 12.50 10.46
C TYR D 79 13.04 13.94 10.36
N LYS D 80 13.25 14.71 11.43
CA LYS D 80 12.87 16.11 11.43
C LYS D 80 13.55 16.88 10.32
N THR D 81 14.83 16.60 10.09
CA THR D 81 15.56 17.29 9.04
C THR D 81 15.00 16.94 7.67
N ARG D 82 14.78 15.64 7.43
CA ARG D 82 14.29 15.19 6.14
C ARG D 82 12.90 15.73 5.86
N LEU D 83 12.05 15.73 6.89
CA LEU D 83 10.68 16.21 6.79
C LEU D 83 10.64 17.72 6.56
N ASN D 84 11.52 18.46 7.23
CA ASN D 84 11.58 19.90 7.02
C ASN D 84 11.85 20.21 5.54
N GLY D 85 12.65 19.36 4.90
CA GLY D 85 13.00 19.53 3.49
C GLY D 85 11.82 19.25 2.55
N ILE D 86 10.74 18.67 3.09
CA ILE D 86 9.55 18.37 2.32
C ILE D 86 8.52 19.47 2.52
N LEU D 87 8.36 19.89 3.77
CA LEU D 87 7.38 20.90 4.14
C LEU D 87 7.81 22.35 3.87
N THR D 88 9.10 22.65 3.94
CA THR D 88 9.52 24.04 3.78
C THR D 88 9.05 24.66 2.46
N PRO D 89 9.20 24.00 1.29
CA PRO D 89 8.75 24.48 -0.01
C PRO D 89 7.25 24.70 -0.07
N ILE D 90 6.49 24.05 0.82
CA ILE D 90 5.05 24.21 0.83
C ILE D 90 4.74 25.48 1.59
N LYS D 91 5.38 25.64 2.73
CA LYS D 91 5.15 26.84 3.52
C LYS D 91 5.52 28.06 2.69
N GLY D 92 6.64 27.97 1.96
CA GLY D 92 7.11 29.08 1.12
C GLY D 92 6.08 29.44 0.06
N ALA D 93 5.54 28.43 -0.63
CA ALA D 93 4.54 28.66 -1.67
C ALA D 93 3.29 29.32 -1.09
N LEU D 94 2.93 28.97 0.15
CA LEU D 94 1.77 29.55 0.79
C LEU D 94 2.06 30.98 1.23
N GLU D 95 3.29 31.23 1.71
CA GLU D 95 3.70 32.56 2.16
C GLU D 95 3.62 33.58 1.03
N ILE D 96 3.88 33.16 -0.19
CA ILE D 96 3.81 34.10 -1.31
C ILE D 96 2.44 34.74 -1.39
N TYR D 97 1.39 33.95 -1.19
CA TYR D 97 0.06 34.53 -1.18
C TYR D 97 -0.29 35.18 0.16
N LYS D 98 0.07 34.54 1.26
CA LYS D 98 -0.31 35.06 2.58
C LYS D 98 0.26 36.45 2.88
N ASN D 99 1.55 36.66 2.54
CA ASN D 99 2.28 37.90 2.79
C ASN D 99 1.79 39.07 1.92
N ASN D 100 1.05 38.75 0.85
CA ASN D 100 0.57 39.71 -0.14
C ASN D 100 -0.94 39.81 -0.15
N THR D 101 -1.60 39.32 0.90
CA THR D 101 -3.04 39.44 0.97
C THR D 101 -3.41 40.16 2.26
N HIS D 102 -4.27 41.16 2.14
CA HIS D 102 -4.66 42.00 3.26
C HIS D 102 -6.15 42.28 3.30
N ASP D 103 -6.66 42.66 4.46
CA ASP D 103 -8.03 43.13 4.54
C ASP D 103 -8.14 44.43 3.74
N LEU D 104 -9.27 44.63 3.05
CA LEU D 104 -9.53 45.84 2.25
C LEU D 104 -9.54 47.10 3.13
N GLY D 112 -14.19 41.47 1.37
CA GLY D 112 -13.29 42.61 1.23
C GLY D 112 -11.84 42.20 1.48
N VAL D 113 -11.28 41.39 0.55
CA VAL D 113 -9.89 40.93 0.59
C VAL D 113 -9.14 41.43 -0.63
N ILE D 114 -8.03 42.13 -0.39
CA ILE D 114 -7.25 42.71 -1.48
C ILE D 114 -5.87 42.06 -1.59
N MET D 115 -5.51 41.68 -2.82
CA MET D 115 -4.25 41.01 -3.11
C MET D 115 -3.27 41.92 -3.84
N ALA D 116 -1.99 41.81 -3.48
CA ALA D 116 -0.96 42.59 -4.16
C ALA D 116 -0.58 41.92 -5.47
N GLY D 117 -1.32 42.22 -6.53
CA GLY D 117 -1.13 41.57 -7.82
C GLY D 117 0.30 41.75 -8.33
N VAL D 118 0.90 42.89 -8.01
CA VAL D 118 2.27 43.15 -8.44
C VAL D 118 3.25 42.20 -7.78
N ALA D 119 3.08 41.99 -6.47
CA ALA D 119 3.95 41.12 -5.70
C ALA D 119 3.77 39.64 -6.07
N ILE D 120 2.52 39.26 -6.37
CA ILE D 120 2.25 37.88 -6.78
C ILE D 120 2.89 37.69 -8.15
N GLY D 121 2.73 38.69 -8.99
CA GLY D 121 3.34 38.74 -10.31
C GLY D 121 2.58 37.90 -11.32
N ILE D 122 2.70 36.59 -11.19
CA ILE D 122 2.06 35.66 -12.12
C ILE D 122 1.17 34.67 -11.39
N ALA D 123 -0.08 34.56 -11.83
CA ALA D 123 -1.02 33.61 -11.24
C ALA D 123 -2.16 33.27 -12.20
N THR D 124 -2.73 32.09 -12.02
CA THR D 124 -3.91 31.68 -12.77
C THR D 124 -5.15 32.09 -11.99
N ALA D 125 -6.31 32.05 -12.63
CA ALA D 125 -7.55 32.42 -11.93
C ALA D 125 -7.79 31.52 -10.74
N ALA D 126 -7.47 30.23 -10.89
CA ALA D 126 -7.68 29.27 -9.81
C ALA D 126 -6.82 29.59 -8.60
N GLN D 127 -5.57 29.97 -8.85
CA GLN D 127 -4.65 30.33 -7.79
C GLN D 127 -5.10 31.59 -7.06
N ILE D 128 -5.60 32.56 -7.85
CA ILE D 128 -6.01 33.84 -7.32
C ILE D 128 -7.19 33.70 -6.37
N THR D 129 -8.22 32.96 -6.78
CA THR D 129 -9.37 32.79 -5.92
C THR D 129 -9.00 31.91 -4.72
N ALA D 130 -8.10 30.96 -4.95
CA ALA D 130 -7.61 30.10 -3.88
C ALA D 130 -6.77 30.91 -2.89
N GLY D 131 -6.04 31.90 -3.39
CA GLY D 131 -5.21 32.76 -2.56
C GLY D 131 -6.07 33.49 -1.54
N VAL D 132 -7.27 33.92 -1.98
CA VAL D 132 -8.20 34.56 -1.07
C VAL D 132 -8.73 33.56 -0.05
N ALA D 133 -9.10 32.37 -0.52
CA ALA D 133 -9.60 31.34 0.39
C ALA D 133 -8.54 31.01 1.44
N LEU D 134 -7.27 31.00 1.03
CA LEU D 134 -6.16 30.73 1.91
C LEU D 134 -6.08 31.80 2.98
N TYR D 135 -6.13 33.06 2.55
CA TYR D 135 -6.08 34.19 3.46
C TYR D 135 -7.20 34.17 4.48
N GLU D 136 -8.43 33.96 4.02
CA GLU D 136 -9.57 33.94 4.92
C GLU D 136 -9.45 32.78 5.90
N ALA D 137 -8.98 31.63 5.40
CA ALA D 137 -8.79 30.45 6.23
C ALA D 137 -7.78 30.67 7.34
N MET D 138 -6.79 31.53 7.10
CA MET D 138 -5.78 31.84 8.11
C MET D 138 -6.41 32.32 9.39
N LYS D 139 -7.53 33.02 9.29
CA LYS D 139 -8.15 33.59 10.47
C LYS D 139 -8.58 32.51 11.45
N ASN D 140 -8.94 31.31 10.96
CA ASN D 140 -9.28 30.25 11.88
C ASN D 140 -8.02 29.46 12.24
N ALA D 141 -7.06 29.40 11.32
CA ALA D 141 -5.81 28.69 11.61
C ALA D 141 -5.15 29.31 12.84
N ASP D 142 -5.29 30.63 12.97
CA ASP D 142 -4.76 31.38 14.11
C ASP D 142 -5.42 30.97 15.43
N ASN D 143 -6.63 30.40 15.37
CA ASN D 143 -7.33 29.96 16.57
C ASN D 143 -6.84 28.57 16.91
N ILE D 144 -6.64 27.75 15.89
CA ILE D 144 -6.17 26.39 16.03
C ILE D 144 -4.79 26.39 16.65
N ASN D 145 -3.97 27.34 16.22
CA ASN D 145 -2.59 27.46 16.67
C ASN D 145 -2.48 27.83 18.16
N LYS D 146 -3.60 28.22 18.79
CA LYS D 146 -3.58 28.55 20.21
C LYS D 146 -3.48 27.27 21.01
N LEU D 147 -3.71 26.14 20.34
CA LEU D 147 -3.60 24.82 20.92
C LEU D 147 -2.33 24.14 20.48
N LYS D 148 -1.36 24.91 19.98
CA LYS D 148 -0.11 24.33 19.49
C LYS D 148 0.49 23.34 20.47
N SER D 149 0.45 23.65 21.77
CA SER D 149 1.02 22.74 22.76
C SER D 149 0.21 21.45 22.92
N SER D 150 -1.09 21.51 22.62
CA SER D 150 -1.95 20.32 22.72
C SER D 150 -1.73 19.46 21.48
N ILE D 151 -1.41 20.11 20.37
CA ILE D 151 -1.14 19.43 19.12
C ILE D 151 0.18 18.67 19.25
N GLU D 152 1.20 19.33 19.81
CA GLU D 152 2.49 18.70 20.06
C GLU D 152 2.40 17.56 21.07
N SER D 153 1.57 17.75 22.10
CA SER D 153 1.41 16.77 23.16
C SER D 153 0.62 15.54 22.74
N THR D 154 -0.24 15.68 21.73
CA THR D 154 -1.03 14.55 21.24
C THR D 154 -0.17 13.31 21.06
N ASN D 155 -0.61 12.22 21.72
CA ASN D 155 0.06 10.93 21.61
C ASN D 155 -0.88 9.82 21.13
N GLU D 156 -2.10 10.19 20.75
CA GLU D 156 -3.04 9.22 20.20
C GLU D 156 -3.13 9.48 18.71
N ALA D 157 -3.49 8.48 17.94
CA ALA D 157 -3.63 8.68 16.50
C ALA D 157 -4.69 9.72 16.20
N VAL D 158 -5.77 9.73 16.99
CA VAL D 158 -6.83 10.72 16.79
C VAL D 158 -7.21 11.41 18.10
N VAL D 159 -7.10 12.73 18.13
CA VAL D 159 -7.51 13.51 19.31
C VAL D 159 -8.45 14.65 18.99
N LYS D 160 -9.56 14.69 19.72
CA LYS D 160 -10.53 15.77 19.59
C LYS D 160 -10.21 16.88 20.60
N LEU D 161 -9.83 18.04 20.11
CA LEU D 161 -9.48 19.14 21.00
C LEU D 161 -10.59 20.18 21.02
N GLN D 162 -10.97 20.58 22.23
CA GLN D 162 -12.01 21.57 22.42
C GLN D 162 -11.39 22.94 22.61
N GLU D 163 -11.63 23.85 21.66
CA GLU D 163 -11.03 25.18 21.74
C GLU D 163 -11.86 26.06 22.66
N THR D 164 -13.17 26.07 22.43
CA THR D 164 -14.10 26.89 23.21
C THR D 164 -15.45 26.19 23.39
N ALA D 165 -15.46 24.87 23.25
CA ALA D 165 -16.68 24.03 23.25
C ALA D 165 -17.45 24.18 21.93
N GLU D 166 -17.73 25.42 21.54
CA GLU D 166 -18.41 25.70 20.28
C GLU D 166 -17.48 25.36 19.11
N LYS D 167 -16.19 25.60 19.32
CA LYS D 167 -15.17 25.30 18.32
C LYS D 167 -14.40 24.04 18.70
N THR D 168 -14.36 23.09 17.76
CA THR D 168 -13.65 21.82 17.93
C THR D 168 -12.72 21.57 16.75
N VAL D 169 -11.49 21.17 17.03
CA VAL D 169 -10.54 20.81 15.99
C VAL D 169 -9.97 19.43 16.26
N TYR D 170 -9.80 18.64 15.22
CA TYR D 170 -9.24 17.31 15.40
C TYR D 170 -7.79 17.25 14.98
N VAL D 171 -7.00 16.47 15.72
CA VAL D 171 -5.61 16.25 15.38
C VAL D 171 -5.38 14.79 15.03
N LEU D 172 -4.83 14.56 13.86
CA LEU D 172 -4.48 13.21 13.39
C LEU D 172 -2.96 13.07 13.42
N THR D 173 -2.44 11.99 13.99
CA THR D 173 -0.99 11.84 14.06
C THR D 173 -0.46 10.64 13.28
N ALA D 174 0.47 10.89 12.37
CA ALA D 174 1.06 9.86 11.54
C ALA D 174 1.81 8.82 12.37
N LEU D 175 1.61 7.55 12.01
CA LEU D 175 2.29 6.42 12.64
C LEU D 175 2.08 6.29 14.14
N GLN D 176 1.16 7.06 14.71
CA GLN D 176 1.02 7.00 16.16
C GLN D 176 0.44 5.67 16.62
N ASP D 177 -0.43 5.08 15.80
CA ASP D 177 -1.05 3.83 16.18
C ASP D 177 -0.03 2.71 16.09
N TYR D 178 0.80 2.78 15.06
CA TYR D 178 1.87 1.83 14.86
C TYR D 178 2.77 1.81 16.08
N ILE D 179 3.18 2.98 16.53
CA ILE D 179 4.10 3.10 17.65
C ILE D 179 3.45 2.63 18.95
N ASN D 180 2.20 3.05 19.18
CA ASN D 180 1.50 2.70 20.42
C ASN D 180 1.25 1.19 20.54
N THR D 181 1.13 0.48 19.41
CA THR D 181 0.87 -0.96 19.44
C THR D 181 2.10 -1.83 19.16
N ASN D 182 3.05 -1.34 18.37
CA ASN D 182 4.20 -2.18 17.97
C ASN D 182 5.56 -1.80 18.57
N LEU D 183 5.74 -0.59 19.13
CA LEU D 183 7.05 -0.25 19.66
C LEU D 183 7.00 -0.03 21.18
N VAL D 184 6.02 0.74 21.64
CA VAL D 184 5.92 1.02 23.06
C VAL D 184 5.68 -0.25 23.91
N PRO D 185 4.73 -1.13 23.56
CA PRO D 185 4.43 -2.32 24.32
C PRO D 185 5.42 -3.44 24.06
N THR D 186 6.46 -3.17 23.24
CA THR D 186 7.42 -4.21 22.91
C THR D 186 8.73 -3.95 23.61
N ILE D 187 8.72 -3.03 24.58
CA ILE D 187 9.94 -2.69 25.30
C ILE D 187 10.77 -3.85 25.85
N ASP D 188 10.14 -4.87 26.45
CA ASP D 188 10.90 -6.06 26.87
C ASP D 188 10.55 -7.34 26.02
N LYS D 189 10.25 -7.06 24.75
CA LYS D 189 9.89 -8.13 23.82
C LYS D 189 11.03 -8.14 22.83
N ILE D 190 11.45 -6.95 22.43
CA ILE D 190 12.54 -6.79 21.48
C ILE D 190 13.57 -5.90 22.12
N SER D 191 14.78 -5.92 21.59
CA SER D 191 15.83 -5.08 22.16
C SER D 191 15.53 -3.61 21.85
N CYS D 192 16.18 -2.71 22.60
CA CYS D 192 16.04 -1.26 22.43
C CYS D 192 16.52 -0.81 21.03
N LYS D 193 17.67 -1.36 20.56
CA LYS D 193 18.21 -1.06 19.23
C LYS D 193 17.26 -1.58 18.13
N GLN D 194 16.67 -2.76 18.33
CA GLN D 194 15.74 -3.28 17.34
C GLN D 194 14.51 -2.38 17.27
N THR D 195 14.10 -1.84 18.41
CA THR D 195 12.96 -0.93 18.46
C THR D 195 13.28 0.33 17.66
N GLU D 196 14.50 0.84 17.84
CA GLU D 196 14.99 2.01 17.10
C GLU D 196 14.98 1.78 15.59
N LEU D 197 15.45 0.60 15.17
CA LEU D 197 15.48 0.27 13.75
C LEU D 197 14.08 0.20 13.17
N SER D 198 13.14 -0.37 13.93
CA SER D 198 11.76 -0.46 13.47
C SER D 198 11.13 0.92 13.36
N LEU D 199 11.46 1.83 14.28
CA LEU D 199 10.97 3.21 14.19
C LEU D 199 11.50 3.88 12.95
N ASP D 200 12.81 3.71 12.69
CA ASP D 200 13.45 4.35 11.55
C ASP D 200 12.83 3.88 10.24
N LEU D 201 12.55 2.58 10.14
CA LEU D 201 11.93 2.05 8.94
C LEU D 201 10.49 2.51 8.79
N ALA D 202 9.75 2.58 9.88
CA ALA D 202 8.36 3.05 9.81
C ALA D 202 8.31 4.49 9.33
N LEU D 203 9.25 5.31 9.81
CA LEU D 203 9.33 6.71 9.43
C LEU D 203 9.74 6.85 7.97
N SER D 204 10.69 6.03 7.54
CA SER D 204 11.17 6.09 6.17
C SER D 204 10.10 5.63 5.19
N LYS D 205 9.34 4.59 5.55
CA LYS D 205 8.27 4.12 4.70
C LYS D 205 7.18 5.19 4.60
N TYR D 206 6.88 5.84 5.72
CA TYR D 206 5.91 6.92 5.73
C TYR D 206 6.31 7.99 4.73
N LEU D 207 7.58 8.43 4.79
CA LEU D 207 8.04 9.49 3.89
C LEU D 207 8.03 9.01 2.44
N SER D 208 8.36 7.74 2.22
CA SER D 208 8.38 7.20 0.87
C SER D 208 7.02 7.41 0.19
N ASP D 209 5.95 7.22 0.96
CA ASP D 209 4.63 7.43 0.39
C ASP D 209 4.21 8.91 0.45
N LEU D 210 4.64 9.62 1.49
CA LEU D 210 4.29 11.02 1.67
C LEU D 210 4.75 11.86 0.48
N LEU D 211 5.94 11.53 -0.01
CA LEU D 211 6.61 12.22 -1.11
C LEU D 211 5.87 12.18 -2.43
N PHE D 212 4.93 11.24 -2.59
CA PHE D 212 4.21 11.19 -3.85
C PHE D 212 3.14 12.28 -3.91
N VAL D 213 2.81 12.85 -2.75
CA VAL D 213 1.76 13.86 -2.65
C VAL D 213 2.29 15.23 -2.21
N PHE D 214 3.12 15.23 -1.17
CA PHE D 214 3.61 16.48 -0.56
C PHE D 214 5.04 16.79 -0.97
N GLY D 215 5.53 16.05 -1.95
CA GLY D 215 6.89 16.21 -2.45
C GLY D 215 6.88 17.26 -3.56
N PRO D 216 7.94 17.29 -4.39
CA PRO D 216 8.19 18.22 -5.49
C PRO D 216 7.04 18.32 -6.50
N ASN D 217 6.20 17.30 -6.55
CA ASN D 217 5.06 17.29 -7.45
C ASN D 217 4.01 18.33 -7.04
N LEU D 218 4.03 18.73 -5.76
CA LEU D 218 3.06 19.69 -5.26
C LEU D 218 3.57 21.10 -5.49
N GLN D 219 3.63 21.47 -6.77
CA GLN D 219 4.11 22.79 -7.19
C GLN D 219 3.13 23.88 -6.81
N ASP D 220 1.90 23.48 -6.51
CA ASP D 220 0.85 24.41 -6.15
C ASP D 220 -0.04 23.88 -5.03
N PRO D 221 0.30 24.17 -3.76
CA PRO D 221 -0.43 23.82 -2.56
C PRO D 221 -1.48 24.88 -2.23
N VAL D 222 -1.63 25.88 -3.11
CA VAL D 222 -2.54 26.99 -2.86
C VAL D 222 -3.90 26.63 -3.42
N SER D 223 -3.93 26.18 -4.67
CA SER D 223 -5.18 25.83 -5.31
C SER D 223 -5.92 24.76 -4.51
N ASN D 224 -7.21 24.98 -4.27
CA ASN D 224 -8.02 24.05 -3.49
C ASN D 224 -8.64 23.03 -4.45
N SER D 225 -7.80 22.16 -4.99
CA SER D 225 -8.21 21.14 -5.95
C SER D 225 -7.54 19.81 -5.61
N MET D 226 -6.89 19.76 -4.45
CA MET D 226 -6.15 18.57 -4.03
C MET D 226 -7.10 17.56 -3.40
N THR D 227 -7.24 16.40 -4.03
CA THR D 227 -8.22 15.41 -3.58
C THR D 227 -7.90 14.89 -2.18
N ILE D 228 -8.93 14.66 -1.38
CA ILE D 228 -8.73 14.24 0.00
C ILE D 228 -8.01 12.90 0.14
N GLN D 229 -8.17 12.00 -0.83
CA GLN D 229 -7.47 10.71 -0.80
C GLN D 229 -5.95 10.88 -0.93
N ALA D 230 -5.51 12.03 -1.45
CA ALA D 230 -4.08 12.32 -1.59
C ALA D 230 -3.57 12.95 -0.31
N ILE D 231 -4.38 13.85 0.25
CA ILE D 231 -4.00 14.55 1.47
C ILE D 231 -3.82 13.56 2.61
N SER D 232 -4.72 12.57 2.64
CA SER D 232 -4.77 11.55 3.67
C SER D 232 -3.51 10.69 3.72
N GLN D 233 -2.64 10.79 2.71
CA GLN D 233 -1.39 10.03 2.72
C GLN D 233 -0.55 10.49 3.92
N ALA D 234 -0.78 11.73 4.35
CA ALA D 234 -0.11 12.30 5.51
C ALA D 234 -0.52 11.57 6.79
N PHE D 235 -1.62 10.82 6.72
CA PHE D 235 -2.12 10.02 7.82
C PHE D 235 -2.21 8.54 7.39
N GLY D 236 -1.27 8.12 6.55
CA GLY D 236 -1.16 6.71 6.14
C GLY D 236 -2.08 6.32 5.00
N GLY D 237 -2.79 7.28 4.44
CA GLY D 237 -3.74 7.04 3.37
C GLY D 237 -5.11 6.70 3.95
N ASN D 238 -5.24 6.84 5.26
CA ASN D 238 -6.49 6.49 5.91
C ASN D 238 -7.49 7.64 5.86
N TYR D 239 -8.05 7.86 4.66
CA TYR D 239 -8.99 8.94 4.44
C TYR D 239 -10.34 8.65 5.06
N GLU D 240 -10.66 7.37 5.26
CA GLU D 240 -11.94 7.04 5.89
C GLU D 240 -11.97 7.55 7.32
N THR D 241 -10.85 7.40 8.05
CA THR D 241 -10.80 7.91 9.41
C THR D 241 -10.91 9.43 9.40
N LEU D 242 -10.16 10.07 8.51
CA LEU D 242 -10.15 11.52 8.43
C LEU D 242 -11.56 12.05 8.23
N LEU D 243 -12.27 11.47 7.28
CA LEU D 243 -13.60 11.95 6.95
C LEU D 243 -14.61 11.66 8.06
N ARG D 244 -14.56 10.48 8.67
CA ARG D 244 -15.50 10.18 9.76
C ARG D 244 -15.28 11.16 10.90
N THR D 245 -14.02 11.46 11.15
CA THR D 245 -13.60 12.39 12.19
C THR D 245 -14.29 13.75 12.00
N LEU D 246 -14.42 14.19 10.75
CA LEU D 246 -15.05 15.46 10.44
C LEU D 246 -16.58 15.42 10.33
N GLY D 247 -17.19 14.25 10.53
CA GLY D 247 -18.66 14.13 10.53
C GLY D 247 -19.31 14.02 9.14
N TYR D 248 -19.14 15.06 8.33
CA TYR D 248 -19.66 15.21 6.96
C TYR D 248 -21.18 15.05 6.85
N ALA D 249 -21.70 15.17 5.61
CA ALA D 249 -23.11 14.99 5.30
C ALA D 249 -23.27 13.74 4.46
N THR D 250 -24.36 12.99 4.68
CA THR D 250 -24.51 11.66 4.08
C THR D 250 -25.45 11.57 2.89
N GLU D 251 -25.88 12.68 2.30
CA GLU D 251 -26.86 12.59 1.22
C GLU D 251 -26.34 11.74 0.06
N ASP D 252 -25.09 11.96 -0.32
CA ASP D 252 -24.42 11.22 -1.40
C ASP D 252 -22.90 11.27 -1.21
N PHE D 253 -22.48 11.00 0.03
CA PHE D 253 -21.08 11.04 0.45
C PHE D 253 -20.14 10.18 -0.39
N ASP D 254 -20.57 8.97 -0.71
CA ASP D 254 -19.67 8.07 -1.40
C ASP D 254 -19.47 8.49 -2.85
N ASP D 255 -20.48 9.11 -3.46
CA ASP D 255 -20.36 9.58 -4.83
C ASP D 255 -19.40 10.77 -4.86
N LEU D 256 -19.47 11.61 -3.84
CA LEU D 256 -18.58 12.75 -3.74
C LEU D 256 -17.13 12.30 -3.66
N LEU D 257 -16.86 11.22 -2.94
CA LEU D 257 -15.48 10.76 -2.85
C LEU D 257 -14.93 10.18 -4.13
N GLU D 258 -15.69 9.32 -4.81
CA GLU D 258 -15.13 8.69 -6.01
C GLU D 258 -14.99 9.66 -7.16
N SER D 259 -15.83 10.68 -7.20
CA SER D 259 -15.77 11.71 -8.23
C SER D 259 -14.71 12.77 -7.93
N ASP D 260 -14.00 12.63 -6.79
CA ASP D 260 -13.01 13.61 -6.34
C ASP D 260 -13.60 15.01 -6.15
N SER D 261 -14.80 15.06 -5.56
CA SER D 261 -15.44 16.33 -5.25
C SER D 261 -14.99 16.85 -3.89
N ILE D 262 -14.62 15.92 -2.99
CA ILE D 262 -14.14 16.30 -1.66
C ILE D 262 -12.63 16.47 -1.72
N THR D 263 -12.21 17.69 -1.46
CA THR D 263 -10.83 18.12 -1.61
C THR D 263 -10.40 18.92 -0.40
N GLY D 264 -9.12 19.21 -0.30
CA GLY D 264 -8.66 20.08 0.75
C GLY D 264 -7.62 21.05 0.27
N GLN D 265 -7.29 21.99 1.14
CA GLN D 265 -6.30 23.03 0.88
C GLN D 265 -5.34 23.13 2.06
N ILE D 266 -4.05 23.26 1.80
CA ILE D 266 -3.15 23.39 2.94
C ILE D 266 -3.14 24.85 3.35
N ILE D 267 -3.54 25.11 4.58
CA ILE D 267 -3.68 26.47 5.06
C ILE D 267 -2.46 26.92 5.82
N TYR D 268 -1.94 26.05 6.67
CA TYR D 268 -0.81 26.42 7.52
C TYR D 268 0.20 25.30 7.69
N VAL D 269 1.48 25.65 7.62
CA VAL D 269 2.54 24.69 7.83
C VAL D 269 3.43 25.12 8.99
N ASP D 270 3.58 24.25 9.99
CA ASP D 270 4.43 24.54 11.13
C ASP D 270 5.70 23.69 11.07
N LEU D 271 6.81 24.34 10.75
CA LEU D 271 8.08 23.65 10.51
C LEU D 271 8.87 23.40 11.78
N SER D 272 8.34 23.83 12.92
CA SER D 272 9.01 23.58 14.19
C SER D 272 8.35 22.40 14.88
N SER D 273 7.05 22.25 14.61
CA SER D 273 6.25 21.19 15.21
C SER D 273 5.88 20.09 14.21
N TYR D 274 6.15 20.35 12.93
CA TYR D 274 5.93 19.40 11.83
C TYR D 274 4.49 18.95 11.66
N TYR D 275 3.57 19.91 11.68
CA TYR D 275 2.16 19.61 11.42
C TYR D 275 1.61 20.61 10.42
N ILE D 276 0.54 20.23 9.75
CA ILE D 276 -0.12 21.14 8.84
C ILE D 276 -1.61 21.26 9.16
N ILE D 277 -2.19 22.40 8.80
CA ILE D 277 -3.63 22.58 8.94
C ILE D 277 -4.25 22.53 7.56
N VAL D 278 -5.20 21.62 7.40
CA VAL D 278 -5.86 21.41 6.14
C VAL D 278 -7.34 21.74 6.21
N ARG D 279 -7.80 22.54 5.26
CA ARG D 279 -9.21 22.87 5.18
C ARG D 279 -9.85 21.89 4.22
N VAL D 280 -10.84 21.15 4.70
CA VAL D 280 -11.50 20.15 3.89
C VAL D 280 -12.86 20.65 3.42
N TYR D 281 -13.05 20.63 2.12
CA TYR D 281 -14.24 21.13 1.46
C TYR D 281 -15.21 19.99 1.17
N PHE D 282 -16.46 20.16 1.59
CA PHE D 282 -17.52 19.18 1.41
C PHE D 282 -18.70 19.75 0.60
N PRO D 283 -18.63 19.71 -0.74
CA PRO D 283 -19.60 20.23 -1.69
C PRO D 283 -20.84 19.38 -1.73
N ILE D 284 -21.92 19.96 -2.21
CA ILE D 284 -23.16 19.27 -2.39
C ILE D 284 -23.39 19.09 -3.88
N LEU D 285 -23.71 17.88 -4.29
CA LEU D 285 -23.93 17.68 -5.71
C LEU D 285 -25.32 18.16 -6.04
N THR D 286 -25.42 19.05 -7.02
CA THR D 286 -26.73 19.55 -7.39
C THR D 286 -27.08 19.09 -8.79
N GLU D 287 -28.37 18.93 -9.03
CA GLU D 287 -28.86 18.52 -10.33
C GLU D 287 -29.04 19.71 -11.23
N ILE D 288 -28.70 19.53 -12.50
CA ILE D 288 -28.96 20.56 -13.48
C ILE D 288 -30.31 20.27 -14.08
N GLN D 289 -31.24 21.19 -13.89
CA GLN D 289 -32.64 20.93 -14.19
C GLN D 289 -32.90 20.59 -15.65
N GLN D 290 -32.10 21.15 -16.54
CA GLN D 290 -32.28 20.91 -17.96
C GLN D 290 -31.18 20.06 -18.59
N ALA D 291 -30.41 19.33 -17.79
CA ALA D 291 -29.31 18.58 -18.39
C ALA D 291 -29.28 17.10 -18.01
N TYR D 292 -29.00 16.29 -19.03
CA TYR D 292 -28.87 14.85 -18.86
C TYR D 292 -27.82 14.28 -19.81
N ILE D 293 -27.32 13.11 -19.48
CA ILE D 293 -26.39 12.40 -20.33
C ILE D 293 -26.99 11.08 -20.81
N GLN D 294 -26.99 10.91 -22.12
CA GLN D 294 -27.53 9.71 -22.71
C GLN D 294 -26.42 8.76 -23.14
N GLU D 295 -26.45 7.55 -22.64
CA GLU D 295 -25.49 6.54 -23.07
C GLU D 295 -26.02 5.78 -24.27
N LEU D 296 -25.18 5.61 -25.28
CA LEU D 296 -25.52 4.76 -26.42
C LEU D 296 -24.75 3.46 -26.25
N LEU D 297 -25.33 2.36 -26.70
CA LEU D 297 -24.67 1.06 -26.60
C LEU D 297 -24.20 0.60 -28.00
N PRO D 298 -22.89 0.61 -28.28
CA PRO D 298 -22.30 0.22 -29.55
C PRO D 298 -22.61 -1.24 -29.88
N VAL D 299 -23.09 -1.47 -31.10
CA VAL D 299 -23.37 -2.80 -31.62
C VAL D 299 -22.79 -2.94 -33.03
N SER D 300 -21.99 -3.97 -33.26
CA SER D 300 -21.44 -4.17 -34.60
C SER D 300 -22.56 -4.44 -35.57
N PHE D 301 -22.48 -3.89 -36.77
CA PHE D 301 -23.54 -4.08 -37.75
C PHE D 301 -22.99 -4.47 -39.12
N ASN D 302 -23.84 -5.08 -39.93
CA ASN D 302 -23.45 -5.50 -41.27
C ASN D 302 -23.52 -4.41 -42.33
N ASN D 303 -22.51 -4.38 -43.17
CA ASN D 303 -22.48 -3.54 -44.37
C ASN D 303 -21.61 -4.24 -45.40
N ASP D 304 -22.07 -4.30 -46.65
CA ASP D 304 -21.35 -5.04 -47.68
C ASP D 304 -21.13 -6.47 -47.20
N ASP D 305 -19.88 -6.88 -47.00
CA ASP D 305 -19.58 -8.24 -46.56
C ASP D 305 -18.66 -8.25 -45.35
N SER D 306 -18.82 -7.26 -44.47
CA SER D 306 -18.00 -7.16 -43.27
C SER D 306 -18.73 -6.48 -42.11
N GLU D 307 -18.15 -6.61 -40.91
CA GLU D 307 -18.67 -5.96 -39.71
C GLU D 307 -18.11 -4.55 -39.55
N TRP D 308 -18.98 -3.62 -39.14
CA TRP D 308 -18.61 -2.22 -38.90
C TRP D 308 -19.13 -1.72 -37.56
N ILE D 309 -18.42 -0.76 -36.97
CA ILE D 309 -18.89 -0.16 -35.73
C ILE D 309 -18.87 1.37 -35.87
N SER D 310 -19.98 2.01 -35.55
CA SER D 310 -20.05 3.47 -35.69
C SER D 310 -19.26 4.19 -34.62
N ILE D 311 -18.52 5.21 -35.04
CA ILE D 311 -17.70 6.00 -34.13
C ILE D 311 -18.41 7.30 -33.78
N VAL D 312 -19.23 7.22 -32.76
CA VAL D 312 -20.07 8.31 -32.27
C VAL D 312 -19.85 8.32 -30.75
N PRO D 313 -19.87 9.47 -30.06
CA PRO D 313 -19.65 9.54 -28.63
C PRO D 313 -20.60 8.60 -27.92
N ASN D 314 -20.08 7.85 -26.94
CA ASN D 314 -20.90 6.91 -26.20
C ASN D 314 -21.77 7.64 -25.19
N PHE D 315 -21.24 8.73 -24.66
CA PHE D 315 -21.95 9.54 -23.69
C PHE D 315 -22.19 10.92 -24.25
N ILE D 316 -23.46 11.23 -24.51
CA ILE D 316 -23.83 12.49 -25.13
C ILE D 316 -24.52 13.38 -24.13
N LEU D 317 -24.02 14.60 -24.01
CA LEU D 317 -24.57 15.54 -23.05
C LEU D 317 -25.58 16.47 -23.72
N VAL D 318 -26.78 16.51 -23.16
CA VAL D 318 -27.80 17.38 -23.70
C VAL D 318 -28.22 18.38 -22.65
N ARG D 319 -28.11 19.66 -23.01
CA ARG D 319 -28.48 20.74 -22.10
C ARG D 319 -29.44 21.68 -22.80
N ASN D 320 -30.68 21.74 -22.31
CA ASN D 320 -31.72 22.49 -23.00
C ASN D 320 -31.91 21.89 -24.39
N THR D 321 -31.60 22.67 -25.43
CA THR D 321 -31.75 22.21 -26.81
C THR D 321 -30.42 21.96 -27.50
N LEU D 322 -29.32 22.03 -26.74
CA LEU D 322 -27.99 21.86 -27.31
C LEU D 322 -27.39 20.48 -27.06
N ILE D 323 -26.98 19.84 -28.14
CA ILE D 323 -26.30 18.55 -28.07
C ILE D 323 -24.80 18.81 -28.10
N SER D 324 -24.09 18.33 -27.08
CA SER D 324 -22.66 18.54 -26.97
C SER D 324 -21.95 17.34 -26.37
N ASN D 325 -20.62 17.42 -26.28
CA ASN D 325 -19.82 16.34 -25.75
C ASN D 325 -19.47 16.54 -24.28
N ILE D 326 -18.77 15.58 -23.71
CA ILE D 326 -18.32 15.65 -22.33
C ILE D 326 -17.13 14.76 -22.06
N GLU D 327 -16.18 15.24 -21.27
CA GLU D 327 -15.05 14.40 -20.88
C GLU D 327 -15.44 13.58 -19.67
N ILE D 328 -16.33 12.63 -19.91
CA ILE D 328 -16.93 11.82 -18.85
C ILE D 328 -15.91 10.90 -18.20
N GLY D 329 -14.75 10.75 -18.84
CA GLY D 329 -13.67 9.91 -18.32
C GLY D 329 -13.15 10.43 -16.98
N PHE D 330 -13.50 11.68 -16.65
CA PHE D 330 -13.14 12.27 -15.37
C PHE D 330 -14.30 12.34 -14.35
N CYS D 331 -15.44 11.67 -14.66
CA CYS D 331 -16.66 11.69 -13.85
C CYS D 331 -17.00 10.27 -13.35
N LEU D 332 -17.79 10.20 -12.27
CA LEU D 332 -18.31 8.96 -11.71
C LEU D 332 -19.65 8.60 -12.34
N ILE D 333 -19.77 7.37 -12.83
CA ILE D 333 -21.01 6.95 -13.45
C ILE D 333 -21.74 5.95 -12.57
N THR D 334 -22.97 6.28 -12.21
CA THR D 334 -23.79 5.44 -11.36
C THR D 334 -25.05 5.06 -12.14
N LYS D 335 -25.96 4.32 -11.51
CA LYS D 335 -27.17 3.89 -12.19
C LYS D 335 -28.11 5.05 -12.54
N ARG D 336 -28.15 6.08 -11.71
CA ARG D 336 -29.10 7.17 -11.92
C ARG D 336 -28.49 8.48 -12.41
N SER D 337 -27.20 8.68 -12.17
CA SER D 337 -26.58 9.96 -12.48
C SER D 337 -25.09 9.88 -12.81
N VAL D 338 -24.60 10.95 -13.42
CA VAL D 338 -23.19 11.12 -13.66
C VAL D 338 -22.70 12.25 -12.76
N ILE D 339 -21.76 11.92 -11.89
CA ILE D 339 -21.29 12.87 -10.89
C ILE D 339 -19.90 13.40 -11.25
N CYS D 340 -19.82 14.72 -11.50
CA CYS D 340 -18.60 15.38 -11.90
C CYS D 340 -18.19 16.40 -10.82
N ASN D 341 -16.88 16.61 -10.65
CA ASN D 341 -16.33 17.57 -9.69
C ASN D 341 -16.08 18.93 -10.32
N GLN D 342 -16.55 19.07 -11.55
CA GLN D 342 -16.50 20.31 -12.32
C GLN D 342 -17.30 20.09 -13.59
N ASP D 343 -17.52 21.13 -14.36
CA ASP D 343 -18.20 21.01 -15.64
C ASP D 343 -17.24 20.53 -16.73
N TYR D 344 -17.50 19.34 -17.28
CA TYR D 344 -16.64 18.74 -18.29
C TYR D 344 -17.24 18.80 -19.70
N ALA D 345 -18.25 19.64 -19.90
CA ALA D 345 -18.87 19.74 -21.22
C ALA D 345 -17.88 20.25 -22.25
N THR D 346 -17.91 19.67 -23.45
CA THR D 346 -17.04 20.12 -24.54
C THR D 346 -17.87 20.27 -25.83
N PRO D 347 -17.38 21.00 -26.83
CA PRO D 347 -17.98 21.18 -28.13
C PRO D 347 -18.12 19.89 -28.91
N MET D 348 -19.04 19.91 -29.84
CA MET D 348 -19.33 18.85 -30.79
C MET D 348 -19.37 19.48 -32.17
N THR D 349 -18.93 18.76 -33.20
CA THR D 349 -18.96 19.31 -34.55
C THR D 349 -20.38 19.34 -35.08
N ASN D 350 -20.59 20.11 -36.14
CA ASN D 350 -21.90 20.16 -36.76
C ASN D 350 -22.23 18.86 -37.46
N ASN D 351 -21.21 18.17 -37.95
CA ASN D 351 -21.42 16.92 -38.66
C ASN D 351 -21.84 15.81 -37.70
N MET D 352 -21.30 15.85 -36.47
CA MET D 352 -21.68 14.85 -35.49
C MET D 352 -23.05 15.16 -34.94
N ARG D 353 -23.36 16.45 -34.82
CA ARG D 353 -24.67 16.82 -34.32
C ARG D 353 -25.74 16.39 -35.33
N GLU D 354 -25.48 16.60 -36.63
CA GLU D 354 -26.42 16.15 -37.65
C GLU D 354 -26.57 14.62 -37.67
N CYS D 355 -25.45 13.87 -37.48
CA CYS D 355 -25.44 12.41 -37.32
C CYS D 355 -26.45 11.98 -36.24
N LEU D 356 -26.33 12.60 -35.06
CA LEU D 356 -27.16 12.33 -33.90
C LEU D 356 -28.62 12.69 -34.06
N THR D 357 -28.93 13.67 -34.91
CA THR D 357 -30.31 14.06 -35.13
C THR D 357 -30.93 13.38 -36.37
N GLY D 358 -30.24 12.38 -36.96
CA GLY D 358 -30.83 11.60 -38.04
C GLY D 358 -30.12 11.59 -39.39
N SER D 359 -29.12 12.45 -39.60
CA SER D 359 -28.41 12.45 -40.89
C SER D 359 -27.30 11.41 -40.84
N THR D 360 -27.67 10.14 -40.92
CA THR D 360 -26.75 9.05 -40.68
C THR D 360 -25.71 8.88 -41.79
N GLU D 361 -25.92 9.56 -42.92
CA GLU D 361 -24.95 9.53 -44.00
C GLU D 361 -23.65 10.24 -43.58
N LYS D 362 -23.71 11.00 -42.49
CA LYS D 362 -22.54 11.67 -41.92
C LYS D 362 -21.97 11.00 -40.65
N CYS D 363 -22.48 9.80 -40.27
CA CYS D 363 -21.99 9.06 -39.10
C CYS D 363 -20.79 8.17 -39.54
N PRO D 364 -19.54 8.40 -39.05
CA PRO D 364 -18.34 7.67 -39.44
C PRO D 364 -18.36 6.26 -38.88
N ARG D 365 -17.76 5.32 -39.60
CA ARG D 365 -17.70 3.93 -39.16
C ARG D 365 -16.32 3.31 -39.28
N GLU D 366 -15.93 2.53 -38.30
CA GLU D 366 -14.65 1.85 -38.31
C GLU D 366 -14.86 0.37 -38.59
N LEU D 367 -13.97 -0.22 -39.37
CA LEU D 367 -14.08 -1.63 -39.69
C LEU D 367 -13.83 -2.47 -38.44
N VAL D 368 -14.60 -3.53 -38.25
CA VAL D 368 -14.34 -4.41 -37.13
C VAL D 368 -13.54 -5.62 -37.60
N VAL D 369 -12.34 -5.78 -37.05
CA VAL D 369 -11.51 -6.92 -37.42
C VAL D 369 -11.33 -7.86 -36.23
N SER D 370 -11.56 -7.33 -35.04
CA SER D 370 -11.46 -8.14 -33.82
C SER D 370 -12.60 -9.15 -33.74
N SER D 371 -12.28 -10.31 -33.20
CA SER D 371 -13.25 -11.37 -32.98
C SER D 371 -14.14 -11.08 -31.77
N HIS D 372 -13.76 -10.06 -30.98
CA HIS D 372 -14.48 -9.72 -29.76
C HIS D 372 -15.05 -8.31 -29.81
N VAL D 373 -16.29 -8.21 -30.27
CA VAL D 373 -17.01 -6.95 -30.39
C VAL D 373 -18.43 -7.25 -29.88
N PRO D 374 -19.13 -6.32 -29.24
CA PRO D 374 -20.53 -6.46 -28.95
C PRO D 374 -21.27 -6.67 -30.27
N ARG D 375 -22.10 -7.70 -30.33
CA ARG D 375 -22.86 -7.99 -31.55
C ARG D 375 -24.35 -7.84 -31.32
N PHE D 376 -24.71 -7.46 -30.11
CA PHE D 376 -26.11 -7.23 -29.77
C PHE D 376 -26.26 -6.35 -28.54
N ALA D 377 -27.45 -5.79 -28.37
CA ALA D 377 -27.79 -5.03 -27.18
C ALA D 377 -29.28 -5.11 -26.88
N LEU D 378 -29.63 -4.97 -25.62
CA LEU D 378 -31.01 -4.97 -25.18
C LEU D 378 -31.42 -3.56 -24.76
N SER D 379 -32.54 -3.07 -25.27
CA SER D 379 -33.01 -1.76 -24.84
C SER D 379 -34.53 -1.71 -24.72
N ASN D 380 -35.00 -1.53 -23.49
CA ASN D 380 -36.41 -1.47 -23.14
C ASN D 380 -37.14 -2.72 -23.58
N GLY D 381 -36.47 -3.87 -23.45
CA GLY D 381 -37.07 -5.15 -23.82
C GLY D 381 -36.94 -5.47 -25.31
N VAL D 382 -36.32 -4.58 -26.08
CA VAL D 382 -36.16 -4.84 -27.51
C VAL D 382 -34.74 -5.29 -27.81
N LEU D 383 -34.61 -6.37 -28.57
CA LEU D 383 -33.29 -6.92 -28.84
C LEU D 383 -32.78 -6.54 -30.23
N PHE D 384 -31.60 -5.95 -30.27
CA PHE D 384 -30.99 -5.55 -31.52
C PHE D 384 -29.76 -6.42 -31.76
N ALA D 385 -29.72 -7.13 -32.88
CA ALA D 385 -28.58 -8.04 -33.09
C ALA D 385 -28.15 -8.14 -34.55
N ASN D 386 -26.85 -8.29 -34.74
CA ASN D 386 -26.27 -8.51 -36.07
C ASN D 386 -26.28 -9.99 -36.39
N CYS D 387 -27.46 -10.53 -36.75
CA CYS D 387 -27.73 -11.96 -36.91
C CYS D 387 -26.97 -12.63 -38.08
N ILE D 388 -26.01 -11.90 -38.68
CA ILE D 388 -25.06 -12.41 -39.66
C ILE D 388 -23.80 -12.89 -38.95
N SER D 389 -23.39 -12.17 -37.90
CA SER D 389 -22.18 -12.49 -37.16
C SER D 389 -22.47 -13.24 -35.84
N VAL D 390 -23.70 -13.10 -35.33
CA VAL D 390 -24.12 -13.84 -34.13
C VAL D 390 -25.26 -14.75 -34.52
N THR D 391 -25.20 -16.01 -34.11
CA THR D 391 -26.27 -16.92 -34.50
C THR D 391 -27.56 -16.59 -33.73
N CYS D 392 -28.63 -16.28 -34.48
CA CYS D 392 -29.94 -15.94 -33.95
C CYS D 392 -30.94 -17.05 -34.31
N GLN D 393 -31.65 -17.55 -33.30
CA GLN D 393 -32.70 -18.57 -33.44
C GLN D 393 -33.91 -18.12 -32.63
N CYS D 394 -35.12 -18.50 -33.04
CA CYS D 394 -36.33 -18.14 -32.31
C CYS D 394 -36.81 -19.31 -31.43
N GLN D 395 -36.89 -19.07 -30.11
CA GLN D 395 -37.26 -20.09 -29.10
C GLN D 395 -38.70 -20.56 -29.24
N THR D 396 -39.59 -19.67 -29.68
CA THR D 396 -41.00 -20.01 -29.72
C THR D 396 -41.43 -20.70 -31.01
N THR D 397 -40.64 -20.58 -32.08
CA THR D 397 -41.04 -21.18 -33.35
C THR D 397 -40.14 -22.32 -33.78
N GLY D 398 -38.91 -22.37 -33.29
CA GLY D 398 -37.97 -23.40 -33.70
C GLY D 398 -37.26 -23.06 -35.01
N ARG D 399 -37.56 -21.88 -35.55
CA ARG D 399 -36.99 -21.44 -36.80
C ARG D 399 -35.82 -20.51 -36.56
N ALA D 400 -34.90 -20.45 -37.51
CA ALA D 400 -33.77 -19.53 -37.42
C ALA D 400 -34.21 -18.12 -37.76
N ILE D 401 -33.47 -17.13 -37.25
CA ILE D 401 -33.73 -15.75 -37.58
C ILE D 401 -32.67 -15.27 -38.56
N SER D 402 -33.10 -14.92 -39.78
CA SER D 402 -32.15 -14.56 -40.82
C SER D 402 -32.14 -13.07 -41.14
N GLN D 403 -31.00 -12.62 -41.66
CA GLN D 403 -30.79 -11.24 -42.04
C GLN D 403 -30.21 -11.14 -43.45
N SER D 404 -30.76 -10.25 -44.25
CA SER D 404 -30.30 -10.04 -45.61
C SER D 404 -29.10 -9.10 -45.64
N GLY D 405 -28.44 -9.02 -46.80
CA GLY D 405 -27.27 -8.15 -46.96
C GLY D 405 -27.64 -6.67 -47.04
N GLU D 406 -28.94 -6.40 -47.13
CA GLU D 406 -29.44 -5.03 -47.22
C GLU D 406 -29.77 -4.48 -45.83
N GLN D 407 -29.60 -5.32 -44.81
CA GLN D 407 -29.92 -4.96 -43.44
C GLN D 407 -28.67 -4.87 -42.58
N THR D 408 -28.69 -3.92 -41.64
CA THR D 408 -27.60 -3.67 -40.69
C THR D 408 -27.70 -4.49 -39.41
N LEU D 409 -28.76 -4.26 -38.64
CA LEU D 409 -29.10 -5.03 -37.46
C LEU D 409 -30.55 -5.44 -37.59
N LEU D 410 -30.91 -6.57 -37.00
CA LEU D 410 -32.33 -6.89 -36.93
C LEU D 410 -32.89 -6.49 -35.58
N MET D 411 -34.09 -5.93 -35.62
CA MET D 411 -34.82 -5.64 -34.41
C MET D 411 -35.76 -6.79 -34.13
N ILE D 412 -35.60 -7.42 -32.98
CA ILE D 412 -36.38 -8.58 -32.63
C ILE D 412 -37.27 -8.26 -31.42
N ASP D 413 -38.58 -8.44 -31.57
CA ASP D 413 -39.52 -8.16 -30.49
C ASP D 413 -40.73 -9.12 -30.51
N ASN D 414 -41.77 -8.76 -29.70
CA ASN D 414 -43.10 -9.40 -29.56
C ASN D 414 -43.73 -9.92 -30.86
N THR D 415 -43.48 -9.20 -31.99
CA THR D 415 -44.28 -9.33 -33.23
C THR D 415 -43.67 -10.39 -34.12
N THR D 416 -42.37 -10.57 -34.00
CA THR D 416 -41.63 -11.56 -34.79
C THR D 416 -41.23 -12.82 -34.01
N CYS D 417 -40.73 -12.64 -32.78
CA CYS D 417 -40.23 -13.71 -31.93
C CYS D 417 -40.25 -13.26 -30.45
N PRO D 418 -41.33 -13.58 -29.65
CA PRO D 418 -41.48 -13.22 -28.23
C PRO D 418 -40.28 -13.62 -27.38
N THR D 419 -39.66 -14.75 -27.70
CA THR D 419 -38.46 -15.19 -27.00
C THR D 419 -37.39 -15.60 -28.00
N ALA D 420 -36.27 -14.88 -28.01
CA ALA D 420 -35.23 -15.11 -29.01
C ALA D 420 -33.96 -15.64 -28.38
N VAL D 421 -33.17 -16.36 -29.15
CA VAL D 421 -31.95 -16.94 -28.63
C VAL D 421 -30.71 -16.45 -29.38
N LEU D 422 -29.76 -15.91 -28.64
CA LEU D 422 -28.49 -15.49 -29.23
C LEU D 422 -27.37 -16.32 -28.63
N GLY D 423 -26.72 -17.13 -29.43
CA GLY D 423 -25.72 -18.02 -28.85
C GLY D 423 -26.41 -18.96 -27.86
N ASN D 424 -25.99 -18.93 -26.59
CA ASN D 424 -26.57 -19.79 -25.57
C ASN D 424 -27.47 -19.05 -24.58
N VAL D 425 -27.90 -17.83 -24.93
CA VAL D 425 -28.75 -17.05 -24.03
C VAL D 425 -30.16 -16.87 -24.57
N ILE D 426 -31.16 -17.24 -23.77
CA ILE D 426 -32.55 -17.14 -24.21
C ILE D 426 -33.19 -15.90 -23.58
N ILE D 427 -33.67 -14.97 -24.40
CA ILE D 427 -34.21 -13.72 -23.88
C ILE D 427 -35.69 -13.52 -24.20
N SER D 428 -36.49 -13.31 -23.15
CA SER D 428 -37.90 -12.96 -23.31
C SER D 428 -37.99 -11.47 -23.58
N LEU D 429 -38.62 -11.13 -24.70
CA LEU D 429 -38.64 -9.75 -25.21
C LEU D 429 -39.98 -9.05 -25.05
N GLY D 430 -39.94 -7.72 -25.17
CA GLY D 430 -41.12 -6.85 -25.14
C GLY D 430 -41.42 -6.34 -26.54
N LYS D 431 -41.93 -5.12 -26.65
CA LYS D 431 -42.34 -4.58 -27.96
C LYS D 431 -41.60 -3.30 -28.32
N TYR D 432 -41.27 -3.16 -29.60
CA TYR D 432 -40.64 -1.95 -30.11
C TYR D 432 -41.70 -0.89 -30.41
N LEU D 433 -41.49 0.31 -29.88
CA LEU D 433 -42.47 1.39 -29.98
C LEU D 433 -42.20 2.35 -31.14
N GLY D 434 -41.25 1.99 -31.99
CA GLY D 434 -40.92 2.80 -33.16
C GLY D 434 -41.64 2.26 -34.39
N SER D 435 -41.07 2.46 -35.57
CA SER D 435 -41.73 2.03 -36.80
C SER D 435 -41.85 0.52 -36.88
N VAL D 436 -43.02 0.05 -37.30
CA VAL D 436 -43.26 -1.38 -37.48
C VAL D 436 -42.50 -1.91 -38.69
N ASN D 437 -42.00 -0.99 -39.51
CA ASN D 437 -41.25 -1.30 -40.70
C ASN D 437 -39.76 -1.08 -40.47
N TYR D 438 -39.35 -1.03 -39.20
CA TYR D 438 -37.96 -0.81 -38.83
C TYR D 438 -36.98 -1.67 -39.65
N ASN D 439 -37.31 -2.96 -39.80
CA ASN D 439 -36.42 -3.90 -40.48
C ASN D 439 -36.54 -3.85 -42.01
N SER D 440 -37.49 -3.07 -42.52
CA SER D 440 -37.72 -3.00 -43.96
C SER D 440 -37.26 -1.68 -44.59
N GLU D 441 -37.37 -0.58 -43.84
CA GLU D 441 -37.07 0.75 -44.34
C GLU D 441 -35.59 0.98 -44.71
N GLY D 442 -34.68 0.43 -43.91
CA GLY D 442 -33.25 0.60 -44.16
C GLY D 442 -32.71 1.92 -43.58
N ILE D 443 -31.45 2.24 -43.93
CA ILE D 443 -30.77 3.43 -43.42
C ILE D 443 -29.58 3.82 -44.28
N ALA D 444 -29.24 5.12 -44.31
CA ALA D 444 -28.04 5.59 -44.99
C ALA D 444 -26.80 5.30 -44.14
N ILE D 445 -25.71 4.89 -44.79
CA ILE D 445 -24.47 4.59 -44.09
C ILE D 445 -23.36 5.58 -44.46
N GLY D 446 -22.69 6.12 -43.44
CA GLY D 446 -21.63 7.11 -43.62
C GLY D 446 -20.28 6.48 -44.02
N PRO D 447 -19.24 7.32 -44.15
CA PRO D 447 -17.89 7.00 -44.60
C PRO D 447 -17.09 6.22 -43.55
N PRO D 448 -16.08 5.45 -43.98
CA PRO D 448 -15.14 4.71 -43.17
C PRO D 448 -14.12 5.62 -42.49
N VAL D 449 -13.73 5.25 -41.28
CA VAL D 449 -12.66 5.93 -40.55
C VAL D 449 -11.70 4.95 -39.90
N PHE D 450 -10.54 5.46 -39.52
CA PHE D 450 -9.55 4.72 -38.74
C PHE D 450 -9.18 5.57 -37.53
N THR D 451 -9.40 5.05 -36.32
CA THR D 451 -9.21 5.87 -35.12
C THR D 451 -7.82 5.76 -34.48
N ASP D 452 -7.01 4.80 -34.94
CA ASP D 452 -5.68 4.60 -34.36
C ASP D 452 -4.80 5.85 -34.50
N LYS D 453 -4.05 6.18 -33.45
CA LYS D 453 -3.19 7.37 -33.44
C LYS D 453 -2.25 7.44 -34.65
N VAL D 454 -1.66 6.31 -35.03
CA VAL D 454 -0.74 6.30 -36.17
C VAL D 454 -1.54 6.51 -37.43
N ASP D 455 -2.70 5.86 -37.51
CA ASP D 455 -3.58 6.01 -38.66
C ASP D 455 -4.05 7.46 -38.81
N ILE D 456 -4.25 8.18 -37.70
CA ILE D 456 -4.67 9.57 -37.80
C ILE D 456 -3.60 10.40 -38.50
N SER D 457 -2.33 10.22 -38.11
CA SER D 457 -1.24 10.96 -38.73
C SER D 457 -1.10 10.60 -40.21
N SER D 458 -1.28 9.31 -40.52
CA SER D 458 -1.17 8.82 -41.88
C SER D 458 -2.28 9.39 -42.78
N GLN D 459 -3.50 9.40 -42.26
CA GLN D 459 -4.67 9.89 -43.01
C GLN D 459 -4.56 11.38 -43.31
N ILE D 460 -4.06 12.17 -42.36
CA ILE D 460 -3.90 13.59 -42.59
C ILE D 460 -2.87 13.82 -43.69
N SER D 461 -1.76 13.10 -43.62
CA SER D 461 -0.70 13.24 -44.60
C SER D 461 -1.13 12.83 -46.01
N SER D 462 -1.82 11.68 -46.14
CA SER D 462 -2.20 11.21 -47.47
C SER D 462 -3.23 12.15 -48.10
N MET D 463 -4.09 12.74 -47.26
CA MET D 463 -5.04 13.73 -47.75
C MET D 463 -4.35 15.00 -48.25
N ASN D 464 -3.21 15.41 -47.63
CA ASN D 464 -2.44 16.57 -48.06
C ASN D 464 -1.82 16.33 -49.45
N GLN D 465 -1.40 15.08 -49.75
CA GLN D 465 -0.85 14.75 -51.07
C GLN D 465 -1.94 14.89 -52.15
N SER D 466 -3.14 14.41 -51.84
CA SER D 466 -4.27 14.52 -52.75
C SER D 466 -4.70 15.99 -52.90
N LEU D 467 -4.62 16.73 -51.80
CA LEU D 467 -4.98 18.15 -51.80
C LEU D 467 -4.02 18.96 -52.65
N GLN D 468 -2.71 18.68 -52.53
CA GLN D 468 -1.75 19.43 -53.32
C GLN D 468 -1.92 19.12 -54.81
N GLN D 469 -2.28 17.88 -55.14
CA GLN D 469 -2.50 17.55 -56.54
C GLN D 469 -3.68 18.35 -57.10
N SER D 470 -4.75 18.47 -56.31
CA SER D 470 -5.91 19.26 -56.73
C SER D 470 -5.54 20.73 -56.87
N LYS D 471 -4.71 21.23 -55.96
CA LYS D 471 -4.30 22.63 -56.03
C LYS D 471 -3.52 22.89 -57.31
N ASP D 472 -2.62 21.97 -57.69
CA ASP D 472 -1.87 22.16 -58.91
C ASP D 472 -2.77 22.10 -60.13
N TYR D 473 -3.75 21.20 -60.12
CA TYR D 473 -4.62 21.03 -61.27
C TYR D 473 -5.48 22.28 -61.50
N ILE D 474 -5.99 22.89 -60.43
CA ILE D 474 -6.78 24.10 -60.60
C ILE D 474 -5.92 25.29 -60.97
N LYS D 475 -4.70 25.38 -60.43
CA LYS D 475 -3.84 26.49 -60.81
C LYS D 475 -3.48 26.41 -62.29
N GLU D 476 -3.28 25.19 -62.81
CA GLU D 476 -3.01 25.04 -64.22
C GLU D 476 -4.21 25.49 -65.04
N ALA D 477 -5.42 25.12 -64.59
CA ALA D 477 -6.63 25.52 -65.31
C ALA D 477 -6.79 27.04 -65.31
N GLN D 478 -6.47 27.69 -64.19
CA GLN D 478 -6.58 29.14 -64.10
C GLN D 478 -5.59 29.83 -65.04
N ARG D 479 -4.38 29.29 -65.15
CA ARG D 479 -3.39 29.87 -66.06
C ARG D 479 -3.80 29.69 -67.51
N LEU D 480 -4.36 28.52 -67.83
CA LEU D 480 -4.83 28.26 -69.20
C LEU D 480 -6.00 29.17 -69.60
N LEU D 481 -6.93 29.43 -68.66
CA LEU D 481 -8.10 30.29 -68.86
C LEU D 481 -7.72 31.74 -68.62
N ASP E 1 -22.04 -4.64 32.99
CA ASP E 1 -20.77 -4.23 33.57
C ASP E 1 -20.08 -5.46 34.23
N ILE E 2 -18.86 -5.25 34.78
CA ILE E 2 -18.09 -6.30 35.48
C ILE E 2 -18.00 -6.01 36.97
N GLN E 3 -18.51 -6.94 37.77
CA GLN E 3 -18.55 -6.83 39.22
C GLN E 3 -17.28 -7.39 39.84
N MET E 4 -16.95 -6.90 41.05
CA MET E 4 -15.80 -7.45 41.77
C MET E 4 -16.13 -7.69 43.24
N THR E 5 -15.62 -8.79 43.77
CA THR E 5 -15.77 -9.11 45.19
C THR E 5 -14.45 -9.05 45.91
N GLN E 6 -14.40 -8.27 46.97
CA GLN E 6 -13.19 -8.09 47.75
C GLN E 6 -13.45 -8.52 49.18
N SER E 7 -12.52 -9.27 49.77
CA SER E 7 -12.69 -9.78 51.12
C SER E 7 -11.34 -10.10 51.81
N PRO E 8 -11.32 -10.19 53.15
CA PRO E 8 -12.35 -9.93 54.15
C PRO E 8 -12.78 -8.47 54.16
N ALA E 9 -13.98 -8.21 54.64
CA ALA E 9 -14.48 -6.83 54.75
C ALA E 9 -13.66 -6.00 55.72
N SER E 10 -13.12 -6.64 56.75
CA SER E 10 -12.35 -5.96 57.78
C SER E 10 -11.23 -6.84 58.31
N LEU E 11 -10.05 -6.24 58.48
CA LEU E 11 -8.86 -6.91 58.97
C LEU E 11 -8.28 -6.30 60.22
N SER E 12 -7.66 -7.15 61.03
CA SER E 12 -6.95 -6.75 62.23
C SER E 12 -5.62 -7.45 62.29
N ALA E 13 -4.54 -6.68 62.32
CA ALA E 13 -3.20 -7.24 62.32
C ALA E 13 -2.24 -6.31 63.05
N SER E 14 -1.18 -6.88 63.60
CA SER E 14 -0.18 -6.12 64.32
C SER E 14 0.93 -5.63 63.41
N VAL E 15 1.72 -4.69 63.92
CA VAL E 15 2.83 -4.15 63.17
C VAL E 15 3.92 -5.19 62.99
N GLY E 16 4.37 -5.32 61.74
CA GLY E 16 5.41 -6.27 61.37
C GLY E 16 4.82 -7.57 60.82
N GLU E 17 3.51 -7.78 60.96
CA GLU E 17 2.87 -8.99 60.48
C GLU E 17 2.58 -8.94 58.99
N THR E 18 2.43 -10.11 58.39
CA THR E 18 2.07 -10.21 56.99
C THR E 18 0.55 -10.08 56.85
N VAL E 19 0.12 -9.20 55.96
CA VAL E 19 -1.30 -8.95 55.75
C VAL E 19 -1.67 -9.16 54.29
N THR E 20 -2.73 -9.94 54.05
CA THR E 20 -3.17 -10.14 52.68
C THR E 20 -4.64 -9.81 52.47
N ILE E 21 -4.94 -9.30 51.28
CA ILE E 21 -6.31 -8.98 50.86
C ILE E 21 -6.63 -9.71 49.56
N THR E 22 -7.78 -10.39 49.53
CA THR E 22 -8.17 -11.18 48.37
C THR E 22 -9.26 -10.46 47.57
N CYS E 23 -9.17 -10.54 46.23
CA CYS E 23 -10.17 -9.97 45.32
C CYS E 23 -10.36 -10.89 44.12
N ARG E 24 -11.64 -11.14 43.75
CA ARG E 24 -11.98 -11.94 42.58
C ARG E 24 -12.94 -11.21 41.67
N ALA E 25 -12.78 -11.43 40.37
CA ALA E 25 -13.62 -10.79 39.37
C ALA E 25 -14.71 -11.73 38.90
N SER E 26 -15.85 -11.16 38.50
CA SER E 26 -16.95 -11.94 37.95
C SER E 26 -16.66 -12.41 36.53
N GLU E 27 -15.64 -11.83 35.91
CA GLU E 27 -15.25 -12.19 34.55
C GLU E 27 -13.73 -12.16 34.43
N ASN E 28 -13.21 -12.50 33.26
CA ASN E 28 -11.78 -12.54 33.01
C ASN E 28 -11.23 -11.16 32.66
N ILE E 29 -10.40 -10.62 33.55
CA ILE E 29 -9.85 -9.29 33.38
C ILE E 29 -8.34 -9.35 33.20
N TYR E 30 -7.83 -10.52 32.82
CA TYR E 30 -6.41 -10.72 32.53
C TYR E 30 -5.53 -10.16 33.64
N SER E 31 -4.59 -9.25 33.32
CA SER E 31 -3.74 -8.68 34.37
C SER E 31 -4.19 -7.27 34.76
N TYR E 32 -5.38 -6.89 34.33
CA TYR E 32 -5.87 -5.51 34.47
C TYR E 32 -6.48 -5.28 35.85
N LEU E 33 -5.64 -5.26 36.87
CA LEU E 33 -6.15 -4.99 38.21
C LEU E 33 -5.21 -4.08 39.01
N ALA E 34 -5.81 -3.07 39.65
CA ALA E 34 -5.06 -2.12 40.45
C ALA E 34 -5.50 -2.16 41.91
N TRP E 35 -4.56 -1.85 42.80
CA TRP E 35 -4.85 -1.76 44.23
C TRP E 35 -4.57 -0.37 44.76
N TYR E 36 -5.45 0.13 45.63
CA TYR E 36 -5.30 1.43 46.25
C TYR E 36 -5.35 1.38 47.78
N GLN E 37 -4.66 2.33 48.41
CA GLN E 37 -4.71 2.53 49.86
C GLN E 37 -5.41 3.87 50.16
N HIS E 38 -6.59 3.83 50.77
CA HIS E 38 -7.34 5.07 50.96
C HIS E 38 -7.60 5.45 52.42
N LYS E 39 -7.00 6.57 52.84
CA LYS E 39 -7.20 7.08 54.19
C LYS E 39 -8.30 8.13 54.15
N GLN E 40 -9.03 8.29 55.23
CA GLN E 40 -10.10 9.27 55.21
C GLN E 40 -9.55 10.67 55.30
N GLY E 41 -10.16 11.58 54.55
CA GLY E 41 -9.73 12.96 54.50
C GLY E 41 -8.69 13.20 53.41
N LYS E 42 -8.27 12.11 52.75
CA LYS E 42 -7.28 12.18 51.69
C LYS E 42 -7.76 11.45 50.43
N SER E 43 -7.14 11.75 49.30
CA SER E 43 -7.43 11.03 48.07
C SER E 43 -6.72 9.68 48.12
N PRO E 44 -7.23 8.63 47.47
CA PRO E 44 -6.64 7.29 47.39
C PRO E 44 -5.24 7.29 46.78
N GLN E 45 -4.35 6.46 47.31
CA GLN E 45 -3.01 6.30 46.76
C GLN E 45 -2.89 5.00 45.97
N LEU E 46 -2.31 5.09 44.78
CA LEU E 46 -2.08 3.87 44.01
C LEU E 46 -0.93 3.06 44.57
N LEU E 47 -1.15 1.78 44.79
CA LEU E 47 -0.11 0.89 45.27
C LEU E 47 0.45 -0.04 44.21
N VAL E 48 -0.47 -0.68 43.49
CA VAL E 48 -0.15 -1.74 42.54
C VAL E 48 -0.96 -1.59 41.26
N TYR E 49 -0.32 -1.78 40.11
CA TYR E 49 -1.04 -1.78 38.85
C TYR E 49 -0.66 -2.99 37.99
N ASN E 50 -1.58 -3.34 37.10
CA ASN E 50 -1.45 -4.52 36.24
C ASN E 50 -1.21 -5.79 37.07
N ALA E 51 -1.88 -5.86 38.22
CA ALA E 51 -1.85 -6.97 39.17
C ALA E 51 -0.48 -7.27 39.77
N LYS E 52 0.54 -6.44 39.57
CA LYS E 52 1.83 -6.77 40.18
C LYS E 52 2.86 -5.65 40.34
N SER E 53 2.77 -4.60 39.52
CA SER E 53 3.83 -3.59 39.50
C SER E 53 3.56 -2.46 40.48
N LEU E 54 4.56 -2.08 41.24
CA LEU E 54 4.36 -1.00 42.19
C LEU E 54 4.39 0.35 41.52
N ALA E 55 3.55 1.25 42.01
CA ALA E 55 3.57 2.64 41.57
C ALA E 55 4.82 3.29 42.10
N GLU E 56 5.39 4.21 41.33
CA GLU E 56 6.59 4.88 41.79
C GLU E 56 6.32 5.59 43.11
N GLY E 57 7.22 5.40 44.08
CA GLY E 57 7.10 6.01 45.39
C GLY E 57 6.49 5.07 46.44
N VAL E 58 5.93 3.95 46.00
CA VAL E 58 5.33 2.97 46.90
C VAL E 58 6.40 2.07 47.52
N PRO E 59 6.44 1.93 48.85
CA PRO E 59 7.38 1.09 49.58
C PRO E 59 7.36 -0.35 49.10
N SER E 60 8.54 -0.97 49.06
CA SER E 60 8.73 -2.32 48.55
C SER E 60 8.17 -3.42 49.45
N ARG E 61 7.64 -3.02 50.61
CA ARG E 61 6.97 -3.99 51.47
C ARG E 61 5.65 -4.42 50.83
N PHE E 62 5.20 -3.64 49.84
CA PHE E 62 3.98 -3.96 49.11
C PHE E 62 4.32 -4.81 47.90
N SER E 63 3.47 -5.79 47.62
CA SER E 63 3.60 -6.61 46.43
C SER E 63 2.26 -7.22 46.09
N GLY E 64 2.16 -7.87 44.94
CA GLY E 64 0.91 -8.53 44.60
C GLY E 64 1.06 -9.41 43.38
N SER E 65 -0.01 -10.14 43.09
CA SER E 65 -0.05 -11.06 41.97
C SER E 65 -1.48 -11.40 41.62
N GLY E 66 -1.67 -12.08 40.49
CA GLY E 66 -3.00 -12.54 40.13
C GLY E 66 -3.19 -12.61 38.63
N SER E 67 -4.24 -13.31 38.23
CA SER E 67 -4.56 -13.44 36.81
C SER E 67 -5.98 -13.89 36.55
N GLY E 68 -6.61 -13.25 35.57
CA GLY E 68 -7.92 -13.67 35.09
C GLY E 68 -9.01 -13.30 36.07
N THR E 69 -9.24 -14.18 37.04
CA THR E 69 -10.31 -13.97 38.00
C THR E 69 -9.83 -13.92 39.46
N GLN E 70 -8.62 -14.39 39.75
CA GLN E 70 -8.16 -14.43 41.15
C GLN E 70 -6.90 -13.61 41.39
N PHE E 71 -7.02 -12.60 42.26
CA PHE E 71 -5.95 -11.65 42.55
C PHE E 71 -5.77 -11.39 44.04
N SER E 72 -4.55 -10.98 44.44
CA SER E 72 -4.32 -10.60 45.83
C SER E 72 -3.25 -9.52 46.02
N LEU E 73 -3.38 -8.80 47.14
CA LEU E 73 -2.43 -7.80 47.59
C LEU E 73 -1.77 -8.27 48.87
N LYS E 74 -0.46 -8.11 48.97
CA LYS E 74 0.24 -8.50 50.19
C LYS E 74 1.14 -7.40 50.75
N ILE E 75 1.15 -7.30 52.08
CA ILE E 75 2.05 -6.42 52.80
C ILE E 75 2.99 -7.32 53.61
N ASN E 76 4.29 -7.23 53.37
CA ASN E 76 5.24 -8.15 54.02
C ASN E 76 5.72 -7.70 55.40
N SER E 77 5.28 -6.51 55.82
CA SER E 77 5.63 -5.98 57.12
C SER E 77 4.72 -4.80 57.45
N LEU E 78 3.56 -5.07 58.03
CA LEU E 78 2.58 -4.01 58.25
C LEU E 78 3.13 -2.87 59.09
N GLN E 79 2.93 -1.65 58.61
CA GLN E 79 3.35 -0.47 59.37
C GLN E 79 2.12 0.24 59.95
N PRO E 80 2.27 1.05 61.00
CA PRO E 80 1.22 1.89 61.55
C PRO E 80 0.55 2.76 60.50
N GLU E 81 1.34 3.19 59.52
CA GLU E 81 0.86 4.06 58.45
C GLU E 81 0.03 3.33 57.39
N ASP E 82 -0.08 2.01 57.50
CA ASP E 82 -0.82 1.23 56.52
C ASP E 82 -2.28 1.07 56.88
N PHE E 83 -2.72 1.72 57.95
CA PHE E 83 -4.14 1.64 58.28
C PHE E 83 -4.91 2.31 57.15
N GLY E 84 -6.13 1.86 56.91
CA GLY E 84 -6.96 2.50 55.89
C GLY E 84 -7.82 1.51 55.11
N SER E 85 -8.59 2.04 54.16
CA SER E 85 -9.48 1.22 53.34
C SER E 85 -8.83 0.87 52.02
N TYR E 86 -8.66 -0.41 51.76
CA TYR E 86 -8.01 -0.86 50.56
C TYR E 86 -9.00 -1.17 49.47
N TYR E 87 -8.71 -0.75 48.26
CA TYR E 87 -9.63 -1.00 47.17
C TYR E 87 -9.03 -1.78 46.01
N CYS E 88 -9.83 -2.71 45.50
CA CYS E 88 -9.57 -3.53 44.32
C CYS E 88 -10.34 -2.93 43.12
N GLN E 89 -9.62 -2.63 42.02
CA GLN E 89 -10.20 -2.06 40.78
C GLN E 89 -9.79 -2.84 39.54
N HIS E 90 -10.72 -3.07 38.62
CA HIS E 90 -10.30 -3.65 37.35
C HIS E 90 -10.34 -2.53 36.33
N HIS E 91 -9.43 -2.60 35.38
CA HIS E 91 -9.38 -1.60 34.32
C HIS E 91 -9.29 -2.26 32.95
N TYR E 92 -10.02 -3.36 32.79
CA TYR E 92 -10.01 -4.08 31.52
C TYR E 92 -11.06 -3.56 30.58
N GLY E 93 -12.30 -3.98 30.76
CA GLY E 93 -13.36 -3.54 29.90
C GLY E 93 -13.88 -2.22 30.42
N THR E 94 -14.95 -1.73 29.84
CA THR E 94 -15.54 -0.46 30.25
C THR E 94 -16.96 -0.72 30.69
N PRO E 95 -17.38 -0.19 31.84
CA PRO E 95 -16.71 0.69 32.78
C PRO E 95 -15.66 0.02 33.65
N TRP E 96 -14.77 0.83 34.19
CA TRP E 96 -13.85 0.37 35.22
C TRP E 96 -14.66 0.30 36.50
N THR E 97 -14.37 -0.64 37.38
CA THR E 97 -15.14 -0.72 38.62
C THR E 97 -14.28 -1.04 39.82
N PHE E 98 -14.79 -0.68 41.00
CA PHE E 98 -14.13 -0.95 42.27
C PHE E 98 -14.96 -1.94 43.09
N GLY E 99 -14.30 -2.70 43.96
CA GLY E 99 -15.00 -3.56 44.90
C GLY E 99 -15.44 -2.76 46.14
N GLY E 100 -16.08 -3.42 47.11
CA GLY E 100 -16.55 -2.73 48.31
C GLY E 100 -15.41 -2.13 49.14
N GLY E 101 -14.28 -2.84 49.16
CA GLY E 101 -13.10 -2.41 49.91
C GLY E 101 -12.92 -3.14 51.23
N THR E 102 -11.68 -3.17 51.71
CA THR E 102 -11.32 -3.82 52.97
C THR E 102 -10.80 -2.81 53.99
N LYS E 103 -11.38 -2.80 55.17
CA LYS E 103 -10.92 -1.86 56.20
C LYS E 103 -9.89 -2.51 57.11
N LEU E 104 -8.64 -2.06 57.01
CA LEU E 104 -7.55 -2.63 57.81
C LEU E 104 -7.19 -1.72 58.99
N GLU E 105 -7.32 -2.26 60.21
CA GLU E 105 -7.02 -1.54 61.46
C GLU E 105 -5.55 -1.80 61.84
N GLN F 1 5.80 19.21 38.10
CA GLN F 1 4.90 18.43 38.96
C GLN F 1 3.53 18.27 38.31
N VAL F 2 2.70 17.39 38.88
CA VAL F 2 1.37 17.15 38.37
C VAL F 2 0.31 17.46 39.42
N GLN F 3 -0.74 18.19 39.02
CA GLN F 3 -1.81 18.55 39.92
C GLN F 3 -3.17 18.49 39.24
N LEU F 4 -4.19 18.16 40.02
CA LEU F 4 -5.58 18.21 39.60
C LEU F 4 -6.38 18.88 40.71
N LYS F 5 -7.19 19.89 40.39
CA LYS F 5 -7.94 20.55 41.47
C LYS F 5 -9.40 20.78 41.13
N GLU F 6 -10.27 20.11 41.87
CA GLU F 6 -11.71 20.18 41.68
C GLU F 6 -12.29 21.44 42.32
N SER F 7 -13.23 22.06 41.62
CA SER F 7 -13.97 23.21 42.13
C SER F 7 -15.42 23.16 41.67
N GLY F 8 -16.35 23.35 42.60
CA GLY F 8 -17.77 23.27 42.30
C GLY F 8 -18.59 23.68 43.50
N PRO F 9 -19.93 23.54 43.43
CA PRO F 9 -20.90 23.93 44.43
C PRO F 9 -20.88 22.97 45.61
N GLY F 10 -21.35 23.45 46.75
CA GLY F 10 -21.46 22.63 47.95
C GLY F 10 -22.84 21.99 48.04
N LEU F 11 -23.82 22.73 48.54
CA LEU F 11 -25.18 22.22 48.65
C LEU F 11 -25.99 22.51 47.40
N VAL F 12 -26.48 21.44 46.78
CA VAL F 12 -27.27 21.54 45.57
C VAL F 12 -28.58 20.79 45.80
N ALA F 13 -29.70 21.40 45.44
CA ALA F 13 -30.99 20.78 45.71
C ALA F 13 -31.21 19.57 44.79
N PRO F 14 -32.04 18.62 45.22
CA PRO F 14 -32.55 17.53 44.41
C PRO F 14 -33.22 18.13 43.18
N SER F 15 -33.10 17.43 42.06
CA SER F 15 -33.65 17.84 40.77
C SER F 15 -32.90 19.02 40.13
N GLN F 16 -31.80 19.47 40.76
CA GLN F 16 -30.94 20.46 40.15
C GLN F 16 -29.75 19.75 39.54
N SER F 17 -29.06 20.40 38.61
CA SER F 17 -27.88 19.81 38.02
C SER F 17 -26.63 20.09 38.83
N LEU F 18 -25.60 19.27 38.63
CA LEU F 18 -24.29 19.44 39.25
C LEU F 18 -23.23 19.71 38.21
N SER F 19 -22.40 20.71 38.44
CA SER F 19 -21.29 20.98 37.53
C SER F 19 -19.98 21.22 38.27
N ILE F 20 -19.06 20.26 38.14
CA ILE F 20 -17.76 20.34 38.79
C ILE F 20 -16.64 20.46 37.77
N THR F 21 -15.80 21.47 37.94
CA THR F 21 -14.71 21.68 37.00
C THR F 21 -13.38 21.26 37.63
N CYS F 22 -12.61 20.44 36.91
CA CYS F 22 -11.27 20.01 37.29
C CYS F 22 -10.22 20.79 36.50
N THR F 23 -9.43 21.62 37.19
CA THR F 23 -8.37 22.42 36.58
C THR F 23 -7.09 21.63 36.72
N VAL F 24 -6.36 21.45 35.62
CA VAL F 24 -5.19 20.61 35.73
C VAL F 24 -3.92 21.31 35.25
N SER F 25 -2.79 20.81 35.73
CA SER F 25 -1.49 21.31 35.33
C SER F 25 -0.43 20.21 35.43
N GLY F 26 0.68 20.41 34.73
CA GLY F 26 1.80 19.47 34.79
C GLY F 26 1.75 18.46 33.66
N PHE F 27 0.63 18.43 32.97
CA PHE F 27 0.44 17.51 31.87
C PHE F 27 -0.55 18.07 30.87
N SER F 28 -0.52 17.54 29.66
CA SER F 28 -1.48 17.93 28.65
C SER F 28 -2.66 16.99 28.57
N LEU F 29 -3.84 17.57 28.34
CA LEU F 29 -5.06 16.78 28.19
C LEU F 29 -5.09 16.06 26.84
N ALA F 30 -4.15 16.41 25.96
CA ALA F 30 -4.02 15.73 24.68
C ALA F 30 -3.12 14.49 24.83
N SER F 31 -2.52 14.32 26.01
CA SER F 31 -1.64 13.19 26.25
C SER F 31 -2.25 12.18 27.24
N TYR F 32 -3.11 12.67 28.14
CA TYR F 32 -3.67 11.81 29.18
C TYR F 32 -5.18 11.94 29.32
N GLY F 33 -5.82 10.87 29.80
CA GLY F 33 -7.25 10.90 30.06
C GLY F 33 -7.54 11.35 31.48
N VAL F 34 -8.79 11.74 31.72
CA VAL F 34 -9.24 12.11 33.06
C VAL F 34 -10.51 11.36 33.44
N HIS F 35 -10.45 10.72 34.59
CA HIS F 35 -11.54 9.90 35.10
C HIS F 35 -12.18 10.54 36.31
N TRP F 36 -13.47 10.33 36.47
CA TRP F 36 -14.15 10.80 37.65
C TRP F 36 -14.61 9.64 38.50
N VAL F 37 -14.34 9.76 39.80
CA VAL F 37 -14.65 8.77 40.82
C VAL F 37 -15.31 9.48 42.02
N ARG F 38 -16.29 8.85 42.68
CA ARG F 38 -16.83 9.48 43.88
C ARG F 38 -16.79 8.56 45.09
N GLN F 39 -16.80 9.17 46.27
CA GLN F 39 -16.82 8.46 47.54
C GLN F 39 -18.02 8.86 48.42
N PRO F 40 -19.15 8.15 48.33
CA PRO F 40 -20.35 8.36 49.13
C PRO F 40 -19.98 8.08 50.59
N PRO F 41 -20.68 8.69 51.56
CA PRO F 41 -20.42 8.61 53.00
C PRO F 41 -20.18 7.21 53.59
N GLY F 42 -20.91 6.20 53.13
CA GLY F 42 -20.76 4.86 53.70
C GLY F 42 -20.55 3.77 52.65
N LYS F 43 -20.09 4.17 51.47
CA LYS F 43 -19.92 3.22 50.37
C LYS F 43 -18.46 3.14 49.96
N GLY F 44 -18.16 2.35 48.94
CA GLY F 44 -16.79 2.26 48.43
C GLY F 44 -16.59 3.29 47.32
N LEU F 45 -15.46 3.21 46.62
CA LEU F 45 -15.21 4.16 45.54
C LEU F 45 -16.04 3.78 44.33
N GLU F 46 -16.66 4.76 43.69
CA GLU F 46 -17.45 4.48 42.51
C GLU F 46 -16.92 5.21 41.28
N TRP F 47 -16.54 4.45 40.27
CA TRP F 47 -16.07 5.04 39.03
C TRP F 47 -17.32 5.54 38.29
N LEU F 48 -17.30 6.79 37.86
CA LEU F 48 -18.47 7.40 37.24
C LEU F 48 -18.39 7.37 35.73
N GLY F 49 -17.24 7.78 35.23
CA GLY F 49 -17.05 7.91 33.80
C GLY F 49 -15.68 8.47 33.47
N VAL F 50 -15.36 8.46 32.19
CA VAL F 50 -14.08 8.91 31.68
C VAL F 50 -14.14 9.73 30.43
N ILE F 51 -13.26 10.72 30.35
CA ILE F 51 -13.01 11.35 29.08
C ILE F 51 -11.59 10.97 28.72
N TRP F 52 -11.46 10.34 27.58
CA TRP F 52 -10.21 9.75 27.16
C TRP F 52 -9.29 10.79 26.55
N THR F 53 -8.03 10.44 26.40
CA THR F 53 -7.07 11.33 25.76
C THR F 53 -7.62 11.84 24.43
N GLY F 54 -8.28 10.94 23.69
CA GLY F 54 -8.83 11.22 22.36
C GLY F 54 -10.06 12.14 22.38
N GLY F 55 -10.55 12.49 23.58
CA GLY F 55 -11.69 13.40 23.74
C GLY F 55 -13.03 12.68 23.76
N SER F 56 -13.03 11.38 23.52
CA SER F 56 -14.25 10.60 23.53
C SER F 56 -14.58 10.21 24.97
N THR F 57 -15.83 9.81 25.23
CA THR F 57 -16.20 9.47 26.59
C THR F 57 -16.90 8.12 26.75
N ASN F 58 -16.85 7.62 27.98
CA ASN F 58 -17.58 6.44 28.41
C ASN F 58 -18.13 6.63 29.82
N TYR F 59 -19.23 5.95 30.10
CA TYR F 59 -19.89 6.07 31.40
C TYR F 59 -20.26 4.70 31.93
N ASN F 60 -20.49 4.58 33.23
CA ASN F 60 -20.94 3.31 33.78
C ASN F 60 -22.42 3.16 33.43
N SER F 61 -23.04 2.01 33.69
CA SER F 61 -24.44 1.89 33.30
C SER F 61 -25.41 2.65 34.20
N ALA F 62 -25.12 2.68 35.51
CA ALA F 62 -26.04 3.28 36.48
C ALA F 62 -26.34 4.75 36.21
N LEU F 63 -25.33 5.50 35.78
CA LEU F 63 -25.48 6.93 35.56
C LEU F 63 -25.49 7.29 34.09
N MET F 64 -25.63 6.32 33.20
CA MET F 64 -25.48 6.63 31.78
C MET F 64 -26.52 7.63 31.27
N SER F 65 -27.71 7.62 31.86
CA SER F 65 -28.77 8.53 31.45
C SER F 65 -28.69 9.92 32.11
N ARG F 66 -27.81 10.09 33.08
CA ARG F 66 -27.71 11.36 33.81
C ARG F 66 -26.34 12.04 33.69
N LEU F 67 -25.31 11.23 33.47
CA LEU F 67 -23.92 11.68 33.50
C LEU F 67 -23.36 12.06 32.14
N SER F 68 -22.68 13.20 32.11
CA SER F 68 -22.01 13.71 30.92
C SER F 68 -20.65 14.31 31.30
N ILE F 69 -19.66 14.10 30.44
CA ILE F 69 -18.31 14.65 30.65
C ILE F 69 -17.87 15.43 29.41
N ASN F 70 -17.19 16.56 29.63
CA ASN F 70 -16.71 17.42 28.55
C ASN F 70 -15.30 17.93 28.85
N ARG F 71 -14.72 18.72 27.94
CA ARG F 71 -13.35 19.20 28.09
C ARG F 71 -13.11 20.57 27.47
N ASP F 72 -12.04 21.22 27.92
CA ASP F 72 -11.54 22.46 27.36
C ASP F 72 -10.02 22.40 27.28
N ASN F 73 -9.49 22.33 26.05
CA ASN F 73 -8.07 22.11 25.84
C ASN F 73 -7.29 23.41 25.72
N SER F 74 -8.00 24.53 25.91
CA SER F 74 -7.40 25.85 25.88
C SER F 74 -7.10 26.31 27.31
N LYS F 75 -8.00 25.95 28.23
CA LYS F 75 -7.90 26.36 29.63
C LYS F 75 -7.44 25.22 30.55
N SER F 76 -7.10 24.07 29.97
CA SER F 76 -6.70 22.89 30.73
C SER F 76 -7.74 22.48 31.77
N GLN F 77 -8.98 22.27 31.32
CA GLN F 77 -10.05 21.89 32.24
C GLN F 77 -10.88 20.69 31.76
N VAL F 78 -11.37 19.91 32.73
CA VAL F 78 -12.30 18.81 32.49
C VAL F 78 -13.59 19.00 33.27
N PHE F 79 -14.73 18.79 32.62
CA PHE F 79 -16.01 19.09 33.24
C PHE F 79 -16.90 17.89 33.51
N LEU F 80 -17.29 17.72 34.78
CA LEU F 80 -18.19 16.65 35.20
C LEU F 80 -19.61 17.19 35.40
N LYS F 81 -20.59 16.61 34.73
CA LYS F 81 -21.95 17.09 34.92
C LYS F 81 -22.98 15.97 35.14
N LEU F 82 -23.90 16.24 36.07
CA LEU F 82 -25.07 15.39 36.29
C LEU F 82 -26.31 16.24 36.03
N ASN F 83 -27.18 15.79 35.14
CA ASN F 83 -28.35 16.57 34.75
C ASN F 83 -29.41 16.75 35.84
N SER F 84 -29.55 15.75 36.71
CA SER F 84 -30.54 15.80 37.79
C SER F 84 -30.08 15.00 38.99
N LEU F 85 -29.95 15.67 40.13
CA LEU F 85 -29.46 15.06 41.36
C LEU F 85 -30.51 14.44 42.27
N GLN F 86 -30.07 13.39 42.97
CA GLN F 86 -30.80 12.70 44.02
C GLN F 86 -30.07 12.88 45.34
N THR F 87 -30.73 12.63 46.45
CA THR F 87 -30.07 12.79 47.73
C THR F 87 -28.96 11.75 47.95
N ASP F 88 -29.03 10.63 47.24
CA ASP F 88 -28.01 9.60 47.39
C ASP F 88 -26.78 9.89 46.52
N ASP F 89 -26.76 11.06 45.87
CA ASP F 89 -25.61 11.49 45.10
C ASP F 89 -24.65 12.26 45.99
N THR F 90 -24.97 12.35 47.28
CA THR F 90 -24.06 13.00 48.21
C THR F 90 -22.79 12.18 48.26
N ALA F 91 -21.67 12.81 47.96
CA ALA F 91 -20.39 12.12 47.89
C ALA F 91 -19.26 13.10 47.71
N ILE F 92 -18.03 12.65 47.94
CA ILE F 92 -16.88 13.45 47.55
C ILE F 92 -16.50 13.07 46.13
N TYR F 93 -16.47 14.05 45.24
CA TYR F 93 -16.16 13.81 43.85
C TYR F 93 -14.70 14.09 43.58
N TYR F 94 -14.04 13.15 42.93
CA TYR F 94 -12.62 13.25 42.63
C TYR F 94 -12.34 13.22 41.13
N CYS F 95 -11.34 13.99 40.72
CA CYS F 95 -10.74 14.04 39.39
C CYS F 95 -9.40 13.29 39.47
N ALA F 96 -9.19 12.30 38.59
CA ALA F 96 -7.96 11.48 38.58
C ALA F 96 -7.42 11.32 37.16
N ARG F 97 -6.09 11.29 37.06
CA ARG F 97 -5.43 11.10 35.78
C ARG F 97 -5.06 9.64 35.58
N ASP F 98 -5.27 9.14 34.36
CA ASP F 98 -4.90 7.76 34.05
C ASP F 98 -3.43 7.63 33.67
N ARG F 99 -3.01 6.43 33.31
CA ARG F 99 -1.60 6.21 33.10
C ARG F 99 -1.22 6.05 31.63
N GLY F 100 -0.64 7.09 31.06
CA GLY F 100 -0.24 7.04 29.66
C GLY F 100 -1.37 6.78 28.68
N TYR F 101 -1.20 5.75 27.87
CA TYR F 101 -2.12 5.38 26.79
C TYR F 101 -3.32 4.58 27.30
N GLY F 102 -4.14 5.21 28.12
CA GLY F 102 -5.37 4.60 28.63
C GLY F 102 -5.18 3.44 29.61
N TYR F 103 -4.03 3.37 30.26
CA TYR F 103 -3.79 2.27 31.19
C TYR F 103 -4.38 2.65 32.54
N GLY F 104 -4.75 1.67 33.34
CA GLY F 104 -5.26 2.00 34.64
C GLY F 104 -4.15 2.26 35.64
N GLY F 105 -4.57 2.61 36.84
CA GLY F 105 -3.68 2.96 37.93
C GLY F 105 -3.71 4.46 38.11
N PHE F 106 -4.54 4.92 39.03
CA PHE F 106 -4.68 6.36 39.24
C PHE F 106 -3.59 6.85 40.17
N ALA F 107 -2.40 7.00 39.60
CA ALA F 107 -1.24 7.49 40.33
C ALA F 107 -1.48 8.91 40.81
N TYR F 108 -2.21 9.71 40.02
CA TYR F 108 -2.45 11.09 40.39
C TYR F 108 -3.92 11.40 40.57
N TRP F 109 -4.24 11.95 41.74
CA TRP F 109 -5.58 12.35 42.14
C TRP F 109 -5.61 13.82 42.50
N GLY F 110 -6.80 14.42 42.42
CA GLY F 110 -6.99 15.79 42.88
C GLY F 110 -7.26 15.79 44.38
N GLN F 111 -7.98 16.80 44.86
CA GLN F 111 -8.18 16.96 46.30
C GLN F 111 -9.51 16.39 46.78
N GLY F 112 -10.51 16.42 45.90
CA GLY F 112 -11.85 15.95 46.23
C GLY F 112 -12.77 17.08 46.64
N THR F 113 -13.95 17.16 46.04
CA THR F 113 -14.91 18.19 46.39
C THR F 113 -16.21 17.57 46.90
N LEU F 114 -16.66 18.01 48.08
CA LEU F 114 -17.85 17.40 48.68
C LEU F 114 -19.14 18.06 48.23
N VAL F 115 -20.01 17.24 47.66
CA VAL F 115 -21.31 17.70 47.18
C VAL F 115 -22.41 17.13 48.04
N THR F 116 -23.25 18.03 48.57
CA THR F 116 -24.36 17.65 49.43
C THR F 116 -25.69 17.84 48.70
N VAL F 117 -26.57 16.82 48.76
CA VAL F 117 -27.89 16.88 48.12
C VAL F 117 -28.93 16.33 49.10
N ILE G 27 5.47 -11.51 -44.60
CA ILE G 27 4.50 -10.73 -45.39
C ILE G 27 4.92 -9.24 -45.54
N LEU G 28 5.71 -8.74 -44.58
CA LEU G 28 6.20 -7.36 -44.53
C LEU G 28 7.50 -7.24 -45.33
N HIS G 29 7.68 -6.14 -46.03
CA HIS G 29 8.89 -5.97 -46.82
C HIS G 29 9.99 -5.42 -45.92
N TYR G 30 10.64 -6.32 -45.20
CA TYR G 30 11.57 -5.93 -44.16
C TYR G 30 12.79 -5.19 -44.69
N GLU G 31 13.22 -5.50 -45.90
CA GLU G 31 14.40 -4.81 -46.43
C GLU G 31 14.12 -3.33 -46.71
N LYS G 32 13.00 -3.03 -47.37
CA LYS G 32 12.67 -1.63 -47.60
C LYS G 32 12.33 -0.91 -46.30
N LEU G 33 11.73 -1.61 -45.35
CA LEU G 33 11.39 -1.00 -44.06
C LEU G 33 12.64 -0.65 -43.24
N SER G 34 13.65 -1.51 -43.23
CA SER G 34 14.86 -1.20 -42.44
C SER G 34 15.57 0.04 -43.00
N LYS G 35 15.44 0.26 -44.30
CA LYS G 35 16.03 1.43 -44.95
C LYS G 35 15.41 2.75 -44.50
N ILE G 36 14.24 2.71 -43.89
CA ILE G 36 13.58 3.94 -43.46
C ILE G 36 13.46 3.97 -41.94
N GLY G 37 14.34 3.24 -41.27
CA GLY G 37 14.38 3.29 -39.81
C GLY G 37 13.50 2.28 -39.10
N LEU G 38 13.01 1.27 -39.80
CA LEU G 38 12.16 0.28 -39.15
C LEU G 38 12.78 -1.10 -39.27
N VAL G 39 13.69 -1.41 -38.36
CA VAL G 39 14.49 -2.62 -38.42
C VAL G 39 13.72 -3.81 -37.88
N LYS G 40 13.72 -4.93 -38.60
CA LYS G 40 12.97 -6.09 -38.12
C LYS G 40 13.42 -6.47 -36.72
N GLY G 41 12.48 -6.55 -35.78
CA GLY G 41 12.76 -6.95 -34.41
C GLY G 41 12.27 -8.37 -34.13
N VAL G 42 11.84 -8.60 -32.90
CA VAL G 42 11.43 -9.92 -32.43
C VAL G 42 10.04 -10.34 -32.93
N THR G 43 9.94 -11.58 -33.39
CA THR G 43 8.67 -12.14 -33.83
C THR G 43 8.07 -12.88 -32.63
N ARG G 44 6.81 -12.60 -32.31
CA ARG G 44 6.14 -13.24 -31.17
C ARG G 44 4.81 -13.89 -31.56
N LYS G 45 4.43 -14.95 -30.86
CA LYS G 45 3.13 -15.60 -31.11
C LYS G 45 1.97 -14.79 -30.54
N TYR G 46 0.81 -14.84 -31.20
CA TYR G 46 -0.37 -14.15 -30.68
C TYR G 46 -1.24 -15.13 -29.88
N LYS G 47 -1.43 -14.86 -28.58
CA LYS G 47 -2.20 -15.75 -27.70
C LYS G 47 -3.34 -15.01 -26.99
N ILE G 48 -4.49 -15.68 -26.89
CA ILE G 48 -5.65 -15.10 -26.19
C ILE G 48 -6.29 -16.09 -25.21
N LYS G 49 -6.64 -15.59 -24.02
CA LYS G 49 -7.32 -16.37 -22.98
C LYS G 49 -8.67 -16.92 -23.42
N SER G 50 -8.91 -18.21 -23.18
CA SER G 50 -10.20 -18.83 -23.49
C SER G 50 -10.53 -20.04 -22.62
N ASN G 51 -11.80 -20.47 -22.66
CA ASN G 51 -12.25 -21.70 -22.01
C ASN G 51 -11.80 -21.88 -20.55
N PRO G 52 -12.17 -20.97 -19.64
CA PRO G 52 -11.81 -20.98 -18.23
C PRO G 52 -12.46 -22.04 -17.39
N LEU G 53 -11.74 -22.44 -16.36
CA LEU G 53 -12.25 -23.31 -15.32
C LEU G 53 -12.68 -22.41 -14.18
N THR G 54 -13.67 -22.84 -13.40
CA THR G 54 -14.10 -21.97 -12.32
C THR G 54 -14.10 -22.62 -10.95
N LYS G 55 -13.79 -21.79 -9.96
CA LYS G 55 -13.87 -22.15 -8.55
C LYS G 55 -14.50 -21.01 -7.75
N ASP G 56 -15.28 -21.36 -6.73
CA ASP G 56 -15.89 -20.34 -5.89
C ASP G 56 -15.11 -20.16 -4.59
N ILE G 57 -14.91 -18.90 -4.20
CA ILE G 57 -14.24 -18.60 -2.94
C ILE G 57 -15.07 -17.61 -2.14
N VAL G 58 -15.07 -17.75 -0.82
CA VAL G 58 -15.81 -16.85 0.05
C VAL G 58 -14.90 -15.82 0.68
N ILE G 59 -15.21 -14.55 0.50
CA ILE G 59 -14.42 -13.51 1.11
C ILE G 59 -15.24 -12.75 2.14
N LYS G 60 -14.86 -12.87 3.40
CA LYS G 60 -15.56 -12.22 4.49
C LYS G 60 -14.87 -10.91 4.79
N MET G 61 -15.62 -9.81 4.69
CA MET G 61 -15.03 -8.50 4.83
C MET G 61 -15.03 -8.01 6.27
N ILE G 62 -15.68 -8.78 7.15
CA ILE G 62 -15.75 -8.39 8.54
C ILE G 62 -14.91 -9.37 9.38
N PRO G 63 -13.95 -8.88 10.18
CA PRO G 63 -13.10 -9.67 11.02
C PRO G 63 -13.83 -10.26 12.22
N ASN G 64 -13.28 -11.35 12.74
CA ASN G 64 -13.79 -12.01 13.91
C ASN G 64 -13.06 -11.52 15.17
N VAL G 65 -13.76 -10.76 15.98
CA VAL G 65 -13.20 -10.14 17.17
C VAL G 65 -13.80 -10.72 18.44
N SER G 66 -14.27 -11.97 18.35
CA SER G 66 -14.89 -12.64 19.50
C SER G 66 -14.00 -12.75 20.74
N ASN G 67 -12.67 -12.90 20.56
CA ASN G 67 -11.72 -13.08 21.67
C ASN G 67 -11.08 -11.77 22.13
N MET G 68 -11.68 -10.62 21.75
CA MET G 68 -11.33 -9.29 22.23
C MET G 68 -12.64 -8.49 22.32
N SER G 69 -13.74 -9.19 22.60
CA SER G 69 -15.09 -8.60 22.56
C SER G 69 -15.33 -7.49 23.58
N GLN G 70 -14.50 -7.42 24.60
CA GLN G 70 -14.63 -6.35 25.59
C GLN G 70 -13.91 -5.05 25.17
N CYS G 71 -13.08 -5.11 24.11
CA CYS G 71 -12.23 -4.02 23.65
C CYS G 71 -12.57 -3.59 22.21
N THR G 72 -13.86 -3.66 21.83
CA THR G 72 -14.34 -3.22 20.51
C THR G 72 -15.21 -1.98 20.61
N GLY G 73 -15.77 -1.72 21.79
CA GLY G 73 -16.63 -0.56 21.95
C GLY G 73 -17.80 -0.66 20.98
N SER G 74 -18.02 0.42 20.23
CA SER G 74 -19.08 0.51 19.23
C SER G 74 -18.47 0.47 17.84
N VAL G 75 -17.18 0.11 17.78
CA VAL G 75 -16.43 0.10 16.53
C VAL G 75 -17.02 -0.87 15.52
N MET G 76 -17.36 -2.07 15.98
CA MET G 76 -17.91 -3.06 15.05
C MET G 76 -19.30 -2.66 14.58
N GLU G 77 -20.04 -1.92 15.42
CA GLU G 77 -21.38 -1.50 15.03
C GLU G 77 -21.30 -0.46 13.93
N ASN G 78 -20.34 0.46 14.08
CA ASN G 78 -20.14 1.50 13.08
C ASN G 78 -19.59 0.89 11.80
N TYR G 79 -18.75 -0.13 11.95
CA TYR G 79 -18.16 -0.81 10.82
C TYR G 79 -19.22 -1.52 10.00
N LYS G 80 -20.10 -2.27 10.67
CA LYS G 80 -21.14 -3.00 9.98
C LYS G 80 -22.05 -2.06 9.20
N THR G 81 -22.37 -0.91 9.79
CA THR G 81 -23.23 0.05 9.13
C THR G 81 -22.55 0.63 7.88
N ARG G 82 -21.28 1.02 8.04
CA ARG G 82 -20.53 1.62 6.94
C ARG G 82 -20.35 0.62 5.80
N LEU G 83 -20.04 -0.63 6.16
CA LEU G 83 -19.82 -1.69 5.20
C LEU G 83 -21.12 -2.05 4.47
N ASN G 84 -22.24 -2.07 5.18
CA ASN G 84 -23.51 -2.35 4.55
C ASN G 84 -23.79 -1.33 3.45
N GLY G 85 -23.36 -0.08 3.66
CA GLY G 85 -23.54 0.99 2.69
C GLY G 85 -22.68 0.82 1.43
N ILE G 86 -21.71 -0.10 1.49
CA ILE G 86 -20.82 -0.39 0.38
C ILE G 86 -21.34 -1.60 -0.39
N LEU G 87 -21.74 -2.62 0.36
CA LEU G 87 -22.22 -3.88 -0.23
C LEU G 87 -23.66 -3.85 -0.72
N THR G 88 -24.54 -3.07 -0.09
CA THR G 88 -25.94 -3.10 -0.49
C THR G 88 -26.17 -2.81 -1.98
N PRO G 89 -25.55 -1.76 -2.57
CA PRO G 89 -25.65 -1.43 -3.99
C PRO G 89 -25.14 -2.53 -4.90
N ILE G 90 -24.30 -3.42 -4.38
CA ILE G 90 -23.77 -4.51 -5.17
C ILE G 90 -24.81 -5.60 -5.21
N LYS G 91 -25.35 -5.92 -4.03
CA LYS G 91 -26.38 -6.94 -3.96
C LYS G 91 -27.54 -6.53 -4.84
N GLY G 92 -27.93 -5.26 -4.79
CA GLY G 92 -29.04 -4.75 -5.57
C GLY G 92 -28.80 -4.93 -7.08
N ALA G 93 -27.60 -4.57 -7.53
CA ALA G 93 -27.25 -4.71 -8.94
C ALA G 93 -27.31 -6.18 -9.38
N LEU G 94 -26.94 -7.09 -8.48
CA LEU G 94 -26.96 -8.51 -8.81
C LEU G 94 -28.41 -9.03 -8.80
N GLU G 95 -29.24 -8.52 -7.88
CA GLU G 95 -30.64 -8.92 -7.77
C GLU G 95 -31.41 -8.61 -9.05
N ILE G 96 -31.05 -7.51 -9.72
CA ILE G 96 -31.74 -7.16 -10.95
C ILE G 96 -31.67 -8.31 -11.96
N TYR G 97 -30.50 -8.92 -12.08
CA TYR G 97 -30.40 -10.06 -12.97
C TYR G 97 -30.92 -11.35 -12.35
N LYS G 98 -30.63 -11.58 -11.06
CA LYS G 98 -31.02 -12.85 -10.44
C LYS G 98 -32.54 -13.06 -10.39
N ASN G 99 -33.29 -12.00 -10.04
CA ASN G 99 -34.75 -12.01 -9.90
C ASN G 99 -35.46 -12.19 -11.24
N ASN G 100 -34.76 -11.95 -12.36
CA ASN G 100 -35.30 -11.97 -13.71
C ASN G 100 -34.69 -13.08 -14.54
N THR G 101 -34.03 -14.05 -13.89
CA THR G 101 -33.49 -15.16 -14.64
C THR G 101 -34.06 -16.47 -14.09
N HIS G 102 -34.54 -17.32 -14.98
CA HIS G 102 -35.19 -18.56 -14.60
C HIS G 102 -34.75 -19.73 -15.46
N ASP G 103 -34.95 -20.94 -14.95
CA ASP G 103 -34.74 -22.13 -15.77
C ASP G 103 -35.77 -22.11 -16.91
N LEU G 104 -35.37 -22.54 -18.11
CA LEU G 104 -36.25 -22.61 -19.29
C LEU G 104 -37.42 -23.58 -19.05
N GLY G 112 -30.15 -24.03 -20.88
CA GLY G 112 -31.56 -23.65 -20.92
C GLY G 112 -31.89 -22.64 -19.83
N VAL G 113 -31.36 -21.41 -19.97
CA VAL G 113 -31.60 -20.29 -19.05
C VAL G 113 -32.28 -19.14 -19.78
N ILE G 114 -33.43 -18.73 -19.26
CA ILE G 114 -34.22 -17.68 -19.89
C ILE G 114 -34.28 -16.40 -19.03
N MET G 115 -33.99 -15.27 -19.67
CA MET G 115 -33.96 -13.98 -19.00
C MET G 115 -35.16 -13.10 -19.36
N ALA G 116 -35.68 -12.37 -18.38
CA ALA G 116 -36.78 -11.46 -18.64
C ALA G 116 -36.26 -10.16 -19.23
N GLY G 117 -36.08 -10.13 -20.55
CA GLY G 117 -35.50 -8.97 -21.21
C GLY G 117 -36.27 -7.70 -20.92
N VAL G 118 -37.59 -7.83 -20.75
CA VAL G 118 -38.42 -6.66 -20.47
C VAL G 118 -38.08 -6.07 -19.11
N ALA G 119 -37.93 -6.94 -18.11
CA ALA G 119 -37.62 -6.53 -16.75
C ALA G 119 -36.21 -5.98 -16.62
N ILE G 120 -35.27 -6.54 -17.37
CA ILE G 120 -33.89 -6.05 -17.34
C ILE G 120 -33.90 -4.68 -18.00
N GLY G 121 -34.64 -4.58 -19.09
CA GLY G 121 -34.84 -3.34 -19.81
C GLY G 121 -33.68 -3.00 -20.70
N ILE G 122 -32.58 -2.56 -20.08
CA ILE G 122 -31.39 -2.15 -20.81
C ILE G 122 -30.16 -2.94 -20.37
N ALA G 123 -29.46 -3.53 -21.33
CA ALA G 123 -28.22 -4.26 -21.03
C ALA G 123 -27.32 -4.38 -22.25
N THR G 124 -26.03 -4.52 -22.00
CA THR G 124 -25.06 -4.77 -23.06
C THR G 124 -24.91 -6.26 -23.24
N ALA G 125 -24.28 -6.69 -24.34
CA ALA G 125 -24.10 -8.12 -24.57
C ALA G 125 -23.30 -8.76 -23.45
N ALA G 126 -22.30 -8.04 -22.95
CA ALA G 126 -21.44 -8.57 -21.89
C ALA G 126 -22.22 -8.80 -20.61
N GLN G 127 -23.11 -7.86 -20.27
CA GLN G 127 -23.95 -8.00 -19.09
C GLN G 127 -24.91 -9.16 -19.22
N ILE G 128 -25.47 -9.32 -20.41
CA ILE G 128 -26.47 -10.35 -20.68
C ILE G 128 -25.87 -11.75 -20.51
N THR G 129 -24.70 -11.99 -21.11
CA THR G 129 -24.10 -13.30 -20.98
C THR G 129 -23.60 -13.51 -19.56
N ALA G 130 -23.15 -12.43 -18.92
CA ALA G 130 -22.71 -12.48 -17.54
C ALA G 130 -23.89 -12.75 -16.61
N GLY G 131 -25.07 -12.22 -16.97
CA GLY G 131 -26.27 -12.42 -16.18
C GLY G 131 -26.62 -13.90 -16.11
N VAL G 132 -26.41 -14.61 -17.21
CA VAL G 132 -26.62 -16.05 -17.22
C VAL G 132 -25.58 -16.74 -16.36
N ALA G 133 -24.31 -16.34 -16.50
CA ALA G 133 -23.25 -16.94 -15.70
C ALA G 133 -23.54 -16.75 -14.21
N LEU G 134 -24.09 -15.58 -13.87
CA LEU G 134 -24.43 -15.25 -12.50
C LEU G 134 -25.51 -16.20 -11.99
N TYR G 135 -26.56 -16.36 -12.80
CA TYR G 135 -27.66 -17.25 -12.47
C TYR G 135 -27.21 -18.68 -12.26
N GLU G 136 -26.42 -19.20 -13.19
CA GLU G 136 -25.95 -20.57 -13.08
C GLU G 136 -25.06 -20.73 -11.85
N ALA G 137 -24.23 -19.73 -11.58
CA ALA G 137 -23.34 -19.74 -10.43
C ALA G 137 -24.11 -19.79 -9.12
N MET G 138 -25.30 -19.19 -9.08
CA MET G 138 -26.12 -19.18 -7.88
C MET G 138 -26.37 -20.59 -7.38
N LYS G 139 -26.46 -21.55 -8.29
CA LYS G 139 -26.78 -22.92 -7.90
C LYS G 139 -25.71 -23.50 -6.98
N ASN G 140 -24.45 -23.07 -7.14
CA ASN G 140 -23.43 -23.55 -6.23
C ASN G 140 -23.34 -22.63 -5.01
N ALA G 141 -23.66 -21.35 -5.20
CA ALA G 141 -23.63 -20.42 -4.07
C ALA G 141 -24.59 -20.91 -2.99
N ASP G 142 -25.70 -21.50 -3.42
CA ASP G 142 -26.70 -22.08 -2.52
C ASP G 142 -26.15 -23.23 -1.70
N ASN G 143 -25.09 -23.88 -2.19
CA ASN G 143 -24.47 -24.99 -1.47
C ASN G 143 -23.49 -24.42 -0.45
N ILE G 144 -22.78 -23.39 -0.86
CA ILE G 144 -21.81 -22.70 -0.02
C ILE G 144 -22.51 -22.11 1.18
N ASN G 145 -23.68 -21.55 0.95
CA ASN G 145 -24.47 -20.88 1.97
C ASN G 145 -24.97 -21.86 3.05
N LYS G 146 -24.86 -23.17 2.82
CA LYS G 146 -25.27 -24.14 3.82
C LYS G 146 -24.25 -24.16 4.95
N LEU G 147 -23.10 -23.57 4.70
CA LEU G 147 -22.03 -23.43 5.67
C LEU G 147 -21.98 -22.03 6.23
N LYS G 148 -23.07 -21.26 6.08
CA LYS G 148 -23.09 -19.89 6.55
C LYS G 148 -22.57 -19.76 7.99
N SER G 149 -22.94 -20.69 8.85
CA SER G 149 -22.49 -20.63 10.24
C SER G 149 -21.00 -20.90 10.39
N SER G 150 -20.41 -21.66 9.46
CA SER G 150 -18.98 -21.96 9.51
C SER G 150 -18.22 -20.76 8.96
N ILE G 151 -18.84 -20.05 8.02
CA ILE G 151 -18.26 -18.85 7.44
C ILE G 151 -18.21 -17.76 8.51
N GLU G 152 -19.30 -17.59 9.24
CA GLU G 152 -19.38 -16.62 10.33
C GLU G 152 -18.43 -16.95 11.47
N SER G 153 -18.28 -18.24 11.76
CA SER G 153 -17.44 -18.71 12.86
C SER G 153 -15.94 -18.65 12.54
N THR G 154 -15.60 -18.67 11.26
CA THR G 154 -14.19 -18.56 10.86
C THR G 154 -13.47 -17.45 11.60
N ASN G 155 -12.37 -17.84 12.26
CA ASN G 155 -11.53 -16.89 12.98
C ASN G 155 -10.08 -16.91 12.50
N GLU G 156 -9.80 -17.66 11.44
CA GLU G 156 -8.47 -17.68 10.86
C GLU G 156 -8.53 -16.90 9.56
N ALA G 157 -7.40 -16.36 9.13
CA ALA G 157 -7.39 -15.63 7.87
C ALA G 157 -7.79 -16.52 6.72
N VAL G 158 -7.37 -17.79 6.76
CA VAL G 158 -7.73 -18.73 5.70
C VAL G 158 -8.28 -20.04 6.28
N VAL G 159 -9.51 -20.39 5.90
CA VAL G 159 -10.10 -21.66 6.33
C VAL G 159 -10.65 -22.50 5.19
N LYS G 160 -10.24 -23.76 5.16
CA LYS G 160 -10.74 -24.71 4.17
C LYS G 160 -11.94 -25.46 4.73
N LEU G 161 -13.11 -25.25 4.15
CA LEU G 161 -14.31 -25.91 4.63
C LEU G 161 -14.72 -27.04 3.71
N GLN G 162 -14.98 -28.18 4.30
CA GLN G 162 -15.41 -29.36 3.56
C GLN G 162 -16.93 -29.46 3.55
N GLU G 163 -17.53 -29.33 2.37
CA GLU G 163 -18.99 -29.38 2.28
C GLU G 163 -19.46 -30.82 2.26
N THR G 164 -18.84 -31.62 1.38
CA THR G 164 -19.20 -33.03 1.22
C THR G 164 -17.98 -33.87 0.90
N ALA G 165 -16.78 -33.38 1.24
CA ALA G 165 -15.49 -33.99 0.89
C ALA G 165 -15.15 -33.76 -0.58
N GLU G 166 -16.08 -34.11 -1.47
CA GLU G 166 -15.91 -33.89 -2.90
C GLU G 166 -15.94 -32.40 -3.20
N LYS G 167 -16.76 -31.67 -2.45
CA LYS G 167 -16.89 -30.23 -2.58
C LYS G 167 -16.17 -29.52 -1.45
N THR G 168 -15.26 -28.61 -1.82
CA THR G 168 -14.49 -27.80 -0.87
C THR G 168 -14.59 -26.33 -1.21
N VAL G 169 -14.82 -25.49 -0.20
CA VAL G 169 -14.87 -24.05 -0.39
C VAL G 169 -13.92 -23.39 0.60
N TYR G 170 -13.22 -22.37 0.15
CA TYR G 170 -12.33 -21.66 1.06
C TYR G 170 -12.90 -20.34 1.51
N VAL G 171 -12.65 -20.00 2.77
CA VAL G 171 -13.06 -18.73 3.32
C VAL G 171 -11.85 -17.88 3.68
N LEU G 172 -11.80 -16.67 3.13
CA LEU G 172 -10.74 -15.71 3.43
C LEU G 172 -11.32 -14.61 4.29
N THR G 173 -10.65 -14.24 5.39
CA THR G 173 -11.20 -13.20 6.26
C THR G 173 -10.31 -11.96 6.35
N ALA G 174 -10.89 -10.81 6.05
CA ALA G 174 -10.17 -9.54 6.06
C ALA G 174 -9.68 -9.20 7.46
N LEU G 175 -8.44 -8.72 7.53
CA LEU G 175 -7.80 -8.26 8.77
C LEU G 175 -7.72 -9.32 9.87
N GLN G 176 -8.03 -10.57 9.56
CA GLN G 176 -8.03 -11.55 10.63
C GLN G 176 -6.64 -11.84 11.15
N ASP G 177 -5.64 -11.77 10.27
CA ASP G 177 -4.27 -12.06 10.67
C ASP G 177 -3.75 -10.92 11.52
N TYR G 178 -4.12 -9.71 11.14
CA TYR G 178 -3.76 -8.51 11.88
C TYR G 178 -4.26 -8.62 13.30
N ILE G 179 -5.52 -8.98 13.46
CA ILE G 179 -6.14 -9.06 14.77
C ILE G 179 -5.54 -10.19 15.60
N ASN G 180 -5.35 -11.36 14.98
CA ASN G 180 -4.82 -12.52 15.69
C ASN G 180 -3.39 -12.30 16.18
N THR G 181 -2.61 -11.46 15.49
CA THR G 181 -1.22 -11.22 15.89
C THR G 181 -1.00 -9.89 16.62
N ASN G 182 -1.80 -8.87 16.33
CA ASN G 182 -1.56 -7.54 16.93
C ASN G 182 -2.57 -7.05 17.96
N LEU G 183 -3.76 -7.65 18.06
CA LEU G 183 -4.72 -7.15 19.05
C LEU G 183 -5.03 -8.21 20.12
N VAL G 184 -5.29 -9.43 19.69
CA VAL G 184 -5.62 -10.49 20.66
C VAL G 184 -4.46 -10.79 21.63
N PRO G 185 -3.21 -10.97 21.17
CA PRO G 185 -2.08 -11.28 22.02
C PRO G 185 -1.54 -10.06 22.72
N THR G 186 -2.18 -8.90 22.54
CA THR G 186 -1.68 -7.68 23.15
C THR G 186 -2.58 -7.26 24.29
N ILE G 187 -3.46 -8.16 24.71
CA ILE G 187 -4.39 -7.85 25.79
C ILE G 187 -3.79 -7.23 27.06
N ASP G 188 -2.66 -7.74 27.55
CA ASP G 188 -1.99 -7.08 28.69
C ASP G 188 -0.62 -6.40 28.30
N LYS G 189 -0.63 -5.90 27.06
CA LYS G 189 0.56 -5.25 26.52
C LYS G 189 0.13 -3.80 26.36
N ILE G 190 -1.08 -3.63 25.85
CA ILE G 190 -1.65 -2.32 25.62
C ILE G 190 -2.96 -2.25 26.35
N SER G 191 -3.47 -1.06 26.58
CA SER G 191 -4.73 -0.91 27.27
C SER G 191 -5.87 -1.40 26.37
N CYS G 192 -7.03 -1.69 26.97
CA CYS G 192 -8.22 -2.14 26.26
C CYS G 192 -8.74 -1.06 25.27
N LYS G 193 -8.72 0.23 25.70
CA LYS G 193 -9.13 1.34 24.84
C LYS G 193 -8.14 1.52 23.68
N GLN G 194 -6.84 1.34 23.94
CA GLN G 194 -5.87 1.45 22.87
C GLN G 194 -6.09 0.35 21.84
N THR G 195 -6.47 -0.84 22.32
CA THR G 195 -6.76 -1.97 21.45
C THR G 195 -7.95 -1.63 20.56
N GLU G 196 -8.98 -1.04 21.16
CA GLU G 196 -10.17 -0.59 20.43
C GLU G 196 -9.82 0.42 19.34
N LEU G 197 -8.97 1.38 19.67
CA LEU G 197 -8.58 2.40 18.70
C LEU G 197 -7.82 1.78 17.53
N SER G 198 -6.95 0.82 17.83
CA SER G 198 -6.18 0.15 16.78
C SER G 198 -7.10 -0.68 15.88
N LEU G 199 -8.14 -1.29 16.45
CA LEU G 199 -9.11 -2.02 15.66
C LEU G 199 -9.86 -1.08 14.72
N ASP G 200 -10.29 0.07 15.27
CA ASP G 200 -11.05 1.04 14.50
C ASP G 200 -10.23 1.55 13.32
N LEU G 201 -8.95 1.83 13.54
CA LEU G 201 -8.10 2.31 12.48
C LEU G 201 -7.82 1.23 11.44
N ALA G 202 -7.64 -0.01 11.88
CA ALA G 202 -7.40 -1.11 10.94
C ALA G 202 -8.60 -1.30 10.02
N LEU G 203 -9.80 -1.19 10.61
CA LEU G 203 -11.04 -1.32 9.86
C LEU G 203 -11.23 -0.16 8.89
N SER G 204 -10.91 1.04 9.34
CA SER G 204 -11.06 2.22 8.52
C SER G 204 -10.08 2.21 7.35
N LYS G 205 -8.85 1.77 7.60
CA LYS G 205 -7.86 1.69 6.54
C LYS G 205 -8.29 0.64 5.52
N TYR G 206 -8.82 -0.48 6.01
CA TYR G 206 -9.33 -1.51 5.12
C TYR G 206 -10.38 -0.94 4.19
N LEU G 207 -11.36 -0.23 4.74
CA LEU G 207 -12.43 0.34 3.92
C LEU G 207 -11.87 1.38 2.96
N SER G 208 -10.89 2.16 3.40
CA SER G 208 -10.31 3.19 2.54
C SER G 208 -9.81 2.57 1.25
N ASP G 209 -9.20 1.39 1.33
CA ASP G 209 -8.73 0.73 0.12
C ASP G 209 -9.85 -0.07 -0.57
N LEU G 210 -10.76 -0.63 0.22
CA LEU G 210 -11.86 -1.45 -0.32
C LEU G 210 -12.70 -0.62 -1.29
N LEU G 211 -12.92 0.64 -0.93
CA LEU G 211 -13.75 1.58 -1.67
C LEU G 211 -13.25 1.88 -3.08
N PHE G 212 -11.98 1.62 -3.36
CA PHE G 212 -11.49 1.90 -4.70
C PHE G 212 -11.96 0.84 -5.69
N VAL G 213 -12.40 -0.31 -5.17
CA VAL G 213 -12.83 -1.44 -5.99
C VAL G 213 -14.31 -1.76 -5.84
N PHE G 214 -14.79 -1.83 -4.60
CA PHE G 214 -16.17 -2.24 -4.31
C PHE G 214 -17.06 -1.06 -3.99
N GLY G 215 -16.56 0.12 -4.23
CA GLY G 215 -17.28 1.36 -3.97
C GLY G 215 -18.12 1.72 -5.20
N PRO G 216 -18.55 2.99 -5.30
CA PRO G 216 -19.40 3.56 -6.35
C PRO G 216 -18.87 3.35 -7.77
N ASN G 217 -17.57 3.08 -7.88
CA ASN G 217 -16.96 2.84 -9.19
C ASN G 217 -17.43 1.51 -9.78
N LEU G 218 -17.89 0.60 -8.92
CA LEU G 218 -18.34 -0.72 -9.36
C LEU G 218 -19.80 -0.65 -9.78
N GLN G 219 -20.05 0.08 -10.87
CA GLN G 219 -21.40 0.28 -11.41
C GLN G 219 -21.94 -1.01 -12.00
N ASP G 220 -21.05 -1.95 -12.27
CA ASP G 220 -21.41 -3.22 -12.88
C ASP G 220 -20.63 -4.39 -12.28
N PRO G 221 -21.15 -5.02 -11.22
CA PRO G 221 -20.61 -6.19 -10.56
C PRO G 221 -21.08 -7.48 -11.22
N VAL G 222 -21.81 -7.36 -12.32
CA VAL G 222 -22.39 -8.52 -12.99
C VAL G 222 -21.41 -9.02 -14.02
N SER G 223 -20.88 -8.11 -14.84
CA SER G 223 -19.94 -8.50 -15.88
C SER G 223 -18.73 -9.19 -15.27
N ASN G 224 -18.34 -10.33 -15.84
CA ASN G 224 -17.21 -11.11 -15.33
C ASN G 224 -15.95 -10.64 -16.04
N SER G 225 -15.52 -9.42 -15.71
CA SER G 225 -14.35 -8.79 -16.32
C SER G 225 -13.52 -8.11 -15.24
N MET G 226 -13.87 -8.36 -13.98
CA MET G 226 -13.21 -7.72 -12.85
C MET G 226 -11.92 -8.47 -12.50
N THR G 227 -10.77 -7.81 -12.66
CA THR G 227 -9.49 -8.48 -12.48
C THR G 227 -9.30 -8.96 -11.05
N ILE G 228 -8.69 -10.12 -10.88
CA ILE G 228 -8.54 -10.71 -9.56
C ILE G 228 -7.70 -9.87 -8.60
N GLN G 229 -6.75 -9.09 -9.13
CA GLN G 229 -5.93 -8.21 -8.28
C GLN G 229 -6.78 -7.09 -7.64
N ALA G 230 -7.94 -6.81 -8.22
CA ALA G 230 -8.85 -5.80 -7.69
C ALA G 230 -9.75 -6.43 -6.65
N ILE G 231 -10.22 -7.63 -6.95
CA ILE G 231 -11.11 -8.34 -6.03
C ILE G 231 -10.42 -8.62 -4.72
N SER G 232 -9.14 -8.96 -4.82
CA SER G 232 -8.30 -9.32 -3.69
C SER G 232 -8.13 -8.19 -2.69
N GLN G 233 -8.54 -6.96 -3.06
CA GLN G 233 -8.44 -5.85 -2.13
C GLN G 233 -9.34 -6.12 -0.92
N ALA G 234 -10.36 -6.96 -1.13
CA ALA G 234 -11.28 -7.38 -0.08
C ALA G 234 -10.54 -8.24 0.95
N PHE G 235 -9.37 -8.74 0.58
CA PHE G 235 -8.53 -9.55 1.45
C PHE G 235 -7.15 -8.88 1.59
N GLY G 236 -7.14 -7.54 1.58
CA GLY G 236 -5.91 -6.77 1.82
C GLY G 236 -5.04 -6.59 0.59
N GLY G 237 -5.52 -7.06 -0.56
CA GLY G 237 -4.78 -6.99 -1.80
C GLY G 237 -3.89 -8.22 -1.96
N ASN G 238 -4.06 -9.18 -1.06
CA ASN G 238 -3.24 -10.38 -1.08
C ASN G 238 -3.78 -11.42 -2.05
N TYR G 239 -3.61 -11.13 -3.35
CA TYR G 239 -4.11 -12.00 -4.40
C TYR G 239 -3.29 -13.27 -4.52
N GLU G 240 -2.02 -13.23 -4.08
CA GLU G 240 -1.20 -14.43 -4.16
C GLU G 240 -1.76 -15.50 -3.23
N THR G 241 -2.21 -15.11 -2.04
CA THR G 241 -2.80 -16.09 -1.13
C THR G 241 -4.08 -16.63 -1.72
N LEU G 242 -4.92 -15.74 -2.25
CA LEU G 242 -6.20 -16.14 -2.81
C LEU G 242 -6.00 -17.19 -3.88
N LEU G 243 -5.08 -16.93 -4.80
CA LEU G 243 -4.85 -17.83 -5.92
C LEU G 243 -4.23 -19.15 -5.49
N ARG G 244 -3.26 -19.12 -4.57
CA ARG G 244 -2.66 -20.37 -4.12
C ARG G 244 -3.72 -21.24 -3.45
N THR G 245 -4.59 -20.58 -2.70
CA THR G 245 -5.69 -21.24 -2.00
C THR G 245 -6.55 -22.04 -2.98
N LEU G 246 -6.77 -21.49 -4.18
CA LEU G 246 -7.58 -22.13 -5.19
C LEU G 246 -6.83 -23.15 -6.07
N GLY G 247 -5.53 -23.35 -5.83
CA GLY G 247 -4.75 -24.35 -6.56
C GLY G 247 -4.22 -23.92 -7.94
N TYR G 248 -5.16 -23.61 -8.84
CA TYR G 248 -4.94 -23.18 -10.22
C TYR G 248 -4.08 -24.15 -11.06
N ALA G 249 -3.84 -23.78 -12.32
CA ALA G 249 -3.00 -24.56 -13.25
C ALA G 249 -1.75 -23.75 -13.54
N THR G 250 -0.61 -24.42 -13.68
CA THR G 250 0.68 -23.74 -13.76
C THR G 250 1.31 -23.63 -15.15
N GLU G 251 0.58 -23.93 -16.21
CA GLU G 251 1.20 -23.92 -17.53
C GLU G 251 1.82 -22.55 -17.87
N ASP G 252 1.07 -21.50 -17.59
CA ASP G 252 1.50 -20.12 -17.81
C ASP G 252 0.75 -19.17 -16.89
N PHE G 253 0.68 -19.54 -15.62
CA PHE G 253 -0.03 -18.83 -14.56
C PHE G 253 0.35 -17.36 -14.43
N ASP G 254 1.65 -17.09 -14.47
CA ASP G 254 2.09 -15.72 -14.22
C ASP G 254 1.75 -14.80 -15.39
N ASP G 255 1.72 -15.36 -16.61
CA ASP G 255 1.37 -14.56 -17.78
C ASP G 255 -0.11 -14.23 -17.72
N LEU G 256 -0.91 -15.18 -17.25
CA LEU G 256 -2.34 -14.96 -17.10
C LEU G 256 -2.63 -13.82 -16.12
N LEU G 257 -1.85 -13.74 -15.05
CA LEU G 257 -2.10 -12.68 -14.09
C LEU G 257 -1.73 -11.29 -14.59
N GLU G 258 -0.56 -11.15 -15.22
CA GLU G 258 -0.15 -9.80 -15.64
C GLU G 258 -0.99 -9.28 -16.79
N SER G 259 -1.49 -10.19 -17.63
CA SER G 259 -2.34 -9.81 -18.75
C SER G 259 -3.79 -9.58 -18.33
N ASP G 260 -4.09 -9.74 -17.03
CA ASP G 260 -5.45 -9.62 -16.50
C ASP G 260 -6.43 -10.60 -17.15
N SER G 261 -5.98 -11.84 -17.35
CA SER G 261 -6.83 -12.89 -17.89
C SER G 261 -7.60 -13.58 -16.77
N ILE G 262 -7.04 -13.59 -15.56
CA ILE G 262 -7.71 -14.18 -14.40
C ILE G 262 -8.55 -13.13 -13.72
N THR G 263 -9.84 -13.38 -13.72
CA THR G 263 -10.85 -12.43 -13.27
C THR G 263 -11.85 -13.13 -12.39
N GLY G 264 -12.71 -12.36 -11.74
CA GLY G 264 -13.77 -12.98 -10.98
C GLY G 264 -15.09 -12.23 -11.15
N GLN G 265 -16.14 -12.83 -10.63
CA GLN G 265 -17.48 -12.28 -10.67
C GLN G 265 -18.12 -12.36 -9.29
N ILE G 266 -18.81 -11.33 -8.86
CA ILE G 266 -19.43 -11.43 -7.55
C ILE G 266 -20.76 -12.14 -7.75
N ILE G 267 -20.91 -13.28 -7.09
CA ILE G 267 -22.10 -14.11 -7.27
C ILE G 267 -23.12 -13.85 -6.19
N TYR G 268 -22.67 -13.73 -4.96
CA TYR G 268 -23.59 -13.57 -3.84
C TYR G 268 -23.08 -12.60 -2.79
N VAL G 269 -23.97 -11.76 -2.29
CA VAL G 269 -23.64 -10.83 -1.22
C VAL G 269 -24.53 -11.05 -0.01
N ASP G 270 -23.91 -11.30 1.14
CA ASP G 270 -24.66 -11.49 2.37
C ASP G 270 -24.49 -10.28 3.29
N LEU G 271 -25.55 -9.48 3.40
CA LEU G 271 -25.51 -8.21 4.12
C LEU G 271 -25.77 -8.36 5.61
N SER G 272 -26.00 -9.59 6.06
CA SER G 272 -26.19 -9.82 7.49
C SER G 272 -24.91 -10.36 8.09
N SER G 273 -24.14 -11.06 7.26
CA SER G 273 -22.89 -11.68 7.68
C SER G 273 -21.67 -10.97 7.09
N TYR G 274 -21.91 -10.06 6.13
CA TYR G 274 -20.89 -9.24 5.50
C TYR G 274 -19.79 -10.02 4.78
N TYR G 275 -20.22 -10.99 3.98
CA TYR G 275 -19.30 -11.75 3.13
C TYR G 275 -19.83 -11.84 1.73
N ILE G 276 -18.93 -12.05 0.77
CA ILE G 276 -19.36 -12.25 -0.60
C ILE G 276 -18.81 -13.54 -1.17
N ILE G 277 -19.50 -14.09 -2.16
CA ILE G 277 -19.02 -15.26 -2.86
C ILE G 277 -18.57 -14.83 -4.24
N VAL G 278 -17.31 -15.12 -4.55
CA VAL G 278 -16.71 -14.75 -5.81
C VAL G 278 -16.33 -15.95 -6.63
N ARG G 279 -16.73 -15.94 -7.90
CA ARG G 279 -16.37 -17.00 -8.81
C ARG G 279 -15.12 -16.56 -9.54
N VAL G 280 -14.06 -17.33 -9.44
CA VAL G 280 -12.80 -16.98 -10.06
C VAL G 280 -12.58 -17.82 -11.31
N TYR G 281 -12.36 -17.14 -12.42
CA TYR G 281 -12.19 -17.74 -13.73
C TYR G 281 -10.71 -17.89 -14.06
N PHE G 282 -10.32 -19.10 -14.45
CA PHE G 282 -8.95 -19.43 -14.80
C PHE G 282 -8.83 -19.95 -16.24
N PRO G 283 -8.71 -19.05 -17.23
CA PRO G 283 -8.65 -19.32 -18.67
C PRO G 283 -7.32 -19.91 -19.05
N ILE G 284 -7.30 -20.56 -20.19
CA ILE G 284 -6.09 -21.13 -20.75
C ILE G 284 -5.70 -20.30 -21.95
N LEU G 285 -4.45 -19.89 -22.02
CA LEU G 285 -4.05 -19.11 -23.16
C LEU G 285 -3.80 -20.04 -24.33
N THR G 286 -4.46 -19.78 -25.45
CA THR G 286 -4.26 -20.64 -26.59
C THR G 286 -3.57 -19.87 -27.71
N GLU G 287 -2.82 -20.60 -28.50
CA GLU G 287 -2.11 -20.00 -29.62
C GLU G 287 -3.01 -19.95 -30.84
N ILE G 288 -2.90 -18.86 -31.58
CA ILE G 288 -3.61 -18.75 -32.84
C ILE G 288 -2.67 -19.26 -33.91
N GLN G 289 -3.06 -20.32 -34.58
CA GLN G 289 -2.17 -21.06 -35.46
C GLN G 289 -1.62 -20.22 -36.60
N GLN G 290 -2.41 -19.27 -37.06
CA GLN G 290 -1.99 -18.44 -38.19
C GLN G 290 -1.70 -16.99 -37.79
N ALA G 291 -1.48 -16.71 -36.51
CA ALA G 291 -1.26 -15.31 -36.14
C ALA G 291 -0.01 -15.07 -35.32
N TYR G 292 0.66 -13.98 -35.67
CA TYR G 292 1.85 -13.53 -34.97
C TYR G 292 1.95 -12.02 -34.96
N ILE G 293 2.74 -11.50 -34.03
CA ILE G 293 3.00 -10.07 -33.95
C ILE G 293 4.47 -9.78 -34.18
N GLN G 294 4.74 -8.92 -35.13
CA GLN G 294 6.11 -8.56 -35.46
C GLN G 294 6.45 -7.20 -34.89
N GLU G 295 7.51 -7.16 -34.08
CA GLU G 295 7.99 -5.89 -33.56
C GLU G 295 9.02 -5.27 -34.51
N LEU G 296 8.87 -3.99 -34.78
CA LEU G 296 9.86 -3.25 -35.55
C LEU G 296 10.63 -2.40 -34.57
N LEU G 297 11.92 -2.18 -34.82
CA LEU G 297 12.76 -1.36 -33.95
C LEU G 297 13.06 -0.01 -34.62
N PRO G 298 12.46 1.10 -34.17
CA PRO G 298 12.64 2.44 -34.70
C PRO G 298 14.11 2.88 -34.62
N VAL G 299 14.64 3.36 -35.73
CA VAL G 299 15.98 3.91 -35.81
C VAL G 299 15.96 5.24 -36.55
N SER G 300 16.52 6.29 -35.96
CA SER G 300 16.55 7.58 -36.63
C SER G 300 17.41 7.47 -37.88
N PHE G 301 16.98 8.10 -38.97
CA PHE G 301 17.72 8.02 -40.22
C PHE G 301 17.92 9.39 -40.85
N ASN G 302 18.93 9.48 -41.72
CA ASN G 302 19.24 10.72 -42.41
C ASN G 302 18.39 10.99 -43.65
N ASN G 303 17.97 12.24 -43.79
CA ASN G 303 17.33 12.74 -44.99
C ASN G 303 17.62 14.22 -45.10
N ASP G 304 17.99 14.70 -46.28
CA ASP G 304 18.40 16.08 -46.44
C ASP G 304 19.53 16.39 -45.45
N ASP G 305 19.28 17.29 -44.50
CA ASP G 305 20.32 17.65 -43.53
C ASP G 305 19.80 17.56 -42.10
N SER G 306 18.92 16.59 -41.85
CA SER G 306 18.35 16.39 -40.52
C SER G 306 17.98 14.94 -40.24
N GLU G 307 17.73 14.64 -38.97
CA GLU G 307 17.30 13.31 -38.54
C GLU G 307 15.78 13.17 -38.60
N TRP G 308 15.32 12.00 -39.07
CA TRP G 308 13.90 11.67 -39.17
C TRP G 308 13.58 10.31 -38.59
N ILE G 309 12.35 10.15 -38.09
CA ILE G 309 11.94 8.85 -37.59
C ILE G 309 10.59 8.47 -38.22
N SER G 310 10.50 7.28 -38.77
CA SER G 310 9.27 6.85 -39.43
C SER G 310 8.17 6.52 -38.43
N ILE G 311 6.97 7.00 -38.73
CA ILE G 311 5.81 6.76 -37.87
C ILE G 311 4.96 5.63 -38.43
N VAL G 312 5.32 4.43 -38.04
CA VAL G 312 4.71 3.19 -38.47
C VAL G 312 4.47 2.39 -37.20
N PRO G 313 3.41 1.58 -37.06
CA PRO G 313 3.12 0.83 -35.86
C PRO G 313 4.33 0.00 -35.49
N ASN G 314 4.67 0.00 -34.20
CA ASN G 314 5.82 -0.76 -33.72
C ASN G 314 5.48 -2.23 -33.64
N PHE G 315 4.22 -2.53 -33.34
CA PHE G 315 3.76 -3.90 -33.24
C PHE G 315 2.70 -4.15 -34.29
N ILE G 316 3.04 -4.98 -35.26
CA ILE G 316 2.16 -5.27 -36.37
C ILE G 316 1.59 -6.68 -36.26
N LEU G 317 0.28 -6.77 -36.35
CA LEU G 317 -0.38 -8.06 -36.22
C LEU G 317 -0.68 -8.65 -37.58
N VAL G 318 -0.21 -9.87 -37.80
CA VAL G 318 -0.45 -10.54 -39.06
C VAL G 318 -1.24 -11.81 -38.81
N ARG G 319 -2.39 -11.91 -39.47
CA ARG G 319 -3.24 -13.08 -39.34
C ARG G 319 -3.56 -13.62 -40.73
N ASN G 320 -3.09 -14.84 -41.01
CA ASN G 320 -3.20 -15.39 -42.35
C ASN G 320 -2.48 -14.46 -43.33
N THR G 321 -3.22 -13.83 -44.24
CA THR G 321 -2.62 -12.95 -45.23
C THR G 321 -2.96 -11.48 -44.98
N LEU G 322 -3.60 -11.20 -43.85
CA LEU G 322 -4.01 -9.84 -43.52
C LEU G 322 -3.09 -9.13 -42.53
N ILE G 323 -2.62 -7.95 -42.93
CA ILE G 323 -1.81 -7.11 -42.07
C ILE G 323 -2.72 -6.10 -41.39
N SER G 324 -2.72 -6.08 -40.06
CA SER G 324 -3.59 -5.18 -39.31
C SER G 324 -2.89 -4.67 -38.05
N ASN G 325 -3.59 -3.82 -37.31
CA ASN G 325 -3.05 -3.22 -36.10
C ASN G 325 -3.51 -3.95 -34.85
N ILE G 326 -3.04 -3.51 -33.69
CA ILE G 326 -3.43 -4.09 -32.42
C ILE G 326 -3.21 -3.11 -31.27
N GLU G 327 -4.15 -3.08 -30.33
CA GLU G 327 -3.97 -2.25 -29.14
C GLU G 327 -3.16 -3.02 -28.11
N ILE G 328 -1.89 -3.22 -28.44
CA ILE G 328 -0.99 -4.05 -27.65
C ILE G 328 -0.70 -3.44 -26.29
N GLY G 329 -1.05 -2.16 -26.12
CA GLY G 329 -0.86 -1.44 -24.86
C GLY G 329 -1.67 -2.08 -23.72
N PHE G 330 -2.63 -2.93 -24.09
CA PHE G 330 -3.45 -3.66 -23.11
C PHE G 330 -3.04 -5.14 -22.96
N CYS G 331 -1.91 -5.56 -23.56
CA CYS G 331 -1.43 -6.93 -23.57
C CYS G 331 -0.07 -7.04 -22.88
N LEU G 332 0.28 -8.26 -22.43
CA LEU G 332 1.57 -8.59 -21.82
C LEU G 332 2.56 -9.05 -22.88
N ILE G 333 3.73 -8.45 -22.90
CA ILE G 333 4.72 -8.82 -23.88
C ILE G 333 5.88 -9.57 -23.23
N THR G 334 6.12 -10.78 -23.71
CA THR G 334 7.18 -11.63 -23.20
C THR G 334 8.16 -11.92 -24.32
N LYS G 335 9.17 -12.74 -24.06
CA LYS G 335 10.17 -13.03 -25.07
C LYS G 335 9.62 -13.85 -26.24
N ARG G 336 8.65 -14.73 -25.97
CA ARG G 336 8.15 -15.62 -27.01
C ARG G 336 6.75 -15.28 -27.53
N SER G 337 5.96 -14.57 -26.75
CA SER G 337 4.57 -14.34 -27.10
C SER G 337 3.98 -13.05 -26.56
N VAL G 338 2.86 -12.65 -27.15
CA VAL G 338 2.07 -11.54 -26.65
C VAL G 338 0.78 -12.12 -26.09
N ILE G 339 0.56 -11.89 -24.81
CA ILE G 339 -0.57 -12.47 -24.12
C ILE G 339 -1.66 -11.42 -23.86
N CYS G 340 -2.83 -11.62 -24.47
CA CYS G 340 -3.96 -10.70 -24.37
C CYS G 340 -5.13 -11.41 -23.68
N ASN G 341 -5.94 -10.63 -22.93
CA ASN G 341 -7.13 -11.15 -22.23
C ASN G 341 -8.39 -11.00 -23.06
N GLN G 342 -8.20 -10.62 -24.32
CA GLN G 342 -9.24 -10.48 -25.32
C GLN G 342 -8.56 -10.19 -26.65
N ASP G 343 -9.32 -10.20 -27.73
CA ASP G 343 -8.78 -9.85 -29.04
C ASP G 343 -8.71 -8.33 -29.22
N TYR G 344 -7.50 -7.81 -29.37
CA TYR G 344 -7.28 -6.37 -29.48
C TYR G 344 -6.94 -5.93 -30.91
N ALA G 345 -7.19 -6.79 -31.88
CA ALA G 345 -6.88 -6.45 -33.27
C ALA G 345 -7.70 -5.25 -33.73
N THR G 346 -7.07 -4.35 -34.47
CA THR G 346 -7.78 -3.19 -35.02
C THR G 346 -7.42 -3.02 -36.51
N PRO G 347 -8.21 -2.27 -37.29
CA PRO G 347 -7.97 -1.95 -38.68
C PRO G 347 -6.71 -1.15 -38.90
N MET G 348 -6.21 -1.24 -40.12
CA MET G 348 -5.06 -0.51 -40.63
C MET G 348 -5.48 0.11 -41.94
N THR G 349 -4.95 1.30 -42.26
CA THR G 349 -5.32 1.94 -43.52
C THR G 349 -4.64 1.26 -44.68
N ASN G 350 -5.13 1.53 -45.90
CA ASN G 350 -4.52 0.96 -47.09
C ASN G 350 -3.15 1.57 -47.35
N ASN G 351 -2.98 2.82 -46.94
CA ASN G 351 -1.71 3.50 -47.17
C ASN G 351 -0.63 2.95 -46.26
N MET G 352 -1.01 2.56 -45.03
CA MET G 352 -0.04 1.99 -44.12
C MET G 352 0.27 0.57 -44.52
N ARG G 353 -0.73 -0.13 -45.03
CA ARG G 353 -0.49 -1.49 -45.47
C ARG G 353 0.47 -1.49 -46.65
N GLU G 354 0.27 -0.56 -47.60
CA GLU G 354 1.19 -0.45 -48.73
C GLU G 354 2.61 -0.07 -48.29
N CYS G 355 2.73 0.85 -47.29
CA CYS G 355 4.01 1.21 -46.65
C CYS G 355 4.76 -0.05 -46.19
N LEU G 356 4.06 -0.90 -45.43
CA LEU G 356 4.58 -2.14 -44.86
C LEU G 356 4.95 -3.19 -45.89
N THR G 357 4.30 -3.18 -47.05
CA THR G 357 4.62 -4.16 -48.08
C THR G 357 5.61 -3.61 -49.13
N GLY G 358 6.21 -2.44 -48.88
CA GLY G 358 7.28 -1.93 -49.76
C GLY G 358 7.07 -0.57 -50.43
N SER G 359 5.87 0.00 -50.36
CA SER G 359 5.65 1.30 -50.99
C SER G 359 6.05 2.40 -50.02
N THR G 360 7.35 2.57 -49.83
CA THR G 360 7.86 3.44 -48.77
C THR G 360 7.64 4.92 -49.04
N GLU G 361 7.22 5.26 -50.25
CA GLU G 361 6.89 6.64 -50.58
C GLU G 361 5.64 7.08 -49.82
N LYS G 362 4.89 6.11 -49.26
CA LYS G 362 3.72 6.39 -48.44
C LYS G 362 3.93 6.22 -46.93
N CYS G 363 5.20 5.99 -46.47
CA CYS G 363 5.52 5.84 -45.06
C CYS G 363 5.80 7.25 -44.46
N PRO G 364 4.97 7.77 -43.50
CA PRO G 364 5.09 9.10 -42.92
C PRO G 364 6.30 9.18 -42.00
N ARG G 365 6.91 10.36 -41.93
CA ARG G 365 8.08 10.55 -41.05
C ARG G 365 7.99 11.82 -40.21
N GLU G 366 8.42 11.72 -38.97
CA GLU G 366 8.43 12.86 -38.06
C GLU G 366 9.85 13.35 -37.87
N LEU G 367 10.03 14.66 -37.82
CA LEU G 367 11.35 15.23 -37.62
C LEU G 367 11.87 14.88 -36.24
N VAL G 368 13.14 14.55 -36.12
CA VAL G 368 13.70 14.32 -34.80
C VAL G 368 14.44 15.56 -34.32
N VAL G 369 13.98 16.12 -33.21
CA VAL G 369 14.64 17.31 -32.66
C VAL G 369 15.28 16.99 -31.32
N SER G 370 14.83 15.91 -30.69
CA SER G 370 15.38 15.48 -29.42
C SER G 370 16.79 14.94 -29.59
N SER G 371 17.63 15.19 -28.60
CA SER G 371 18.99 14.68 -28.57
C SER G 371 19.04 13.20 -28.19
N HIS G 372 17.90 12.67 -27.74
CA HIS G 372 17.82 11.28 -27.29
C HIS G 372 16.84 10.46 -28.13
N VAL G 373 17.37 9.83 -29.17
CA VAL G 373 16.61 8.99 -30.07
C VAL G 373 17.47 7.76 -30.32
N PRO G 374 16.92 6.56 -30.51
CA PRO G 374 17.68 5.43 -30.98
C PRO G 374 18.31 5.78 -32.31
N ARG G 375 19.62 5.55 -32.43
CA ARG G 375 20.32 5.86 -33.68
C ARG G 375 20.87 4.60 -34.33
N PHE G 376 20.59 3.46 -33.72
CA PHE G 376 21.00 2.18 -34.27
C PHE G 376 20.19 1.03 -33.69
N ALA G 377 20.23 -0.10 -34.39
CA ALA G 377 19.61 -1.33 -33.91
C ALA G 377 20.35 -2.55 -34.44
N LEU G 378 20.28 -3.63 -33.68
CA LEU G 378 20.88 -4.90 -34.06
C LEU G 378 19.79 -5.90 -34.44
N SER G 379 19.92 -6.53 -35.59
CA SER G 379 18.94 -7.55 -35.98
C SER G 379 19.60 -8.72 -36.69
N ASN G 380 19.54 -9.88 -36.05
CA ASN G 380 20.12 -11.13 -36.53
C ASN G 380 21.60 -10.99 -36.82
N GLY G 381 22.29 -10.23 -35.98
CA GLY G 381 23.72 -10.03 -36.13
C GLY G 381 24.08 -8.90 -37.10
N VAL G 382 23.08 -8.25 -37.69
CA VAL G 382 23.35 -7.16 -38.62
C VAL G 382 23.11 -5.82 -37.95
N LEU G 383 24.07 -4.91 -38.09
CA LEU G 383 23.97 -3.63 -37.42
C LEU G 383 23.52 -2.51 -38.36
N PHE G 384 22.46 -1.84 -37.99
CA PHE G 384 21.92 -0.73 -38.77
C PHE G 384 22.14 0.56 -38.01
N ALA G 385 22.85 1.52 -38.60
CA ALA G 385 23.14 2.75 -37.86
C ALA G 385 23.16 4.00 -38.73
N ASN G 386 22.71 5.10 -38.13
CA ASN G 386 22.75 6.40 -38.79
C ASN G 386 24.09 7.07 -38.53
N CYS G 387 25.13 6.61 -39.24
CA CYS G 387 26.54 6.97 -39.01
C CYS G 387 26.87 8.46 -39.28
N ILE G 388 25.85 9.29 -39.50
CA ILE G 388 25.94 10.74 -39.58
C ILE G 388 25.71 11.35 -38.19
N SER G 389 24.80 10.76 -37.43
CA SER G 389 24.47 11.27 -36.10
C SER G 389 25.15 10.47 -34.98
N VAL G 390 25.54 9.23 -35.27
CA VAL G 390 26.29 8.41 -34.30
C VAL G 390 27.66 8.12 -34.88
N THR G 391 28.70 8.30 -34.09
CA THR G 391 30.03 8.07 -34.63
C THR G 391 30.27 6.57 -34.83
N CYS G 392 30.56 6.17 -36.08
CA CYS G 392 30.82 4.79 -36.48
C CYS G 392 32.30 4.66 -36.89
N GLN G 393 32.98 3.67 -36.30
CA GLN G 393 34.37 3.33 -36.61
C GLN G 393 34.46 1.82 -36.76
N CYS G 394 35.40 1.32 -37.59
CA CYS G 394 35.58 -0.12 -37.78
C CYS G 394 36.75 -0.63 -36.93
N GLN G 395 36.47 -1.60 -36.04
CA GLN G 395 37.44 -2.16 -35.10
C GLN G 395 38.54 -2.96 -35.79
N THR G 396 38.21 -3.61 -36.91
CA THR G 396 39.16 -4.49 -37.56
C THR G 396 40.08 -3.77 -38.55
N THR G 397 39.70 -2.58 -39.00
CA THR G 397 40.53 -1.89 -39.99
C THR G 397 41.16 -0.60 -39.46
N GLY G 398 40.58 -0.02 -38.41
CA GLY G 398 41.09 1.24 -37.87
C GLY G 398 40.58 2.45 -38.65
N ARG G 399 39.73 2.20 -39.64
CA ARG G 399 39.18 3.26 -40.46
C ARG G 399 37.80 3.65 -39.97
N ALA G 400 37.40 4.88 -40.26
CA ALA G 400 36.07 5.35 -39.92
C ALA G 400 35.04 4.81 -40.90
N ILE G 401 33.79 4.70 -40.47
CA ILE G 401 32.71 4.28 -41.34
C ILE G 401 31.89 5.50 -41.72
N SER G 402 31.88 5.85 -43.01
CA SER G 402 31.21 7.08 -43.45
C SER G 402 29.93 6.81 -44.22
N GLN G 403 29.04 7.80 -44.17
CA GLN G 403 27.75 7.75 -44.85
C GLN G 403 27.53 9.02 -45.66
N SER G 404 27.06 8.84 -46.89
CA SER G 404 26.77 9.96 -47.78
C SER G 404 25.40 10.54 -47.51
N GLY G 405 25.12 11.71 -48.08
CA GLY G 405 23.83 12.38 -47.89
C GLY G 405 22.70 11.69 -48.67
N GLU G 406 23.06 10.74 -49.53
CA GLU G 406 22.10 10.00 -50.33
C GLU G 406 21.66 8.73 -49.62
N GLN G 407 22.23 8.48 -48.45
CA GLN G 407 21.94 7.28 -47.67
C GLN G 407 21.20 7.61 -46.38
N THR G 408 20.29 6.72 -45.99
CA THR G 408 19.49 6.81 -44.78
C THR G 408 20.15 6.21 -43.55
N LEU G 409 20.36 4.90 -43.59
CA LEU G 409 21.10 4.16 -42.57
C LEU G 409 22.15 3.34 -43.29
N LEU G 410 23.26 3.05 -42.63
CA LEU G 410 24.19 2.10 -43.21
C LEU G 410 23.98 0.73 -42.60
N MET G 411 24.05 -0.27 -43.44
CA MET G 411 24.03 -1.65 -43.00
C MET G 411 25.45 -2.13 -42.87
N ILE G 412 25.83 -2.53 -41.67
CA ILE G 412 27.19 -2.95 -41.40
C ILE G 412 27.20 -4.45 -41.04
N ASP G 413 27.99 -5.22 -41.78
CA ASP G 413 28.08 -6.66 -41.53
C ASP G 413 29.50 -7.22 -41.84
N ASN G 414 29.60 -8.57 -41.89
CA ASN G 414 30.75 -9.41 -42.25
C ASN G 414 31.62 -8.89 -43.41
N THR G 415 30.97 -8.23 -44.41
CA THR G 415 31.55 -7.99 -45.74
C THR G 415 32.29 -6.66 -45.74
N THR G 416 31.84 -5.75 -44.90
CA THR G 416 32.43 -4.43 -44.78
C THR G 416 33.30 -4.23 -43.53
N CYS G 417 32.79 -4.68 -42.37
CA CYS G 417 33.44 -4.53 -41.08
C CYS G 417 32.93 -5.61 -40.10
N PRO G 418 33.63 -6.78 -39.92
CA PRO G 418 33.26 -7.89 -39.04
C PRO G 418 32.99 -7.44 -37.60
N THR G 419 33.73 -6.44 -37.13
CA THR G 419 33.50 -5.88 -35.81
C THR G 419 33.45 -4.36 -35.88
N ALA G 420 32.30 -3.78 -35.55
CA ALA G 420 32.11 -2.34 -35.70
C ALA G 420 31.93 -1.66 -34.36
N VAL G 421 32.28 -0.38 -34.29
CA VAL G 421 32.17 0.34 -33.04
C VAL G 421 31.24 1.54 -33.15
N LEU G 422 30.25 1.60 -32.27
CA LEU G 422 29.35 2.74 -32.21
C LEU G 422 29.51 3.42 -30.86
N GLY G 423 30.00 4.65 -30.85
CA GLY G 423 30.27 5.28 -29.57
C GLY G 423 31.33 4.46 -28.84
N ASN G 424 31.00 3.97 -27.64
CA ASN G 424 31.95 3.18 -26.86
C ASN G 424 31.61 1.69 -26.82
N VAL G 425 30.78 1.21 -27.74
CA VAL G 425 30.40 -0.20 -27.75
C VAL G 425 30.94 -0.93 -28.98
N ILE G 426 31.66 -2.03 -28.75
CA ILE G 426 32.25 -2.78 -29.86
C ILE G 426 31.41 -4.02 -30.14
N ILE G 427 30.88 -4.14 -31.36
CA ILE G 427 29.97 -5.24 -31.66
C ILE G 427 30.51 -6.17 -32.76
N SER G 428 30.59 -7.46 -32.44
CA SER G 428 30.95 -8.48 -33.43
C SER G 428 29.71 -8.84 -34.21
N LEU G 429 29.79 -8.70 -35.52
CA LEU G 429 28.64 -8.83 -36.41
C LEU G 429 28.62 -10.12 -37.24
N GLY G 430 27.43 -10.43 -37.77
CA GLY G 430 27.21 -11.56 -38.67
C GLY G 430 27.03 -11.06 -40.10
N LYS G 431 26.19 -11.74 -40.89
CA LYS G 431 26.02 -11.39 -42.30
C LYS G 431 24.57 -11.03 -42.64
N TYR G 432 24.40 -10.05 -43.51
CA TYR G 432 23.09 -9.65 -44.00
C TYR G 432 22.67 -10.56 -45.16
N LEU G 433 21.46 -11.11 -45.05
CA LEU G 433 20.97 -12.09 -46.02
C LEU G 433 20.10 -11.47 -47.11
N GLY G 434 20.06 -10.16 -47.16
CA GLY G 434 19.29 -9.43 -48.17
C GLY G 434 20.20 -9.01 -49.31
N SER G 435 19.86 -7.94 -50.00
CA SER G 435 20.65 -7.51 -51.16
C SER G 435 22.06 -7.06 -50.75
N VAL G 436 23.04 -7.49 -51.53
CA VAL G 436 24.44 -7.10 -51.29
C VAL G 436 24.65 -5.64 -51.65
N ASN G 437 23.68 -5.06 -52.34
CA ASN G 437 23.71 -3.68 -52.77
C ASN G 437 22.80 -2.83 -51.89
N TYR G 438 22.47 -3.35 -50.70
CA TYR G 438 21.60 -2.64 -49.75
C TYR G 438 21.98 -1.17 -49.58
N ASN G 439 23.27 -0.90 -49.42
CA ASN G 439 23.74 0.46 -49.16
C ASN G 439 23.90 1.31 -50.42
N SER G 440 23.69 0.71 -51.59
CA SER G 440 23.85 1.41 -52.85
C SER G 440 22.53 1.72 -53.55
N GLU G 441 21.55 0.83 -53.42
CA GLU G 441 20.27 0.94 -54.12
C GLU G 441 19.42 2.15 -53.71
N GLY G 442 19.42 2.48 -52.42
CA GLY G 442 18.63 3.60 -51.92
C GLY G 442 17.17 3.22 -51.66
N ILE G 443 16.33 4.23 -51.37
CA ILE G 443 14.93 4.02 -51.03
C ILE G 443 14.10 5.30 -51.21
N ALA G 444 12.81 5.14 -51.53
CA ALA G 444 11.88 6.29 -51.58
C ALA G 444 11.50 6.73 -50.18
N ILE G 445 11.42 8.03 -49.96
CA ILE G 445 11.03 8.59 -48.66
C ILE G 445 9.68 9.29 -48.72
N GLY G 446 8.82 8.97 -47.76
CA GLY G 446 7.47 9.54 -47.69
C GLY G 446 7.42 10.94 -47.08
N PRO G 447 6.22 11.50 -46.92
CA PRO G 447 5.91 12.85 -46.45
C PRO G 447 6.15 13.02 -44.95
N PRO G 448 6.40 14.26 -44.49
CA PRO G 448 6.54 14.64 -43.10
C PRO G 448 5.21 14.67 -42.36
N VAL G 449 5.25 14.31 -41.08
CA VAL G 449 4.10 14.40 -40.19
C VAL G 449 4.46 14.99 -38.84
N PHE G 450 3.44 15.43 -38.12
CA PHE G 450 3.58 15.88 -36.73
C PHE G 450 2.54 15.12 -35.90
N THR G 451 3.01 14.37 -34.89
CA THR G 451 2.08 13.50 -34.14
C THR G 451 1.49 14.13 -32.88
N ASP G 452 1.99 15.29 -32.48
CA ASP G 452 1.50 15.96 -31.27
C ASP G 452 0.01 16.28 -31.35
N LYS G 453 -0.72 16.05 -30.26
CA LYS G 453 -2.16 16.29 -30.21
C LYS G 453 -2.56 17.69 -30.68
N VAL G 454 -1.81 18.70 -30.27
CA VAL G 454 -2.11 20.07 -30.67
C VAL G 454 -1.82 20.23 -32.15
N ASP G 455 -0.70 19.65 -32.58
CA ASP G 455 -0.34 19.69 -34.00
C ASP G 455 -1.38 18.99 -34.86
N ILE G 456 -2.03 17.94 -34.36
CA ILE G 456 -3.05 17.26 -35.14
C ILE G 456 -4.23 18.21 -35.41
N SER G 457 -4.68 18.91 -34.38
CA SER G 457 -5.78 19.85 -34.56
C SER G 457 -5.40 20.99 -35.51
N SER G 458 -4.16 21.46 -35.38
CA SER G 458 -3.65 22.54 -36.22
C SER G 458 -3.57 22.13 -37.69
N GLN G 459 -3.05 20.93 -37.94
CA GLN G 459 -2.89 20.41 -39.30
C GLN G 459 -4.22 20.21 -40.00
N ILE G 460 -5.23 19.72 -39.27
CA ILE G 460 -6.54 19.53 -39.87
C ILE G 460 -7.13 20.88 -40.26
N SER G 461 -7.02 21.86 -39.37
CA SER G 461 -7.53 23.19 -39.63
C SER G 461 -6.85 23.89 -40.81
N SER G 462 -5.51 23.85 -40.87
CA SER G 462 -4.82 24.55 -41.93
C SER G 462 -5.10 23.90 -43.28
N MET G 463 -5.31 22.58 -43.29
CA MET G 463 -5.70 21.91 -44.51
C MET G 463 -7.09 22.31 -44.99
N ASN G 464 -8.02 22.60 -44.06
CA ASN G 464 -9.37 23.06 -44.40
C ASN G 464 -9.33 24.44 -45.07
N GLN G 465 -8.40 25.33 -44.64
CA GLN G 465 -8.25 26.65 -45.26
C GLN G 465 -7.78 26.51 -46.70
N SER G 466 -6.82 25.60 -46.93
CA SER G 466 -6.32 25.32 -48.27
C SER G 466 -7.41 24.65 -49.13
N LEU G 467 -8.20 23.78 -48.50
CA LEU G 467 -9.27 23.08 -49.18
C LEU G 467 -10.37 24.04 -49.62
N GLN G 468 -10.72 24.99 -48.75
CA GLN G 468 -11.77 25.94 -49.12
C GLN G 468 -11.30 26.84 -50.25
N GLN G 469 -10.00 27.18 -50.27
CA GLN G 469 -9.49 28.01 -51.36
C GLN G 469 -9.60 27.26 -52.68
N SER G 470 -9.28 25.96 -52.67
CA SER G 470 -9.40 25.16 -53.88
C SER G 470 -10.86 25.04 -54.31
N LYS G 471 -11.76 24.90 -53.34
CA LYS G 471 -13.18 24.81 -53.68
C LYS G 471 -13.67 26.08 -54.36
N ASP G 472 -13.23 27.24 -53.86
CA ASP G 472 -13.65 28.48 -54.47
C ASP G 472 -13.08 28.62 -55.87
N TYR G 473 -11.83 28.20 -56.06
CA TYR G 473 -11.18 28.35 -57.35
C TYR G 473 -11.87 27.49 -58.42
N ILE G 474 -12.25 26.26 -58.06
CA ILE G 474 -12.94 25.42 -59.04
C ILE G 474 -14.36 25.90 -59.29
N LYS G 475 -15.04 26.40 -58.27
CA LYS G 475 -16.39 26.91 -58.49
C LYS G 475 -16.36 28.11 -59.43
N GLU G 476 -15.34 28.95 -59.30
CA GLU G 476 -15.20 30.09 -60.20
C GLU G 476 -14.97 29.59 -61.63
N ALA G 477 -14.13 28.57 -61.78
CA ALA G 477 -13.87 28.02 -63.11
C ALA G 477 -15.13 27.44 -63.72
N GLN G 478 -15.94 26.76 -62.91
CA GLN G 478 -17.18 26.17 -63.42
C GLN G 478 -18.17 27.24 -63.87
N ARG G 479 -18.24 28.35 -63.13
CA ARG G 479 -19.13 29.44 -63.51
C ARG G 479 -18.66 30.11 -64.79
N LEU G 480 -17.34 30.28 -64.94
CA LEU G 480 -16.78 30.88 -66.15
C LEU G 480 -17.01 30.01 -67.39
N LEU G 481 -16.89 28.67 -67.24
CA LEU G 481 -17.09 27.69 -68.31
C LEU G 481 -18.56 27.35 -68.43
N ASP H 1 11.46 -34.91 15.69
CA ASP H 1 10.47 -34.48 16.66
C ASP H 1 11.17 -34.03 17.96
N ILE H 2 10.37 -33.56 18.96
CA ILE H 2 10.89 -33.12 20.27
C ILE H 2 10.45 -34.08 21.38
N GLN H 3 11.44 -34.65 22.05
CA GLN H 3 11.24 -35.61 23.11
C GLN H 3 11.09 -34.92 24.47
N MET H 4 10.41 -35.58 25.41
CA MET H 4 10.30 -35.05 26.75
C MET H 4 10.53 -36.12 27.80
N THR H 5 11.22 -35.74 28.88
CA THR H 5 11.47 -36.63 30.00
C THR H 5 10.73 -36.15 31.23
N GLN H 6 9.93 -37.04 31.80
CA GLN H 6 9.14 -36.71 32.99
C GLN H 6 9.52 -37.66 34.12
N SER H 7 9.70 -37.12 35.32
CA SER H 7 10.12 -37.92 36.47
C SER H 7 9.72 -37.29 37.80
N PRO H 8 9.68 -38.08 38.88
CA PRO H 8 9.83 -39.53 39.04
C PRO H 8 8.74 -40.29 38.32
N ALA H 9 9.02 -41.55 37.97
CA ALA H 9 8.03 -42.40 37.30
C ALA H 9 6.83 -42.67 38.20
N SER H 10 7.07 -42.73 39.51
CA SER H 10 6.02 -43.04 40.47
C SER H 10 6.23 -42.29 41.79
N LEU H 11 5.14 -41.75 42.32
CA LEU H 11 5.15 -40.98 43.55
C LEU H 11 4.22 -41.55 44.62
N SER H 12 4.62 -41.35 45.87
CA SER H 12 3.84 -41.72 47.03
C SER H 12 3.84 -40.57 48.02
N ALA H 13 2.65 -40.07 48.34
CA ALA H 13 2.53 -38.93 49.24
C ALA H 13 1.20 -38.99 49.98
N SER H 14 1.18 -38.40 51.16
CA SER H 14 -0.03 -38.37 51.99
C SER H 14 -0.90 -37.16 51.68
N VAL H 15 -2.13 -37.22 52.17
CA VAL H 15 -3.06 -36.12 51.98
C VAL H 15 -2.63 -34.90 52.77
N GLY H 16 -2.62 -33.76 52.10
CA GLY H 16 -2.22 -32.48 52.67
C GLY H 16 -0.75 -32.14 52.39
N GLU H 17 0.01 -33.11 51.89
CA GLU H 17 1.42 -32.89 51.61
C GLU H 17 1.64 -32.18 50.28
N THR H 18 2.80 -31.54 50.15
CA THR H 18 3.17 -30.90 48.90
C THR H 18 3.76 -31.94 47.96
N VAL H 19 3.27 -31.97 46.73
CA VAL H 19 3.73 -32.92 45.73
C VAL H 19 4.21 -32.22 44.48
N THR H 20 5.39 -32.58 44.01
CA THR H 20 5.90 -31.97 42.79
C THR H 20 6.31 -33.01 41.74
N ILE H 21 6.09 -32.64 40.48
CA ILE H 21 6.48 -33.45 39.33
C ILE H 21 7.39 -32.64 38.41
N THR H 22 8.52 -33.22 38.02
CA THR H 22 9.50 -32.53 37.19
C THR H 22 9.44 -33.03 35.74
N CYS H 23 9.58 -32.11 34.77
CA CYS H 23 9.62 -32.44 33.35
C CYS H 23 10.62 -31.54 32.63
N ARG H 24 11.46 -32.14 31.76
CA ARG H 24 12.43 -31.42 30.96
C ARG H 24 12.30 -31.76 29.49
N ALA H 25 12.53 -30.76 28.65
CA ALA H 25 12.44 -30.93 27.20
C ALA H 25 13.82 -31.12 26.60
N SER H 26 13.87 -31.87 25.49
CA SER H 26 15.12 -32.07 24.77
C SER H 26 15.52 -30.83 23.97
N GLU H 27 14.59 -29.89 23.82
CA GLU H 27 14.84 -28.65 23.09
C GLU H 27 14.12 -27.49 23.79
N ASN H 28 14.29 -26.29 23.28
CA ASN H 28 13.69 -25.09 23.85
C ASN H 28 12.24 -24.92 23.38
N ILE H 29 11.30 -25.06 24.31
CA ILE H 29 9.89 -24.97 23.99
C ILE H 29 9.26 -23.76 24.68
N TYR H 30 10.09 -22.80 25.06
CA TYR H 30 9.64 -21.53 25.64
C TYR H 30 8.64 -21.77 26.77
N SER H 31 7.43 -21.19 26.71
CA SER H 31 6.44 -21.41 27.77
C SER H 31 5.38 -22.42 27.33
N TYR H 32 5.63 -23.12 26.24
CA TYR H 32 4.63 -24.00 25.62
C TYR H 32 4.58 -25.36 26.28
N LEU H 33 4.09 -25.41 27.51
CA LEU H 33 3.97 -26.69 28.19
C LEU H 33 2.67 -26.81 28.99
N ALA H 34 2.00 -27.95 28.82
CA ALA H 34 0.75 -28.21 29.50
C ALA H 34 0.86 -29.42 30.41
N TRP H 35 0.07 -29.41 31.49
CA TRP H 35 0.01 -30.53 32.41
C TRP H 35 -1.40 -31.10 32.49
N TYR H 36 -1.49 -32.42 32.52
CA TYR H 36 -2.78 -33.12 32.62
C TYR H 36 -2.84 -34.09 33.81
N GLN H 37 -4.06 -34.29 34.33
CA GLN H 37 -4.34 -35.30 35.36
C GLN H 37 -5.21 -36.40 34.75
N HIS H 38 -4.69 -37.62 34.61
CA HIS H 38 -5.45 -38.66 33.94
C HIS H 38 -5.80 -39.88 34.81
N LYS H 39 -7.08 -40.06 35.06
CA LYS H 39 -7.57 -41.21 35.81
C LYS H 39 -7.98 -42.30 34.84
N GLN H 40 -7.87 -43.55 35.24
CA GLN H 40 -8.23 -44.62 34.33
C GLN H 40 -9.74 -44.70 34.19
N GLY H 41 -10.20 -44.96 32.97
CA GLY H 41 -11.62 -45.06 32.68
C GLY H 41 -12.20 -43.70 32.29
N LYS H 42 -11.38 -42.66 32.37
CA LYS H 42 -11.81 -41.30 32.05
C LYS H 42 -10.84 -40.63 31.08
N SER H 43 -11.30 -39.58 30.42
CA SER H 43 -10.43 -38.80 29.56
C SER H 43 -9.56 -37.89 30.45
N PRO H 44 -8.33 -37.53 30.05
CA PRO H 44 -7.42 -36.63 30.76
C PRO H 44 -8.02 -35.24 31.02
N GLN H 45 -7.74 -34.69 32.19
CA GLN H 45 -8.17 -33.33 32.52
C GLN H 45 -7.03 -32.34 32.43
N LEU H 46 -7.25 -31.21 31.79
CA LEU H 46 -6.23 -30.18 31.72
C LEU H 46 -6.10 -29.46 33.05
N LEU H 47 -4.87 -29.35 33.55
CA LEU H 47 -4.61 -28.62 34.78
C LEU H 47 -3.96 -27.27 34.58
N VAL H 48 -2.90 -27.28 33.75
CA VAL H 48 -2.04 -26.11 33.56
C VAL H 48 -1.69 -25.95 32.09
N TYR H 49 -1.72 -24.72 31.59
CA TYR H 49 -1.28 -24.45 30.24
C TYR H 49 -0.32 -23.26 30.19
N ASN H 50 0.50 -23.25 29.15
CA ASN H 50 1.56 -22.25 28.95
C ASN H 50 2.49 -22.19 30.17
N ALA H 51 2.76 -23.37 30.74
CA ALA H 51 3.65 -23.60 31.88
C ALA H 51 3.23 -22.89 33.17
N LYS H 52 2.04 -22.30 33.25
CA LYS H 52 1.69 -21.65 34.53
C LYS H 52 0.21 -21.37 34.79
N SER H 53 -0.61 -21.24 33.74
CA SER H 53 -1.99 -20.79 33.94
C SER H 53 -2.94 -21.96 34.15
N LEU H 54 -3.81 -21.84 35.15
CA LEU H 54 -4.76 -22.92 35.40
C LEU H 54 -5.91 -22.90 34.41
N ALA H 55 -6.35 -24.09 34.03
CA ALA H 55 -7.54 -24.23 33.22
C ALA H 55 -8.74 -23.87 34.06
N GLU H 56 -9.74 -23.27 33.45
CA GLU H 56 -10.94 -22.92 34.19
C GLU H 56 -11.55 -24.15 34.83
N GLY H 57 -11.88 -24.06 36.11
CA GLY H 57 -12.47 -25.15 36.86
C GLY H 57 -11.45 -25.94 37.68
N VAL H 58 -10.17 -25.72 37.44
CA VAL H 58 -9.11 -26.40 38.17
C VAL H 58 -8.85 -25.74 39.52
N PRO H 59 -8.86 -26.49 40.63
CA PRO H 59 -8.62 -26.03 41.98
C PRO H 59 -7.30 -25.28 42.10
N SER H 60 -7.30 -24.22 42.91
CA SER H 60 -6.14 -23.33 43.08
C SER H 60 -4.99 -23.97 43.86
N ARG H 61 -5.20 -25.19 44.35
CA ARG H 61 -4.11 -25.90 45.01
C ARG H 61 -3.07 -26.31 43.97
N PHE H 62 -3.46 -26.26 42.69
CA PHE H 62 -2.55 -26.57 41.60
C PHE H 62 -1.86 -25.31 41.13
N SER H 63 -0.58 -25.43 40.82
CA SER H 63 0.18 -24.34 40.25
C SER H 63 1.38 -24.90 39.50
N GLY H 64 2.09 -24.05 38.78
CA GLY H 64 3.28 -24.52 38.09
C GLY H 64 4.10 -23.38 37.53
N SER H 65 5.25 -23.73 37.00
CA SER H 65 6.18 -22.76 36.42
C SER H 65 7.18 -23.46 35.53
N GLY H 66 7.96 -22.69 34.79
CA GLY H 66 9.01 -23.26 33.97
C GLY H 66 9.30 -22.44 32.74
N SER H 67 10.43 -22.72 32.11
CA SER H 67 10.82 -22.03 30.90
C SER H 67 11.90 -22.74 30.10
N GLY H 68 11.70 -22.77 28.79
CA GLY H 68 12.72 -23.28 27.88
C GLY H 68 12.81 -24.79 27.94
N THR H 69 13.62 -25.28 28.88
CA THR H 69 13.84 -26.72 28.99
C THR H 69 13.45 -27.30 30.35
N GLN H 70 13.28 -26.47 31.38
CA GLN H 70 12.99 -27.01 32.72
C GLN H 70 11.66 -26.51 33.28
N PHE H 71 10.74 -27.45 33.54
CA PHE H 71 9.39 -27.17 34.00
C PHE H 71 8.94 -28.04 35.16
N SER H 72 7.99 -27.55 35.96
CA SER H 72 7.43 -28.38 37.02
C SER H 72 5.97 -28.07 37.36
N LEU H 73 5.30 -29.09 37.90
CA LEU H 73 3.92 -29.00 38.41
C LEU H 73 3.93 -29.19 39.91
N LYS H 74 3.17 -28.36 40.62
CA LYS H 74 3.09 -28.50 42.07
C LYS H 74 1.66 -28.55 42.59
N ILE H 75 1.44 -29.41 43.59
CA ILE H 75 0.19 -29.48 44.32
C ILE H 75 0.48 -29.04 45.75
N ASN H 76 -0.18 -27.98 46.22
CA ASN H 76 0.14 -27.42 47.54
C ASN H 76 -0.60 -28.09 48.70
N SER H 77 -1.47 -29.03 48.38
CA SER H 77 -2.22 -29.77 49.39
C SER H 77 -2.88 -30.99 48.76
N LEU H 78 -2.16 -32.10 48.70
CA LEU H 78 -2.65 -33.27 47.99
C LEU H 78 -3.98 -33.76 48.52
N GLN H 79 -4.93 -33.98 47.62
CA GLN H 79 -6.22 -34.53 48.01
C GLN H 79 -6.33 -35.98 47.57
N PRO H 80 -7.21 -36.80 48.18
CA PRO H 80 -7.51 -38.16 47.76
C PRO H 80 -7.87 -38.25 46.29
N GLU H 81 -8.54 -37.21 45.79
CA GLU H 81 -8.99 -37.15 44.40
C GLU H 81 -7.88 -36.86 43.41
N ASP H 82 -6.67 -36.60 43.89
CA ASP H 82 -5.55 -36.26 43.02
C ASP H 82 -4.76 -37.48 42.59
N PHE H 83 -5.22 -38.67 42.96
CA PHE H 83 -4.54 -39.87 42.51
C PHE H 83 -4.66 -39.92 40.99
N GLY H 84 -3.68 -40.50 40.32
CA GLY H 84 -3.77 -40.66 38.86
C GLY H 84 -2.44 -40.48 38.16
N SER H 85 -2.46 -40.59 36.83
CA SER H 85 -1.27 -40.48 36.01
C SER H 85 -1.15 -39.07 35.46
N TYR H 86 -0.07 -38.39 35.79
CA TYR H 86 0.13 -37.02 35.36
C TYR H 86 0.95 -36.96 34.10
N TYR H 87 0.55 -36.13 33.17
CA TYR H 87 1.29 -36.02 31.93
C TYR H 87 1.80 -34.63 31.61
N CYS H 88 3.04 -34.58 31.13
CA CYS H 88 3.74 -33.41 30.62
C CYS H 88 3.68 -33.39 29.09
N GLN H 89 3.16 -32.29 28.49
CA GLN H 89 3.05 -32.11 27.04
C GLN H 89 3.64 -30.80 26.56
N HIS H 90 4.36 -30.82 25.44
CA HIS H 90 4.78 -29.54 24.88
C HIS H 90 3.90 -29.29 23.68
N HIS H 91 3.62 -28.02 23.44
CA HIS H 91 2.81 -27.64 22.29
C HIS H 91 3.46 -26.51 21.51
N TYR H 92 4.78 -26.58 21.37
CA TYR H 92 5.53 -25.56 20.66
C TYR H 92 5.63 -25.89 19.19
N GLY H 93 6.56 -26.75 18.83
CA GLY H 93 6.74 -27.11 17.44
C GLY H 93 5.77 -28.22 17.12
N THR H 94 5.89 -28.78 15.93
CA THR H 94 5.00 -29.85 15.51
C THR H 94 5.86 -31.07 15.19
N PRO H 95 5.48 -32.25 15.69
CA PRO H 95 4.30 -32.64 16.45
C PRO H 95 4.34 -32.22 17.90
N TRP H 96 3.17 -32.18 18.51
CA TRP H 96 3.06 -32.02 19.95
C TRP H 96 3.38 -33.38 20.55
N THR H 97 4.01 -33.41 21.72
CA THR H 97 4.34 -34.72 22.29
C THR H 97 4.10 -34.75 23.79
N PHE H 98 3.91 -35.96 24.32
CA PHE H 98 3.75 -36.20 25.75
C PHE H 98 4.94 -37.00 26.29
N GLY H 99 5.23 -36.83 27.57
CA GLY H 99 6.24 -37.65 28.25
C GLY H 99 5.62 -38.99 28.69
N GLY H 100 6.41 -39.84 29.34
CA GLY H 100 5.92 -41.14 29.79
C GLY H 100 4.80 -41.04 30.82
N GLY H 101 4.90 -40.02 31.68
CA GLY H 101 3.90 -39.78 32.73
C GLY H 101 4.36 -40.25 34.10
N THR H 102 3.77 -39.66 35.13
CA THR H 102 4.06 -39.97 36.54
C THR H 102 2.85 -40.55 37.24
N LYS H 103 3.00 -41.71 37.85
CA LYS H 103 1.88 -42.32 38.56
C LYS H 103 1.90 -41.95 40.03
N LEU H 104 0.94 -41.13 40.46
CA LEU H 104 0.86 -40.67 41.84
C LEU H 104 -0.21 -41.44 42.63
N GLU H 105 0.21 -42.13 43.70
CA GLU H 105 -0.67 -42.90 44.58
C GLU H 105 -1.14 -42.02 45.73
N GLN I 1 -22.90 -25.68 25.90
CA GLN I 1 -21.87 -26.60 26.36
C GLN I 1 -21.04 -27.14 25.20
N VAL I 2 -19.94 -27.81 25.52
CA VAL I 2 -19.05 -28.36 24.50
C VAL I 2 -18.93 -29.88 24.66
N GLN I 3 -19.05 -30.59 23.54
CA GLN I 3 -18.95 -32.05 23.54
C GLN I 3 -18.21 -32.58 22.32
N LEU I 4 -17.52 -33.69 22.52
CA LEU I 4 -16.88 -34.43 21.44
C LEU I 4 -17.20 -35.91 21.66
N LYS I 5 -17.69 -36.61 20.64
CA LYS I 5 -18.03 -38.02 20.84
C LYS I 5 -17.51 -38.93 19.73
N GLU I 6 -16.58 -39.80 20.09
CA GLU I 6 -15.98 -40.74 19.16
C GLU I 6 -16.87 -41.95 18.91
N SER I 7 -16.93 -42.38 17.66
CA SER I 7 -17.63 -43.59 17.26
C SER I 7 -16.88 -44.33 16.16
N GLY I 8 -16.70 -45.62 16.34
CA GLY I 8 -15.95 -46.43 15.38
C GLY I 8 -16.03 -47.90 15.74
N PRO I 9 -15.29 -48.76 15.04
CA PRO I 9 -15.27 -50.21 15.17
C PRO I 9 -14.53 -50.62 16.43
N GLY I 10 -14.84 -51.82 16.90
CA GLY I 10 -14.15 -52.40 18.06
C GLY I 10 -12.95 -53.24 17.63
N LEU I 11 -13.21 -54.48 17.25
CA LEU I 11 -12.14 -55.37 16.80
C LEU I 11 -11.91 -55.25 15.30
N VAL I 12 -10.69 -54.89 14.93
CA VAL I 12 -10.31 -54.72 13.55
C VAL I 12 -9.06 -55.56 13.29
N ALA I 13 -9.05 -56.33 12.22
CA ALA I 13 -7.93 -57.22 11.98
C ALA I 13 -6.68 -56.43 11.57
N PRO I 14 -5.49 -57.00 11.79
CA PRO I 14 -4.23 -56.51 11.28
C PRO I 14 -4.34 -56.41 9.76
N SER I 15 -3.67 -55.41 9.21
CA SER I 15 -3.68 -55.12 7.77
C SER I 15 -5.01 -54.56 7.26
N GLN I 16 -5.97 -54.31 8.16
CA GLN I 16 -7.19 -53.62 7.78
C GLN I 16 -7.07 -52.16 8.19
N SER I 17 -7.88 -51.30 7.59
CA SER I 17 -7.86 -49.90 7.96
C SER I 17 -8.76 -49.60 9.16
N LEU I 18 -8.48 -48.48 9.83
CA LEU I 18 -9.29 -47.98 10.93
C LEU I 18 -9.93 -46.66 10.60
N SER I 19 -11.22 -46.53 10.86
CA SER I 19 -11.89 -45.25 10.62
C SER I 19 -12.76 -44.86 11.81
N ILE I 20 -12.34 -43.80 12.52
CA ILE I 20 -13.07 -43.31 13.69
C ILE I 20 -13.60 -41.91 13.44
N THR I 21 -14.90 -41.73 13.66
CA THR I 21 -15.51 -40.43 13.43
C THR I 21 -15.81 -39.75 14.76
N CYS I 22 -15.37 -38.48 14.89
CA CYS I 22 -15.65 -37.63 16.04
C CYS I 22 -16.75 -36.63 15.70
N THR I 23 -17.91 -36.75 16.36
CA THR I 23 -19.05 -35.86 16.16
C THR I 23 -18.95 -34.79 17.22
N VAL I 24 -19.04 -33.53 16.81
CA VAL I 24 -18.86 -32.49 17.81
C VAL I 24 -20.01 -31.51 17.85
N SER I 25 -20.14 -30.85 18.99
CA SER I 25 -21.14 -29.81 19.19
C SER I 25 -20.68 -28.79 20.21
N GLY I 26 -21.30 -27.61 20.19
CA GLY I 26 -21.00 -26.55 21.15
C GLY I 26 -19.98 -25.56 20.60
N PHE I 27 -19.38 -25.92 19.47
CA PHE I 27 -18.39 -25.08 18.85
C PHE I 27 -18.33 -25.34 17.36
N SER I 28 -17.78 -24.40 16.61
CA SER I 28 -17.60 -24.58 15.19
C SER I 28 -16.22 -25.08 14.84
N LEU I 29 -16.16 -25.95 13.84
CA LEU I 29 -14.89 -26.49 13.36
C LEU I 29 -14.13 -25.44 12.55
N ALA I 30 -14.79 -24.32 12.24
CA ALA I 30 -14.14 -23.22 11.55
C ALA I 30 -13.47 -22.29 12.57
N SER I 31 -13.70 -22.55 13.87
CA SER I 31 -13.13 -21.71 14.91
C SER I 31 -12.04 -22.44 15.70
N TYR I 32 -12.16 -23.78 15.79
CA TYR I 32 -11.23 -24.56 16.60
C TYR I 32 -10.65 -25.76 15.87
N GLY I 33 -9.46 -26.18 16.28
CA GLY I 33 -8.84 -27.38 15.72
C GLY I 33 -9.23 -28.61 16.52
N VAL I 34 -9.01 -29.78 15.92
CA VAL I 34 -9.24 -31.06 16.58
C VAL I 34 -8.03 -31.96 16.48
N HIS I 35 -7.59 -32.45 17.62
CA HIS I 35 -6.41 -33.28 17.73
C HIS I 35 -6.79 -34.69 18.13
N TRP I 36 -6.01 -35.65 17.64
CA TRP I 36 -6.22 -37.01 18.03
C TRP I 36 -5.05 -37.51 18.86
N VAL I 37 -5.39 -38.17 19.97
CA VAL I 37 -4.46 -38.73 20.94
C VAL I 37 -4.88 -40.16 21.28
N ARG I 38 -3.94 -41.07 21.50
CA ARG I 38 -4.35 -42.41 21.91
C ARG I 38 -3.66 -42.85 23.20
N GLN I 39 -4.29 -43.79 23.91
CA GLN I 39 -3.76 -44.37 25.13
C GLN I 39 -3.64 -45.90 25.05
N PRO I 40 -2.47 -46.43 24.63
CA PRO I 40 -2.18 -47.86 24.55
C PRO I 40 -2.22 -48.42 25.98
N PRO I 41 -2.53 -49.71 26.15
CA PRO I 41 -2.70 -50.40 27.43
C PRO I 41 -1.62 -50.16 28.51
N GLY I 42 -0.35 -50.09 28.12
CA GLY I 42 0.71 -49.90 29.11
C GLY I 42 1.65 -48.75 28.79
N LYS I 43 1.20 -47.82 27.97
CA LYS I 43 2.04 -46.71 27.54
C LYS I 43 1.47 -45.38 28.01
N GLY I 44 2.12 -44.28 27.66
CA GLY I 44 1.62 -42.96 28.01
C GLY I 44 0.71 -42.44 26.90
N LEU I 45 0.32 -41.18 26.96
CA LEU I 45 -0.54 -40.62 25.94
C LEU I 45 0.29 -40.34 24.69
N GLU I 46 -0.25 -40.69 23.53
CA GLU I 46 0.47 -40.43 22.29
C GLU I 46 -0.32 -39.52 21.36
N TRP I 47 0.27 -38.37 21.04
CA TRP I 47 -0.37 -37.45 20.11
C TRP I 47 -0.16 -38.03 18.72
N LEU I 48 -1.24 -38.15 17.95
CA LEU I 48 -1.18 -38.79 16.64
C LEU I 48 -1.06 -37.78 15.52
N GLY I 49 -1.91 -36.77 15.60
CA GLY I 49 -2.00 -35.78 14.54
C GLY I 49 -3.09 -34.77 14.80
N VAL I 50 -3.13 -33.74 13.98
CA VAL I 50 -4.07 -32.65 14.10
C VAL I 50 -4.66 -32.17 12.81
N ILE I 51 -5.93 -31.81 12.86
CA ILE I 51 -6.49 -31.03 11.79
C ILE I 51 -6.79 -29.67 12.37
N TRP I 52 -6.19 -28.66 11.78
CA TRP I 52 -6.21 -27.32 12.32
C TRP I 52 -7.50 -26.61 11.97
N THR I 53 -7.76 -25.50 12.63
CA THR I 53 -8.94 -24.69 12.33
C THR I 53 -9.01 -24.43 10.83
N GLY I 54 -7.86 -24.16 10.22
CA GLY I 54 -7.74 -23.81 8.81
C GLY I 54 -7.99 -24.99 7.86
N GLY I 55 -8.17 -26.19 8.41
CA GLY I 55 -8.46 -27.39 7.62
C GLY I 55 -7.21 -28.14 7.18
N SER I 56 -6.04 -27.57 7.45
CA SER I 56 -4.78 -28.22 7.09
C SER I 56 -4.41 -29.23 8.17
N THR I 57 -3.50 -30.15 7.86
CA THR I 57 -3.14 -31.16 8.84
C THR I 57 -1.65 -31.34 9.07
N ASN I 58 -1.34 -31.92 10.22
CA ASN I 58 0.01 -32.35 10.59
C ASN I 58 -0.03 -33.67 11.33
N TYR I 59 1.06 -34.43 11.21
CA TYR I 59 1.14 -35.73 11.84
C TYR I 59 2.49 -35.91 12.53
N ASN I 60 2.58 -36.84 13.47
CA ASN I 60 3.87 -37.11 14.08
C ASN I 60 4.71 -37.90 13.09
N SER I 61 5.99 -38.14 13.38
CA SER I 61 6.77 -38.87 12.38
C SER I 61 6.47 -40.37 12.31
N ALA I 62 6.20 -40.98 13.45
CA ALA I 62 6.01 -42.43 13.53
C ALA I 62 4.88 -42.94 12.65
N LEU I 63 3.80 -42.19 12.58
CA LEU I 63 2.62 -42.60 11.82
C LEU I 63 2.43 -41.80 10.55
N MET I 64 3.43 -41.04 10.13
CA MET I 64 3.21 -40.14 9.00
C MET I 64 2.85 -40.89 7.71
N SER I 65 3.35 -42.11 7.55
CA SER I 65 3.08 -42.90 6.35
C SER I 65 1.77 -43.68 6.41
N ARG I 66 1.11 -43.72 7.58
CA ARG I 66 -0.10 -44.49 7.75
C ARG I 66 -1.33 -43.66 8.14
N LEU I 67 -1.08 -42.53 8.79
CA LEU I 67 -2.12 -41.69 9.38
C LEU I 67 -2.60 -40.56 8.48
N SER I 68 -3.91 -40.42 8.42
CA SER I 68 -4.58 -39.36 7.67
C SER I 68 -5.76 -38.80 8.47
N ILE I 69 -5.96 -37.49 8.40
CA ILE I 69 -7.08 -36.84 9.06
C ILE I 69 -7.88 -35.99 8.07
N ASN I 70 -9.21 -36.00 8.20
CA ASN I 70 -10.09 -35.26 7.31
C ASN I 70 -11.22 -34.58 8.11
N ARG I 71 -12.11 -33.85 7.42
CA ARG I 71 -13.17 -33.11 8.09
C ARG I 71 -14.45 -32.99 7.26
N ASP I 72 -15.55 -32.70 7.94
CA ASP I 72 -16.84 -32.39 7.33
C ASP I 72 -17.48 -31.23 8.09
N ASN I 73 -17.55 -30.06 7.44
CA ASN I 73 -18.00 -28.84 8.09
C ASN I 73 -19.50 -28.63 7.96
N SER I 74 -20.17 -29.60 7.34
CA SER I 74 -21.62 -29.57 7.17
C SER I 74 -22.27 -30.39 8.27
N LYS I 75 -21.63 -31.50 8.63
CA LYS I 75 -22.15 -32.42 9.64
C LYS I 75 -21.43 -32.31 10.99
N SER I 76 -20.53 -31.35 11.11
CA SER I 76 -19.74 -31.16 12.33
C SER I 76 -18.98 -32.43 12.74
N GLN I 77 -18.19 -32.98 11.82
CA GLN I 77 -17.43 -34.20 12.11
C GLN I 77 -15.95 -34.12 11.72
N VAL I 78 -15.12 -34.83 12.48
CA VAL I 78 -13.69 -34.99 12.19
C VAL I 78 -13.34 -36.47 12.06
N PHE I 79 -12.57 -36.80 11.03
CA PHE I 79 -12.30 -38.21 10.73
C PHE I 79 -10.84 -38.63 10.90
N LEU I 80 -10.63 -39.64 11.75
CA LEU I 80 -9.30 -40.22 11.97
C LEU I 80 -9.14 -41.52 11.20
N LYS I 81 -8.12 -41.63 10.36
CA LYS I 81 -7.93 -42.87 9.62
C LYS I 81 -6.49 -43.40 9.65
N LEU I 82 -6.37 -44.71 9.80
CA LEU I 82 -5.11 -45.43 9.64
C LEU I 82 -5.25 -46.42 8.50
N ASN I 83 -4.38 -46.34 7.51
CA ASN I 83 -4.50 -47.17 6.31
C ASN I 83 -4.26 -48.67 6.56
N SER I 84 -3.38 -49.01 7.50
CA SER I 84 -3.07 -50.40 7.80
C SER I 84 -2.67 -50.57 9.25
N LEU I 85 -3.42 -51.40 9.97
CA LEU I 85 -3.22 -51.62 11.40
C LEU I 85 -2.26 -52.75 11.78
N GLN I 86 -1.60 -52.54 12.90
CA GLN I 86 -0.74 -53.50 13.58
C GLN I 86 -1.35 -53.85 14.93
N THR I 87 -0.92 -54.95 15.53
CA THR I 87 -1.48 -55.33 16.83
C THR I 87 -1.09 -54.34 17.93
N ASP I 88 0.00 -53.59 17.75
CA ASP I 88 0.41 -52.64 18.76
C ASP I 88 -0.33 -51.31 18.62
N ASP I 89 -1.33 -51.25 17.72
CA ASP I 89 -2.17 -50.08 17.57
C ASP I 89 -3.37 -50.19 18.49
N THR I 90 -3.41 -51.26 19.30
CA THR I 90 -4.48 -51.39 20.27
C THR I 90 -4.35 -50.25 21.26
N ALA I 91 -5.40 -49.46 21.39
CA ALA I 91 -5.38 -48.29 22.25
C ALA I 91 -6.75 -47.67 22.37
N ILE I 92 -6.94 -46.80 23.34
CA ILE I 92 -8.14 -45.99 23.36
C ILE I 92 -7.86 -44.72 22.59
N TYR I 93 -8.67 -44.45 21.58
CA TYR I 93 -8.47 -43.27 20.74
C TYR I 93 -9.37 -42.15 21.20
N TYR I 94 -8.78 -40.97 21.37
CA TYR I 94 -9.51 -39.81 21.84
C TYR I 94 -9.49 -38.66 20.84
N CYS I 95 -10.60 -37.93 20.77
CA CYS I 95 -10.80 -36.69 20.04
C CYS I 95 -10.76 -35.55 21.07
N ALA I 96 -9.91 -34.53 20.84
CA ALA I 96 -9.77 -33.39 21.76
C ALA I 96 -9.75 -32.07 21.01
N ARG I 97 -10.33 -31.05 21.63
CA ARG I 97 -10.35 -29.71 21.05
C ARG I 97 -9.21 -28.86 21.59
N ASP I 98 -8.57 -28.09 20.71
CA ASP I 98 -7.50 -27.21 21.15
C ASP I 98 -8.04 -25.88 21.67
N ARG I 99 -7.14 -24.97 22.04
CA ARG I 99 -7.58 -23.75 22.70
C ARG I 99 -7.49 -22.53 21.79
N GLY I 100 -8.63 -22.08 21.30
CA GLY I 100 -8.65 -20.90 20.44
C GLY I 100 -7.82 -21.02 19.17
N TYR I 101 -6.91 -20.06 18.99
CA TYR I 101 -6.07 -19.94 17.80
C TYR I 101 -4.85 -20.85 17.86
N GLY I 102 -5.10 -22.16 17.84
CA GLY I 102 -4.03 -23.16 17.81
C GLY I 102 -3.18 -23.27 19.07
N TYR I 103 -3.71 -22.83 20.22
CA TYR I 103 -2.93 -22.90 21.43
C TYR I 103 -3.11 -24.29 22.04
N GLY I 104 -2.14 -24.74 22.81
CA GLY I 104 -2.30 -26.02 23.44
C GLY I 104 -3.13 -25.93 24.70
N GLY I 105 -3.35 -27.10 25.29
CA GLY I 105 -4.16 -27.24 26.48
C GLY I 105 -5.50 -27.85 26.09
N PHE I 106 -5.59 -29.17 26.20
CA PHE I 106 -6.81 -29.85 25.79
C PHE I 106 -7.83 -29.80 26.90
N ALA I 107 -8.46 -28.64 27.03
CA ALA I 107 -9.49 -28.42 28.04
C ALA I 107 -10.68 -29.34 27.80
N TYR I 108 -10.98 -29.61 26.52
CA TYR I 108 -12.12 -30.45 26.19
C TYR I 108 -11.73 -31.72 25.45
N TRP I 109 -12.17 -32.85 26.01
CA TRP I 109 -11.92 -34.18 25.47
C TRP I 109 -13.25 -34.89 25.22
N GLY I 110 -13.22 -35.87 24.33
CA GLY I 110 -14.38 -36.73 24.10
C GLY I 110 -14.39 -37.86 25.13
N GLN I 111 -14.98 -38.99 24.76
CA GLN I 111 -15.15 -40.10 25.73
C GLN I 111 -14.07 -41.16 25.59
N GLY I 112 -13.57 -41.33 24.37
CA GLY I 112 -12.55 -42.34 24.10
C GLY I 112 -13.17 -43.63 23.54
N THR I 113 -12.63 -44.11 22.43
CA THR I 113 -13.13 -45.35 21.83
C THR I 113 -12.04 -46.40 21.77
N LEU I 114 -12.31 -47.59 22.29
CA LEU I 114 -11.28 -48.63 22.34
C LEU I 114 -11.22 -49.47 21.09
N VAL I 115 -10.05 -49.49 20.47
CA VAL I 115 -9.81 -50.26 19.26
C VAL I 115 -8.88 -51.41 19.55
N THR I 116 -9.33 -52.62 19.21
CA THR I 116 -8.55 -53.83 19.44
C THR I 116 -8.04 -54.38 18.11
N VAL I 117 -6.74 -54.73 18.04
CA VAL I 117 -6.13 -55.29 16.83
C VAL I 117 -5.25 -56.48 17.24
C1 NAG J . 25.34 -19.04 -19.74
C2 NAG J . 24.14 -19.94 -20.19
C3 NAG J . 23.96 -21.09 -19.16
C4 NAG J . 25.29 -21.89 -19.13
C5 NAG J . 26.43 -20.96 -18.68
C6 NAG J . 27.78 -21.67 -18.65
C7 NAG J . 22.44 -18.65 -21.41
C8 NAG J . 21.20 -17.80 -21.36
N2 NAG J . 22.93 -19.11 -20.26
O3 NAG J . 22.87 -21.93 -19.56
O4 NAG J . 25.20 -23.12 -18.37
O5 NAG J . 26.53 -19.85 -19.64
O6 NAG J . 28.75 -20.91 -17.94
O7 NAG J . 22.97 -18.93 -22.48
C1 NAG J . 24.90 -23.00 -16.91
C2 NAG J . 24.56 -24.41 -16.34
C3 NAG J . 24.18 -24.26 -14.85
C4 NAG J . 25.38 -23.61 -14.09
C5 NAG J . 25.67 -22.24 -14.73
C6 NAG J . 26.87 -21.57 -14.09
C7 NAG J . 23.53 -26.11 -17.79
C8 NAG J . 22.30 -26.59 -18.49
N2 NAG J . 23.44 -24.99 -17.07
O3 NAG J . 23.90 -25.54 -14.28
O4 NAG J . 25.04 -23.47 -12.72
O5 NAG J . 25.98 -22.40 -16.16
O6 NAG J . 26.55 -21.03 -12.82
O7 NAG J . 24.59 -26.73 -17.86
C1 NAG K . -10.60 9.16 -48.72
C2 NAG K . -10.06 7.96 -47.88
C3 NAG K . -9.43 6.92 -48.83
C4 NAG K . -10.52 6.45 -49.83
C5 NAG K . -11.04 7.68 -50.60
C6 NAG K . -12.14 7.31 -51.58
C7 NAG K . -9.35 8.84 -45.70
C8 NAG K . -8.25 9.36 -44.84
N2 NAG K . -9.05 8.48 -46.94
O3 NAG K . -8.93 5.81 -48.09
O4 NAG K . -9.94 5.48 -50.73
O5 NAG K . -11.58 8.68 -49.67
O6 NAG K . -12.68 8.46 -52.22
O7 NAG K . -10.51 8.75 -45.26
C1 NAG K . -10.81 4.29 -50.93
C2 NAG K . -10.33 3.43 -52.15
C3 NAG K . -11.37 2.30 -52.36
C4 NAG K . -11.46 1.43 -51.08
C5 NAG K . -11.87 2.36 -49.91
C6 NAG K . -11.91 1.60 -48.59
C7 NAG K . -9.10 4.68 -53.87
C8 NAG K . -9.16 5.55 -55.09
N2 NAG K . -10.26 4.28 -53.33
O3 NAG K . -10.96 1.51 -53.48
O4 NAG K . -12.49 0.45 -51.22
O5 NAG K . -10.91 3.46 -49.75
O6 NAG K . -12.59 2.34 -47.59
O7 NAG K . -8.02 4.34 -53.37
C1 BMA K . -12.00 -0.95 -51.50
C2 BMA K . -13.09 -1.97 -51.08
C3 BMA K . -12.56 -3.39 -51.32
C4 BMA K . -12.22 -3.54 -52.83
C5 BMA K . -11.16 -2.48 -53.20
C6 BMA K . -10.83 -2.50 -54.68
O2 BMA K . -14.31 -1.75 -51.81
O3 BMA K . -13.54 -4.36 -50.94
O4 BMA K . -11.72 -4.85 -53.07
O5 BMA K . -11.68 -1.13 -52.90
O6 BMA K . -10.05 -3.64 -55.03
C1 NAG L . 2.47 51.87 -11.54
C2 NAG L . 2.22 52.56 -10.14
C3 NAG L . 3.58 52.56 -9.42
C4 NAG L . 4.11 51.11 -9.26
C5 NAG L . 4.19 50.46 -10.66
C6 NAG L . 4.58 49.00 -10.55
C7 NAG L . 0.45 54.26 -10.21
C8 NAG L . 0.07 55.69 -10.46
N2 NAG L . 1.71 53.92 -10.35
O3 NAG L . 3.43 53.15 -8.12
O4 NAG L . 5.47 51.23 -8.81
O5 NAG L . 2.90 50.51 -11.36
O6 NAG L . 4.84 48.42 -11.82
O7 NAG L . -0.41 53.43 -9.86
C1 NAG L . 5.78 50.66 -7.48
C2 NAG L . 7.33 50.55 -7.33
C3 NAG L . 7.65 49.91 -5.96
C4 NAG L . 7.04 50.80 -4.85
C5 NAG L . 5.51 50.90 -5.06
C6 NAG L . 4.87 51.82 -4.04
C7 NAG L . 8.47 50.20 -9.47
C8 NAG L . 8.97 49.22 -10.50
N2 NAG L . 7.86 49.71 -8.40
O3 NAG L . 9.07 49.82 -5.78
O4 NAG L . 7.34 50.23 -3.58
O5 NAG L . 5.23 51.46 -6.39
O6 NAG L . 4.79 51.21 -2.76
O7 NAG L . 8.63 51.41 -9.62
C1 NAG M . 19.09 -17.16 17.32
C2 NAG M . 19.47 -17.24 18.84
C3 NAG M . 20.96 -17.57 18.94
C4 NAG M . 21.24 -18.91 18.24
C5 NAG M . 20.83 -18.75 16.76
C6 NAG M . 21.04 -20.02 15.96
C7 NAG M . 18.07 -15.67 20.07
C8 NAG M . 17.90 -14.31 20.66
N2 NAG M . 19.20 -15.95 19.46
O3 NAG M . 21.34 -17.66 20.32
O4 NAG M . 22.64 -19.21 18.33
O5 NAG M . 19.40 -18.40 16.67
O6 NAG M . 20.24 -21.10 16.44
O7 NAG M . 17.18 -16.52 20.15
C1 NAG M . 22.92 -20.66 18.59
C2 NAG M . 24.36 -21.04 18.14
C3 NAG M . 24.50 -22.58 18.27
C4 NAG M . 24.27 -22.97 19.75
C5 NAG M . 22.86 -22.49 20.17
C6 NAG M . 22.63 -22.76 21.65
C7 NAG M . 25.41 -19.58 16.46
C8 NAG M . 25.60 -19.24 15.02
N2 NAG M . 24.62 -20.61 16.77
O3 NAG M . 25.80 -22.97 17.85
O4 NAG M . 24.28 -24.41 19.88
O5 NAG M . 22.72 -21.04 19.98
O6 NAG M . 21.25 -22.73 21.99
O7 NAG M . 25.98 -18.93 17.35
C1 BMA M . 25.62 -25.05 20.03
C2 BMA M . 25.58 -26.06 21.20
C3 BMA M . 26.97 -26.66 21.38
C4 BMA M . 27.37 -27.35 20.08
C5 BMA M . 27.36 -26.31 18.94
C6 BMA M . 27.72 -26.96 17.62
O2 BMA M . 24.63 -27.09 20.92
O3 BMA M . 26.94 -27.62 22.46
O4 BMA M . 28.67 -27.92 20.21
O5 BMA M . 26.03 -25.71 18.82
O6 BMA M . 27.61 -26.05 16.53
C1 MAN M . 28.04 -27.41 23.45
C2 MAN M . 28.17 -28.62 24.42
C3 MAN M . 26.90 -28.66 25.30
C4 MAN M . 26.79 -27.32 26.07
C5 MAN M . 26.70 -26.16 25.04
C6 MAN M . 26.63 -24.81 25.73
O2 MAN M . 29.35 -28.48 25.21
O3 MAN M . 26.99 -29.75 26.22
O4 MAN M . 25.63 -27.34 26.90
O5 MAN M . 27.88 -26.17 24.19
O6 MAN M . 26.42 -23.77 24.79
C1 MAN M . 28.26 -26.59 15.31
C2 MAN M . 28.35 -25.51 14.19
C3 MAN M . 26.93 -25.21 13.70
C4 MAN M . 26.28 -26.51 13.19
C5 MAN M . 26.24 -27.54 14.36
C6 MAN M . 25.67 -28.86 13.90
O2 MAN M . 29.16 -25.99 13.12
O3 MAN M . 26.97 -24.23 12.66
O4 MAN M . 24.95 -26.22 12.74
O5 MAN M . 27.60 -27.79 14.83
O6 MAN M . 24.26 -28.81 13.75
C1 FUC M . 20.57 -22.37 15.74
C2 FUC M . 19.86 -23.58 16.41
C3 FUC M . 18.34 -23.42 16.21
C4 FUC M . 18.04 -23.37 14.69
C5 FUC M . 18.81 -22.17 14.09
C6 FUC M . 18.62 -22.07 12.59
O2 FUC M . 20.16 -23.61 17.79
O3 FUC M . 17.65 -24.54 16.80
O4 FUC M . 18.43 -24.60 14.06
O5 FUC M . 20.25 -22.31 14.33
C1 NAG N . 6.78 36.43 4.61
C2 NAG N . 8.17 36.13 3.96
C3 NAG N . 9.17 35.72 5.06
C4 NAG N . 9.27 36.91 6.07
C5 NAG N . 7.87 37.15 6.69
C6 NAG N . 7.88 38.32 7.66
C7 NAG N . 7.93 35.26 1.67
C8 NAG N . 7.73 34.09 0.76
N2 NAG N . 8.00 35.06 2.98
O3 NAG N . 10.46 35.46 4.48
O4 NAG N . 10.33 36.75 7.03
O5 NAG N . 6.93 37.48 5.61
O6 NAG N . 6.70 38.33 8.45
O7 NAG N . 8.00 36.41 1.21
C1 NAG N . 10.23 35.59 7.97
C2 NAG N . 11.59 35.43 8.74
C3 NAG N . 11.50 34.18 9.64
C4 NAG N . 10.32 34.36 10.62
C5 NAG N . 9.02 34.54 9.80
C6 NAG N . 7.82 34.79 10.69
C7 NAG N . 13.69 36.14 7.66
C8 NAG N . 14.74 35.85 6.64
N2 NAG N . 12.68 35.28 7.78
O3 NAG N . 12.71 34.02 10.37
O4 NAG N . 10.22 33.22 11.46
O5 NAG N . 9.14 35.71 8.91
O6 NAG N . 7.38 33.60 11.33
O7 NAG N . 13.75 37.14 8.38
C1 NAG O . 0.99 19.96 -46.59
C2 NAG O . 1.73 20.20 -45.23
C3 NAG O . 2.44 21.57 -45.28
C4 NAG O . 3.45 21.56 -46.45
C5 NAG O . 2.66 21.29 -47.77
C6 NAG O . 3.58 21.23 -48.97
C7 NAG O . 0.44 19.06 -43.48
C8 NAG O . -0.60 19.15 -42.42
N2 NAG O . 0.74 20.17 -44.16
O3 NAG O . 3.12 21.81 -44.05
O4 NAG O . 4.10 22.84 -46.51
O5 NAG O . 1.95 20.01 -47.67
O6 NAG O . 2.87 20.89 -50.15
O7 NAG O . 1.02 18.00 -43.71
C1 NAG O . 5.58 22.72 -46.70
C2 NAG O . 6.22 24.09 -47.10
C3 NAG O . 7.72 23.84 -47.42
C4 NAG O . 8.41 23.25 -46.16
C5 NAG O . 7.68 21.93 -45.79
C6 NAG O . 8.26 21.32 -44.52
C7 NAG O . 4.70 25.65 -48.23
C8 NAG O . 4.06 26.10 -49.51
N2 NAG O . 5.53 24.62 -48.29
O3 NAG O . 8.32 25.09 -47.80
O4 NAG O . 9.77 22.91 -46.47
O5 NAG O . 6.25 22.17 -45.55
O6 NAG O . 7.83 19.98 -44.36
O7 NAG O . 4.45 26.23 -47.16
C1 BMA O . 10.80 23.87 -45.95
C2 BMA O . 12.17 23.15 -45.83
C3 BMA O . 13.19 24.14 -45.25
C4 BMA O . 13.30 25.36 -46.19
C5 BMA O . 11.90 26.01 -46.29
C6 BMA O . 11.90 27.18 -47.25
O2 BMA O . 12.60 22.67 -47.10
O3 BMA O . 14.48 23.49 -45.12
O4 BMA O . 14.25 26.27 -45.65
O5 BMA O . 10.94 25.04 -46.79
O6 BMA O . 12.58 28.32 -46.71
C1 NAG P . -45.93 -7.33 -25.82
C2 NAG P . -46.54 -8.59 -25.10
C3 NAG P . -47.23 -8.06 -23.83
C4 NAG P . -46.21 -7.33 -22.92
C5 NAG P . -45.56 -6.20 -23.74
C6 NAG P . -44.46 -5.52 -22.93
C7 NAG P . -47.21 -10.35 -26.68
C8 NAG P . -48.29 -10.90 -27.58
N2 NAG P . -47.49 -9.24 -26.01
O3 NAG P . -47.80 -9.17 -23.11
O4 NAG P . -46.98 -6.67 -21.90
O5 NAG P . -44.95 -6.69 -24.98
O6 NAG P . -43.97 -4.36 -23.59
O7 NAG P . -46.12 -10.91 -26.58
C1 NAG P . -46.74 -7.11 -20.50
C2 NAG P . -47.37 -6.06 -19.54
C3 NAG P . -47.08 -6.48 -18.08
C4 NAG P . -47.68 -7.89 -17.85
C5 NAG P . -47.04 -8.88 -18.86
C6 NAG P . -47.64 -10.27 -18.72
C7 NAG P . -47.41 -3.79 -20.49
C8 NAG P . -46.69 -2.49 -20.68
N2 NAG P . -46.79 -4.75 -19.80
O3 NAG P . -47.67 -5.54 -17.17
O4 NAG P . -47.42 -8.29 -16.51
O5 NAG P . -47.29 -8.42 -20.23
O6 NAG P . -47.17 -10.93 -17.55
O7 NAG P . -48.55 -3.97 -20.94
C1 NAG Q . 4.83 8.23 29.46
C2 NAG Q . 4.60 7.58 30.87
C3 NAG Q . 4.19 8.68 31.84
C4 NAG Q . 5.31 9.74 31.92
C5 NAG Q . 5.49 10.31 30.49
C6 NAG Q . 6.58 11.36 30.42
C7 NAG Q . 3.76 5.31 30.53
C8 NAG Q . 2.58 4.39 30.43
N2 NAG Q . 3.53 6.59 30.75
O3 NAG Q . 3.99 8.11 33.15
O4 NAG Q . 4.91 10.77 32.82
O5 NAG Q . 5.84 9.25 29.56
O6 NAG Q . 7.86 10.84 30.77
O7 NAG Q . 4.91 4.89 30.42
C1 NAG Q . 6.04 11.27 33.68
C2 NAG Q . 5.75 12.71 34.22
C3 NAG Q . 7.03 13.20 34.94
C4 NAG Q . 7.37 12.24 36.09
C5 NAG Q . 7.55 10.81 35.52
C6 NAG Q . 7.78 9.82 36.64
C7 NAG Q . 4.13 14.05 32.96
C8 NAG Q . 3.85 14.98 31.81
N2 NAG Q . 5.36 13.62 33.14
O3 NAG Q . 6.81 14.53 35.44
O4 NAG Q . 8.62 12.61 36.69
O5 NAG Q . 6.36 10.38 34.78
O6 NAG Q . 8.35 8.60 36.17
O7 NAG Q . 3.21 13.69 33.72
C1 BMA Q . 8.55 13.68 37.74
C2 BMA Q . 9.36 13.24 38.98
C3 BMA Q . 9.22 14.31 40.07
C4 BMA Q . 9.77 15.63 39.50
C5 BMA Q . 8.94 16.01 38.25
C6 BMA Q . 9.47 17.30 37.64
O2 BMA Q . 10.73 13.06 38.63
O3 BMA Q . 10.00 13.92 41.23
O4 BMA Q . 9.65 16.66 40.49
O5 BMA Q . 9.03 14.95 37.25
O6 BMA Q . 8.80 17.61 36.42
C1 MAN Q . 9.22 14.02 42.49
C2 MAN Q . 10.14 13.89 43.74
C3 MAN Q . 10.68 12.44 43.77
C4 MAN Q . 9.49 11.46 43.85
C5 MAN Q . 8.61 11.67 42.60
C6 MAN Q . 7.38 10.77 42.62
O2 MAN Q . 9.42 14.19 44.92
O3 MAN Q . 11.54 12.28 44.92
O4 MAN Q . 9.98 10.12 43.89
O5 MAN Q . 8.13 13.06 42.55
O6 MAN Q . 6.63 10.88 41.41
C1 MAN Q . 9.09 19.00 36.00
C2 MAN Q . 8.19 19.43 34.82
C3 MAN Q . 8.62 18.61 33.57
C4 MAN Q . 10.12 18.88 33.29
C5 MAN Q . 10.94 18.46 34.54
C6 MAN Q . 12.42 18.74 34.36
O2 MAN Q . 8.34 20.83 34.57
O3 MAN Q . 7.83 18.99 32.45
O4 MAN Q . 10.51 18.13 32.14
O5 MAN Q . 10.49 19.21 35.70
O6 MAN Q . 13.03 17.80 33.47
C1 FUC Q . 8.89 11.91 30.83
C2 FUC Q . 10.22 11.37 31.40
C3 FUC Q . 10.80 10.36 30.39
C4 FUC Q . 11.02 11.08 29.04
C5 FUC Q . 9.66 11.62 28.56
C6 FUC Q . 9.79 12.39 27.26
O2 FUC Q . 10.00 10.73 32.65
O3 FUC Q . 12.05 9.84 30.88
O4 FUC Q . 11.98 12.12 29.19
O5 FUC Q . 9.09 12.53 29.55
C1 NAG R . -35.68 -9.47 -5.61
C2 NAG R . -36.00 -7.97 -5.29
C3 NAG R . -36.20 -7.82 -3.76
C4 NAG R . -37.38 -8.74 -3.35
C5 NAG R . -37.00 -10.22 -3.68
C6 NAG R . -38.12 -11.18 -3.33
C7 NAG R . -34.93 -6.45 -6.90
C8 NAG R . -33.72 -5.65 -7.28
N2 NAG R . -34.89 -7.15 -5.76
O3 NAG R . -36.51 -6.45 -3.46
O4 NAG R . -37.81 -8.55 -1.99
O5 NAG R . -36.76 -10.31 -5.13
O6 NAG R . -37.66 -12.52 -3.33
O7 NAG R . -35.94 -6.47 -7.61
C1 NAG R . -36.82 -8.83 -0.90
C2 NAG R . -37.38 -8.30 0.45
C3 NAG R . -36.31 -8.53 1.55
C4 NAG R . -36.01 -10.04 1.62
C5 NAG R . -35.50 -10.52 0.24
C6 NAG R . -35.23 -12.02 0.23
C7 NAG R . -38.87 -6.34 0.48
C8 NAG R . -39.02 -4.86 0.33
N2 NAG R . -37.66 -6.87 0.34
O3 NAG R . -36.80 -8.07 2.81
O4 NAG R . -35.02 -10.27 2.62
O5 NAG R . -36.51 -10.23 -0.78
O6 NAG R . -34.03 -12.34 0.90
O7 NAG R . -39.85 -7.06 0.72
C1 NAG S . -14.08 23.53 -42.64
C2 NAG S . -14.76 23.13 -41.28
C3 NAG S . -16.29 23.24 -41.43
C4 NAG S . -16.64 24.70 -41.81
C5 NAG S . -15.92 25.03 -43.14
C6 NAG S . -16.19 26.47 -43.57
C7 NAG S . -13.31 21.48 -40.19
C8 NAG S . -12.99 20.04 -39.95
N2 NAG S . -14.36 21.76 -40.96
O3 NAG S . -16.92 22.89 -40.20
O4 NAG S . -18.07 24.81 -41.96
O5 NAG S . -14.48 24.88 -42.99
O6 NAG S . -15.46 26.81 -44.74
O7 NAG S . -12.61 22.37 -39.70
C1 NAG S . -18.62 26.03 -41.29
C2 NAG S . -20.09 26.30 -41.74
C3 NAG S . -20.54 27.63 -41.11
C4 NAG S . -20.45 27.54 -39.57
C5 NAG S . -18.98 27.20 -39.21
C6 NAG S . -18.82 27.01 -37.70
C7 NAG S . -20.68 25.42 -43.96
C8 NAG S . -20.68 25.62 -45.45
N2 NAG S . -20.15 26.37 -43.20
O3 NAG S . -21.89 27.91 -41.53
O4 NAG S . -20.75 28.80 -38.97
O5 NAG S . -18.56 25.95 -39.85
O6 NAG S . -17.44 27.03 -37.33
O7 NAG S . -21.17 24.40 -43.46
C1 BMA S . -22.12 28.92 -38.37
C2 BMA S . -22.13 30.06 -37.30
C3 BMA S . -23.53 30.11 -36.66
C4 BMA S . -24.57 30.39 -37.76
C5 BMA S . -24.50 29.25 -38.80
C6 BMA S . -25.45 29.49 -39.97
O2 BMA S . -21.79 31.31 -37.90
O3 BMA S . -23.56 31.15 -35.66
O4 BMA S . -25.87 30.44 -37.17
O5 BMA S . -23.14 29.17 -39.37
O6 BMA S . -26.80 29.27 -39.59
C1 NAG T . 29.92 -14.43 -41.57
C2 NAG T . 31.25 -14.91 -40.88
C3 NAG T . 31.00 -16.37 -40.44
C4 NAG T . 29.80 -16.44 -39.45
C5 NAG T . 28.56 -15.82 -40.14
C6 NAG T . 27.39 -15.74 -39.17
C7 NAG T . 33.25 -13.86 -41.85
C8 NAG T . 34.31 -13.89 -42.91
N2 NAG T . 32.34 -14.82 -41.85
O3 NAG T . 32.17 -16.88 -39.79
O4 NAG T . 29.49 -17.82 -39.30
O5 NAG T . 28.82 -14.45 -40.61
O6 NAG T . 26.20 -15.34 -39.83
O7 NAG T . 33.23 -12.97 -40.99
C1 NAG T . 29.64 -18.39 -37.93
C2 NAG T . 28.92 -19.78 -37.88
C3 NAG T . 29.04 -20.35 -36.44
C4 NAG T . 30.54 -20.48 -36.09
C5 NAG T . 31.20 -19.08 -36.19
C6 NAG T . 32.69 -19.15 -35.91
C7 NAG T . 27.01 -19.92 -39.43
C8 NAG T . 25.55 -19.70 -39.66
N2 NAG T . 27.52 -19.61 -38.23
O3 NAG T . 28.40 -21.63 -36.38
O4 NAG T . 30.66 -21.00 -34.77
O5 NAG T . 31.03 -18.54 -37.54
O6 NAG T . 32.96 -19.35 -34.53
O7 NAG T . 27.74 -20.40 -40.31
C1 NAG U . -12.02 -17.53 22.52
C2 NAG U . -11.46 -18.36 23.72
C3 NAG U . -12.33 -19.62 23.89
C4 NAG U . -13.78 -19.19 24.15
C5 NAG U . -14.26 -18.36 22.93
C6 NAG U . -15.68 -17.86 23.09
C7 NAG U . -9.04 -18.04 23.82
C8 NAG U . -7.67 -18.54 23.44
N2 NAG U . -10.09 -18.75 23.42
O3 NAG U . -11.85 -20.39 24.98
O4 NAG U . -14.60 -20.37 24.28
O5 NAG U . -13.40 -17.18 22.78
O6 NAG U . -15.83 -16.99 24.21
O7 NAG U . -9.19 -17.02 24.48
C1 NAG U . -15.62 -20.25 25.37
C2 NAG U . -16.81 -21.24 25.13
C3 NAG U . -17.90 -20.93 26.19
C4 NAG U . -17.30 -21.11 27.60
C5 NAG U . -16.07 -20.17 27.75
C6 NAG U . -15.39 -20.40 29.08
C7 NAG U . -17.13 -22.04 22.83
C8 NAG U . -17.73 -21.81 21.48
N2 NAG U . -17.34 -21.13 23.77
O3 NAG U . -19.00 -21.82 25.99
O4 NAG U . -18.27 -20.71 28.60
O5 NAG U . -15.09 -20.43 26.70
O6 NAG U . -14.55 -19.32 29.44
O7 NAG U . -16.46 -23.05 23.07
C1 BMA U . -19.26 -21.76 28.99
C2 BMA U . -19.35 -21.80 30.55
C3 BMA U . -20.33 -22.92 30.94
C4 BMA U . -21.70 -22.59 30.32
C5 BMA U . -21.55 -22.51 28.79
C6 BMA U . -22.86 -22.17 28.14
O2 BMA U . -19.80 -20.54 31.04
O3 BMA U . -20.44 -22.96 32.37
O4 BMA U . -22.63 -23.61 30.66
O5 BMA U . -20.56 -21.49 28.43
O6 BMA U . -22.73 -21.97 26.74
C1 MAN U . -20.28 -24.34 32.91
C2 MAN U . -20.70 -24.42 34.41
C3 MAN U . -19.67 -23.60 35.24
C4 MAN U . -18.26 -24.19 35.01
C5 MAN U . -17.93 -24.12 33.50
C6 MAN U . -16.57 -24.72 33.19
O2 MAN U . -20.73 -25.77 34.85
O3 MAN U . -20.01 -23.65 36.62
O4 MAN U . -17.31 -23.45 35.76
O5 MAN U . -18.93 -24.86 32.73
O6 MAN U . -16.22 -24.54 31.83
C1 MAN U . -24.06 -21.95 26.07
C2 MAN U . -23.92 -21.98 24.52
C3 MAN U . -23.30 -20.64 24.08
C4 MAN U . -24.20 -19.48 24.55
C5 MAN U . -24.30 -19.53 26.08
C6 MAN U . -25.23 -18.45 26.62
O2 MAN U . -25.20 -22.16 23.92
O3 MAN U . -23.16 -20.63 22.65
O4 MAN U . -23.62 -18.25 24.12
O5 MAN U . -24.87 -20.83 26.50
O6 MAN U . -24.61 -17.18 26.59
C1 FUC U . -17.26 -16.63 24.42
C2 FUC U . -17.44 -15.86 25.77
C3 FUC U . -16.75 -14.50 25.63
C4 FUC U . -17.36 -13.73 24.45
C5 FUC U . -17.17 -14.57 23.17
C6 FUC U . -17.80 -13.90 21.96
O2 FUC U . -16.89 -16.61 26.84
O3 FUC U . -16.91 -13.76 26.85
O4 FUC U . -18.74 -13.47 24.70
O5 FUC U . -17.80 -15.88 23.31
#